data_4MO4
#
_entry.id   4MO4
#
_cell.length_a   59.657
_cell.length_b   70.823
_cell.length_c   91.211
_cell.angle_alpha   106.50
_cell.angle_beta   104.93
_cell.angle_gamma   98.26
#
_symmetry.space_group_name_H-M   'P 1'
#
loop_
_entity.id
_entity.type
_entity.pdbx_description
1 polymer 'Anhydro-N-acetylmuramic acid kinase'
2 non-polymer 'PHOSPHOMETHYLPHOSPHONIC ACID ADENYLATE ESTER'
3 water water
#
_entity_poly.entity_id   1
_entity_poly.type   'polypeptide(L)'
_entity_poly.pdbx_seq_one_letter_code
;MPRYLGLMSGTSLDGMDIVLIEQGDRTTLLASHYLPMPAGLREDILALCVPGPDEIARAAEVEQRWVALAAQGVRELLLQ
QQMSPDEVRAIGSHGQTIRHEPARHFTVQIGNPALLAELTGIDVVADFRRRDVAAGGQGAPLVPAFHQALFGDDDTSRAV
LNIGGFSNVSLLSPGKPVRGFDCGPGNVLMDAWIHHQRGEHFDRDGAWAASGQVNHALLASLLADEFFAARGPKSTGRER
FNLPWLQEHLARHPALPAADIQATLLELSARSISESLLDAQPDCEEVLVCGGGAFNTALMKRLAMLMPEARVASTDEYGI
PPAWMEGMAFAWLAHRFLERLPGNCPDVTGALGPRTLGALYPAGSHHHHHH
;
_entity_poly.pdbx_strand_id   A,B,C,D
#
loop_
_chem_comp.id
_chem_comp.type
_chem_comp.name
_chem_comp.formula
ACP non-polymer 'PHOSPHOMETHYLPHOSPHONIC ACID ADENYLATE ESTER' 'C11 H18 N5 O12 P3'
#
# COMPACT_ATOMS: atom_id res chain seq x y z
N PRO A 2 16.52 -32.06 -13.97
CA PRO A 2 16.71 -32.52 -12.59
C PRO A 2 15.55 -33.40 -12.13
N ARG A 3 15.72 -34.01 -10.97
CA ARG A 3 14.69 -34.86 -10.42
C ARG A 3 13.95 -34.18 -9.28
N TYR A 4 12.64 -34.38 -9.24
CA TYR A 4 11.81 -33.75 -8.21
C TYR A 4 10.81 -34.74 -7.64
N LEU A 5 10.53 -34.60 -6.36
CA LEU A 5 9.42 -35.33 -5.78
C LEU A 5 8.22 -34.40 -5.72
N GLY A 6 7.04 -34.98 -5.89
CA GLY A 6 5.79 -34.27 -5.74
C GLY A 6 4.96 -35.01 -4.72
N LEU A 7 4.35 -34.24 -3.83
CA LEU A 7 3.61 -34.80 -2.72
C LEU A 7 2.23 -34.16 -2.67
N MET A 8 1.20 -34.96 -2.87
CA MET A 8 -0.18 -34.48 -2.89
C MET A 8 -1.05 -35.27 -1.92
N SER A 9 -1.92 -34.56 -1.23
CA SER A 9 -2.94 -35.21 -0.40
C SER A 9 -4.19 -34.40 -0.54
N GLY A 10 -5.15 -34.93 -1.30
CA GLY A 10 -6.38 -34.22 -1.59
C GLY A 10 -7.37 -34.25 -0.45
N THR A 11 -8.56 -33.71 -0.68
CA THR A 11 -9.56 -33.57 0.37
C THR A 11 -10.31 -34.87 0.72
N SER A 12 -10.05 -35.95 -0.02
CA SER A 12 -10.67 -37.23 0.31
C SER A 12 -9.99 -37.92 1.50
N LEU A 13 -8.71 -37.59 1.70
CA LEU A 13 -7.97 -38.04 2.89
C LEU A 13 -7.76 -39.55 2.95
N ASP A 14 -7.79 -40.21 1.81
CA ASP A 14 -7.54 -41.65 1.81
C ASP A 14 -6.04 -41.91 1.93
N GLY A 15 -5.23 -41.10 1.27
CA GLY A 15 -3.79 -41.27 1.36
C GLY A 15 -3.01 -40.22 0.58
N MET A 16 -1.70 -40.37 0.58
CA MET A 16 -0.81 -39.42 -0.08
C MET A 16 -0.24 -40.00 -1.36
N ASP A 17 -0.25 -39.21 -2.44
CA ASP A 17 0.43 -39.61 -3.68
C ASP A 17 1.82 -39.04 -3.64
N ILE A 18 2.82 -39.87 -3.85
CA ILE A 18 4.17 -39.35 -3.93
C ILE A 18 4.74 -39.79 -5.26
N VAL A 19 5.23 -38.84 -6.03
CA VAL A 19 5.78 -39.14 -7.33
C VAL A 19 7.20 -38.64 -7.46
N LEU A 20 7.96 -39.29 -8.33
CA LEU A 20 9.31 -38.84 -8.65
C LEU A 20 9.36 -38.58 -10.15
N ILE A 21 9.70 -37.35 -10.53
CA ILE A 21 9.80 -37.04 -11.96
C ILE A 21 11.22 -36.70 -12.36
N GLU A 22 11.49 -36.88 -13.64
CA GLU A 22 12.66 -36.33 -14.30
C GLU A 22 12.16 -35.16 -15.11
N GLN A 23 12.77 -34.00 -14.95
CA GLN A 23 12.35 -32.81 -15.64
C GLN A 23 13.50 -32.24 -16.44
N GLY A 24 13.29 -32.06 -17.73
CA GLY A 24 14.24 -31.37 -18.59
C GLY A 24 13.45 -30.62 -19.64
N ASP A 25 13.63 -31.01 -20.90
CA ASP A 25 12.80 -30.50 -21.99
C ASP A 25 11.40 -31.10 -21.85
N ARG A 26 11.33 -32.25 -21.20
CA ARG A 26 10.06 -32.94 -20.97
C ARG A 26 9.89 -33.31 -19.49
N THR A 27 8.67 -33.68 -19.13
CA THR A 27 8.35 -34.18 -17.80
C THR A 27 8.11 -35.67 -17.94
N THR A 28 8.82 -36.46 -17.14
CA THR A 28 8.72 -37.93 -17.18
C THR A 28 8.51 -38.48 -15.79
N LEU A 29 7.60 -39.43 -15.65
CA LEU A 29 7.40 -40.08 -14.34
C LEU A 29 8.41 -41.22 -14.16
N LEU A 30 9.23 -41.15 -13.11
CA LEU A 30 10.21 -42.21 -12.85
C LEU A 30 9.65 -43.26 -11.90
N ALA A 31 8.86 -42.81 -10.94
CA ALA A 31 8.33 -43.71 -9.93
C ALA A 31 7.16 -43.04 -9.24
N SER A 32 6.32 -43.86 -8.62
CA SER A 32 5.19 -43.35 -7.87
C SER A 32 4.91 -44.26 -6.69
N HIS A 33 4.28 -43.70 -5.67
CA HIS A 33 4.01 -44.42 -4.45
C HIS A 33 2.79 -43.84 -3.79
N TYR A 34 1.97 -44.71 -3.22
CA TYR A 34 0.79 -44.30 -2.49
C TYR A 34 0.89 -44.78 -1.06
N LEU A 35 0.55 -43.89 -0.14
CA LEU A 35 0.61 -44.13 1.29
C LEU A 35 -0.70 -43.80 1.92
N PRO A 36 -1.40 -44.83 2.44
CA PRO A 36 -2.69 -44.60 3.09
C PRO A 36 -2.52 -43.76 4.34
N MET A 37 -3.53 -42.94 4.61
CA MET A 37 -3.56 -42.12 5.81
C MET A 37 -4.33 -42.89 6.87
N PRO A 38 -3.74 -43.00 8.08
CA PRO A 38 -4.38 -43.66 9.23
C PRO A 38 -5.71 -43.00 9.59
N ALA A 39 -6.68 -43.78 10.05
CA ALA A 39 -7.99 -43.24 10.40
C ALA A 39 -7.91 -42.07 11.38
N GLY A 40 -7.02 -42.18 12.36
CA GLY A 40 -6.87 -41.13 13.36
C GLY A 40 -6.44 -39.80 12.79
N LEU A 41 -5.51 -39.83 11.83
CA LEU A 41 -5.04 -38.61 11.20
C LEU A 41 -6.15 -38.00 10.35
N ARG A 42 -6.88 -38.83 9.64
CA ARG A 42 -7.99 -38.38 8.82
C ARG A 42 -9.03 -37.61 9.63
N GLU A 43 -9.43 -38.14 10.79
CA GLU A 43 -10.45 -37.46 11.59
C GLU A 43 -9.99 -36.11 12.09
N ASP A 44 -8.76 -36.06 12.58
CA ASP A 44 -8.25 -34.83 13.18
C ASP A 44 -8.13 -33.73 12.14
N ILE A 45 -7.81 -34.11 10.90
CA ILE A 45 -7.78 -33.15 9.79
C ILE A 45 -9.19 -32.68 9.44
N LEU A 46 -10.12 -33.63 9.30
CA LEU A 46 -11.52 -33.30 9.01
C LEU A 46 -12.05 -32.35 10.07
N ALA A 47 -11.70 -32.61 11.32
CA ALA A 47 -12.13 -31.75 12.42
C ALA A 47 -11.56 -30.34 12.32
N LEU A 48 -10.51 -30.18 11.52
CA LEU A 48 -9.92 -28.86 11.29
C LEU A 48 -10.45 -28.20 10.02
N CYS A 49 -11.30 -28.90 9.27
CA CYS A 49 -11.77 -28.37 8.00
C CYS A 49 -12.98 -27.47 8.18
N VAL A 50 -13.49 -27.44 9.40
CA VAL A 50 -14.55 -26.54 9.80
C VAL A 50 -14.12 -25.85 11.08
N PRO A 51 -14.62 -24.62 11.32
CA PRO A 51 -14.24 -23.84 12.50
C PRO A 51 -14.49 -24.54 13.83
N GLY A 52 -13.52 -24.46 14.74
CA GLY A 52 -13.61 -25.09 16.04
C GLY A 52 -12.66 -24.40 17.00
N PRO A 53 -12.59 -24.91 18.23
CA PRO A 53 -11.75 -24.30 19.27
C PRO A 53 -10.29 -24.74 19.15
N ASP A 54 -9.37 -23.94 19.65
CA ASP A 54 -7.98 -24.35 19.83
C ASP A 54 -7.31 -24.77 18.53
N GLU A 55 -7.66 -24.12 17.42
CA GLU A 55 -7.19 -24.53 16.11
C GLU A 55 -5.68 -24.38 15.89
N ILE A 56 -5.11 -23.28 16.39
CA ILE A 56 -3.69 -23.02 16.23
C ILE A 56 -2.84 -24.17 16.76
N ALA A 57 -3.08 -24.54 18.01
CA ALA A 57 -2.36 -25.65 18.63
C ALA A 57 -2.70 -26.99 18.02
N ARG A 58 -4.00 -27.22 17.76
CA ARG A 58 -4.44 -28.46 17.16
C ARG A 58 -3.83 -28.67 15.77
N ALA A 59 -3.85 -27.62 14.95
CA ALA A 59 -3.29 -27.72 13.60
C ALA A 59 -1.78 -27.92 13.65
N ALA A 60 -1.13 -27.27 14.61
CA ALA A 60 0.31 -27.38 14.75
C ALA A 60 0.72 -28.81 15.11
N GLU A 61 -0.04 -29.45 15.97
CA GLU A 61 0.24 -30.83 16.34
C GLU A 61 -0.19 -31.82 15.26
N VAL A 62 -1.32 -31.57 14.61
CA VAL A 62 -1.78 -32.44 13.53
C VAL A 62 -0.78 -32.42 12.36
N GLU A 63 -0.24 -31.25 12.04
CA GLU A 63 0.65 -31.14 10.88
C GLU A 63 1.96 -31.88 11.13
N GLN A 64 2.36 -32.00 12.39
CA GLN A 64 3.56 -32.77 12.72
C GLN A 64 3.40 -34.25 12.35
N ARG A 65 2.21 -34.78 12.59
CA ARG A 65 1.91 -36.17 12.22
C ARG A 65 1.84 -36.30 10.70
N TRP A 66 1.20 -35.33 10.06
CA TRP A 66 1.11 -35.31 8.61
C TRP A 66 2.48 -35.30 7.97
N VAL A 67 3.36 -34.45 8.48
CA VAL A 67 4.70 -34.36 7.92
C VAL A 67 5.51 -35.64 8.12
N ALA A 68 5.38 -36.26 9.28
CA ALA A 68 6.07 -37.51 9.56
C ALA A 68 5.65 -38.59 8.56
N LEU A 69 4.35 -38.64 8.27
CA LEU A 69 3.85 -39.60 7.30
C LEU A 69 4.39 -39.28 5.91
N ALA A 70 4.37 -38.01 5.53
CA ALA A 70 4.91 -37.58 4.24
C ALA A 70 6.38 -37.94 4.11
N ALA A 71 7.17 -37.67 5.16
CA ALA A 71 8.59 -38.01 5.14
C ALA A 71 8.80 -39.51 5.03
N GLN A 72 7.94 -40.28 5.67
CA GLN A 72 8.00 -41.74 5.58
C GLN A 72 7.79 -42.19 4.15
N GLY A 73 6.81 -41.59 3.48
CA GLY A 73 6.49 -41.89 2.10
C GLY A 73 7.58 -41.52 1.13
N VAL A 74 8.18 -40.35 1.34
CA VAL A 74 9.32 -39.97 0.52
C VAL A 74 10.46 -40.95 0.68
N ARG A 75 10.82 -41.28 1.93
CA ARG A 75 11.87 -42.24 2.22
C ARG A 75 11.58 -43.58 1.56
N GLU A 76 10.31 -44.00 1.66
CA GLU A 76 9.90 -45.27 1.08
C GLU A 76 10.03 -45.30 -0.45
N LEU A 77 9.61 -44.25 -1.13
CA LEU A 77 9.75 -44.21 -2.59
C LEU A 77 11.23 -44.25 -2.97
N LEU A 78 12.06 -43.49 -2.26
CA LEU A 78 13.47 -43.46 -2.59
C LEU A 78 14.14 -44.80 -2.37
N LEU A 79 13.77 -45.48 -1.28
CA LEU A 79 14.22 -46.84 -1.02
C LEU A 79 13.89 -47.79 -2.14
N GLN A 80 12.65 -47.67 -2.62
CA GLN A 80 12.17 -48.54 -3.67
C GLN A 80 13.02 -48.37 -4.93
N GLN A 81 13.45 -47.14 -5.18
CA GLN A 81 14.23 -46.81 -6.37
C GLN A 81 15.73 -46.90 -6.12
N GLN A 82 16.10 -47.30 -4.91
CA GLN A 82 17.50 -47.33 -4.51
C GLN A 82 18.16 -46.01 -4.87
N MET A 83 17.52 -44.91 -4.52
CA MET A 83 18.04 -43.60 -4.88
C MET A 83 18.33 -42.80 -3.62
N SER A 84 19.44 -42.07 -3.64
CA SER A 84 19.81 -41.26 -2.50
C SER A 84 19.01 -39.97 -2.59
N PRO A 85 18.62 -39.40 -1.45
CA PRO A 85 17.89 -38.14 -1.46
C PRO A 85 18.70 -37.03 -2.14
N ASP A 86 20.02 -37.17 -2.11
CA ASP A 86 20.89 -36.17 -2.74
C ASP A 86 20.68 -36.11 -4.26
N GLU A 87 19.98 -37.09 -4.82
CA GLU A 87 19.77 -37.13 -6.26
C GLU A 87 18.52 -36.34 -6.66
N VAL A 88 17.79 -35.88 -5.64
CA VAL A 88 16.54 -35.13 -5.84
C VAL A 88 16.76 -33.65 -5.59
N ARG A 89 16.37 -32.81 -6.53
CA ARG A 89 16.57 -31.37 -6.34
C ARG A 89 15.66 -30.79 -5.28
N ALA A 90 14.38 -31.16 -5.30
CA ALA A 90 13.42 -30.64 -4.35
C ALA A 90 12.18 -31.48 -4.32
N ILE A 91 11.45 -31.36 -3.22
CA ILE A 91 10.09 -31.87 -3.08
C ILE A 91 9.15 -30.69 -3.26
N GLY A 92 8.13 -30.86 -4.10
CA GLY A 92 7.04 -29.90 -4.19
C GLY A 92 5.90 -30.48 -3.38
N SER A 93 5.59 -29.86 -2.25
CA SER A 93 4.58 -30.39 -1.32
C SER A 93 3.39 -29.48 -1.31
N HIS A 94 2.21 -30.01 -1.61
CA HIS A 94 1.00 -29.21 -1.49
C HIS A 94 0.64 -28.92 -0.04
N GLY A 95 0.97 -29.84 0.85
CA GLY A 95 0.46 -29.79 2.20
C GLY A 95 -0.96 -30.29 2.24
N GLN A 96 -1.70 -29.93 3.30
CA GLN A 96 -3.07 -30.39 3.47
C GLN A 96 -3.99 -29.19 3.67
N THR A 97 -4.97 -29.01 2.80
CA THR A 97 -5.88 -27.88 2.93
C THR A 97 -6.84 -28.13 4.09
N ILE A 98 -6.87 -27.21 5.06
CA ILE A 98 -7.85 -27.29 6.13
C ILE A 98 -8.85 -26.13 6.08
N ARG A 99 -8.55 -25.14 5.25
CA ARG A 99 -9.50 -24.06 5.02
C ARG A 99 -9.13 -23.33 3.75
N HIS A 100 -10.12 -23.11 2.89
CA HIS A 100 -9.89 -22.44 1.63
C HIS A 100 -11.02 -21.48 1.38
N GLU A 101 -10.75 -20.20 1.62
CA GLU A 101 -11.77 -19.17 1.56
C GLU A 101 -11.26 -17.91 0.86
N PRO A 102 -11.00 -18.01 -0.46
CA PRO A 102 -10.45 -16.87 -1.21
C PRO A 102 -11.31 -15.61 -1.18
N ALA A 103 -12.62 -15.75 -0.96
CA ALA A 103 -13.48 -14.60 -0.78
C ALA A 103 -13.09 -13.76 0.43
N ARG A 104 -12.53 -14.41 1.45
CA ARG A 104 -11.99 -13.70 2.60
C ARG A 104 -10.47 -13.61 2.46
N HIS A 105 -9.99 -13.86 1.24
CA HIS A 105 -8.59 -13.70 0.88
C HIS A 105 -7.63 -14.58 1.67
N PHE A 106 -8.04 -15.80 1.96
CA PHE A 106 -7.13 -16.72 2.61
C PHE A 106 -7.30 -18.18 2.21
N THR A 107 -6.19 -18.90 2.25
CA THR A 107 -6.18 -20.32 2.02
C THR A 107 -5.13 -20.91 2.95
N VAL A 108 -5.45 -22.02 3.59
CA VAL A 108 -4.57 -22.54 4.62
C VAL A 108 -4.24 -24.00 4.34
N GLN A 109 -2.97 -24.24 4.01
CA GLN A 109 -2.47 -25.60 3.86
C GLN A 109 -1.47 -25.81 4.96
N ILE A 110 -1.65 -26.87 5.74
CA ILE A 110 -0.70 -27.17 6.79
C ILE A 110 0.27 -28.20 6.23
N GLY A 111 1.36 -28.46 6.95
CA GLY A 111 2.32 -29.42 6.46
C GLY A 111 3.75 -28.99 6.69
N ASN A 112 3.99 -28.32 7.81
CA ASN A 112 5.31 -27.81 8.26
C ASN A 112 6.49 -28.16 7.38
N PRO A 113 6.71 -27.36 6.33
CA PRO A 113 7.74 -27.67 5.35
C PRO A 113 9.14 -27.66 5.93
N ALA A 114 9.36 -26.89 6.99
CA ALA A 114 10.66 -26.86 7.64
C ALA A 114 10.95 -28.23 8.25
N LEU A 115 9.94 -28.82 8.86
CA LEU A 115 10.09 -30.16 9.42
C LEU A 115 10.25 -31.21 8.31
N LEU A 116 9.54 -31.03 7.20
CA LEU A 116 9.66 -31.95 6.06
C LEU A 116 11.08 -31.93 5.52
N ALA A 117 11.67 -30.74 5.45
CA ALA A 117 13.07 -30.61 5.03
C ALA A 117 14.02 -31.25 6.04
N GLU A 118 13.75 -31.02 7.33
CA GLU A 118 14.57 -31.62 8.40
C GLU A 118 14.57 -33.13 8.31
N LEU A 119 13.39 -33.73 8.11
CA LEU A 119 13.28 -35.20 8.10
C LEU A 119 13.79 -35.85 6.82
N THR A 120 13.59 -35.20 5.67
CA THR A 120 13.93 -35.81 4.38
C THR A 120 15.34 -35.51 3.91
N GLY A 121 15.87 -34.36 4.32
CA GLY A 121 17.17 -33.94 3.85
C GLY A 121 17.14 -33.41 2.43
N ILE A 122 15.94 -33.06 1.98
CA ILE A 122 15.73 -32.52 0.63
C ILE A 122 15.05 -31.16 0.72
N ASP A 123 15.47 -30.22 -0.12
CA ASP A 123 14.81 -28.91 -0.19
C ASP A 123 13.33 -29.09 -0.45
N VAL A 124 12.51 -28.29 0.23
CA VAL A 124 11.06 -28.35 0.07
C VAL A 124 10.53 -27.03 -0.48
N VAL A 125 9.73 -27.11 -1.53
CA VAL A 125 8.96 -25.96 -1.99
C VAL A 125 7.50 -26.27 -1.66
N ALA A 126 6.85 -25.35 -0.96
CA ALA A 126 5.50 -25.60 -0.48
C ALA A 126 4.70 -24.31 -0.49
N ASP A 127 3.48 -24.38 0.03
CA ASP A 127 2.63 -23.20 0.18
C ASP A 127 2.36 -22.50 -1.15
N PHE A 128 1.94 -23.28 -2.15
CA PHE A 128 1.80 -22.78 -3.52
C PHE A 128 0.60 -21.87 -3.78
N ARG A 129 -0.46 -22.00 -3.00
CA ARG A 129 -1.69 -21.25 -3.29
C ARG A 129 -1.65 -19.81 -2.80
N ARG A 130 -0.89 -19.57 -1.73
CA ARG A 130 -1.00 -18.28 -1.05
C ARG A 130 -0.61 -17.07 -1.90
N ARG A 131 0.38 -17.22 -2.77
CA ARG A 131 0.77 -16.07 -3.59
C ARG A 131 -0.28 -15.75 -4.65
N ASP A 132 -0.94 -16.78 -5.17
CA ASP A 132 -1.99 -16.53 -6.13
C ASP A 132 -3.14 -15.78 -5.45
N VAL A 133 -3.50 -16.19 -4.25
CA VAL A 133 -4.55 -15.51 -3.48
C VAL A 133 -4.12 -14.07 -3.12
N ALA A 134 -2.85 -13.89 -2.75
CA ALA A 134 -2.35 -12.54 -2.43
C ALA A 134 -2.48 -11.59 -3.60
N ALA A 135 -2.41 -12.16 -4.80
CA ALA A 135 -2.53 -11.40 -6.03
C ALA A 135 -3.97 -11.39 -6.56
N GLY A 136 -4.94 -11.65 -5.68
CA GLY A 136 -6.33 -11.49 -6.04
C GLY A 136 -6.97 -12.71 -6.66
N GLY A 137 -6.23 -13.82 -6.67
CA GLY A 137 -6.75 -15.03 -7.26
C GLY A 137 -7.52 -15.93 -6.31
N GLN A 138 -8.07 -17.01 -6.84
CA GLN A 138 -8.83 -17.96 -6.05
C GLN A 138 -7.91 -19.00 -5.40
N GLY A 139 -6.64 -19.00 -5.79
CA GLY A 139 -5.69 -19.96 -5.25
C GLY A 139 -5.90 -21.36 -5.81
N ALA A 140 -6.68 -21.44 -6.89
CA ALA A 140 -7.07 -22.69 -7.52
C ALA A 140 -7.82 -22.34 -8.79
N PRO A 141 -7.79 -23.22 -9.81
CA PRO A 141 -7.08 -24.50 -9.87
C PRO A 141 -5.62 -24.30 -10.24
N LEU A 142 -4.78 -25.23 -9.82
CA LEU A 142 -3.35 -25.18 -10.06
C LEU A 142 -2.89 -26.00 -11.28
N VAL A 143 -3.51 -27.16 -11.48
CA VAL A 143 -3.06 -28.07 -12.55
C VAL A 143 -3.09 -27.51 -13.99
N PRO A 144 -4.02 -26.60 -14.30
CA PRO A 144 -3.99 -26.07 -15.67
C PRO A 144 -2.68 -25.39 -16.08
N ALA A 145 -1.93 -24.84 -15.12
CA ALA A 145 -0.65 -24.25 -15.45
C ALA A 145 0.29 -25.33 -15.97
N PHE A 146 0.19 -26.51 -15.35
CA PHE A 146 0.98 -27.69 -15.74
C PHE A 146 0.51 -28.17 -17.12
N HIS A 147 -0.82 -28.25 -17.31
CA HIS A 147 -1.39 -28.58 -18.62
C HIS A 147 -0.86 -27.66 -19.72
N GLN A 148 -0.84 -26.37 -19.42
CA GLN A 148 -0.38 -25.38 -20.38
C GLN A 148 1.10 -25.57 -20.72
N ALA A 149 1.93 -25.76 -19.70
CA ALA A 149 3.36 -25.94 -19.95
C ALA A 149 3.64 -27.20 -20.77
N LEU A 150 2.84 -28.24 -20.54
CA LEU A 150 3.03 -29.54 -21.19
C LEU A 150 2.58 -29.53 -22.64
N PHE A 151 1.43 -28.90 -22.89
CA PHE A 151 0.71 -29.14 -24.14
C PHE A 151 0.36 -27.86 -24.89
N GLY A 152 0.55 -26.72 -24.23
CA GLY A 152 0.33 -25.44 -24.86
C GLY A 152 1.46 -25.08 -25.80
N ASP A 153 1.23 -24.16 -26.70
CA ASP A 153 2.22 -23.81 -27.71
C ASP A 153 2.56 -24.85 -28.76
N ASP A 154 1.60 -25.67 -29.14
CA ASP A 154 1.75 -26.53 -30.30
C ASP A 154 1.34 -25.77 -31.57
N ASP A 155 0.80 -24.56 -31.39
CA ASP A 155 0.13 -23.78 -32.45
C ASP A 155 -1.12 -24.56 -32.86
N THR A 156 -1.63 -25.31 -31.89
CA THR A 156 -2.69 -26.31 -32.03
C THR A 156 -3.78 -26.08 -31.01
N SER A 157 -5.03 -26.13 -31.44
CA SER A 157 -6.13 -26.09 -30.48
C SER A 157 -6.22 -27.45 -29.81
N ARG A 158 -5.97 -27.47 -28.51
CA ARG A 158 -6.01 -28.69 -27.70
C ARG A 158 -6.90 -28.56 -26.48
N ALA A 159 -7.45 -29.68 -26.03
CA ALA A 159 -8.19 -29.73 -24.78
C ALA A 159 -7.59 -30.80 -23.90
N VAL A 160 -7.31 -30.45 -22.64
CA VAL A 160 -6.85 -31.45 -21.69
C VAL A 160 -8.03 -31.79 -20.81
N LEU A 161 -8.51 -33.03 -20.94
CA LEU A 161 -9.76 -33.44 -20.33
C LEU A 161 -9.50 -34.40 -19.19
N ASN A 162 -9.87 -33.99 -17.97
CA ASN A 162 -9.76 -34.87 -16.82
C ASN A 162 -11.10 -35.52 -16.53
N ILE A 163 -11.13 -36.85 -16.61
CA ILE A 163 -12.32 -37.60 -16.28
C ILE A 163 -12.11 -38.32 -14.96
N GLY A 164 -12.60 -37.71 -13.88
CA GLY A 164 -12.65 -38.36 -12.59
C GLY A 164 -14.08 -38.79 -12.35
N GLY A 165 -14.58 -38.60 -11.14
CA GLY A 165 -16.00 -38.80 -10.89
C GLY A 165 -16.77 -37.86 -11.80
N PHE A 166 -16.29 -36.63 -11.87
CA PHE A 166 -16.80 -35.64 -12.81
C PHE A 166 -15.71 -35.23 -13.81
N SER A 167 -16.13 -34.54 -14.86
CA SER A 167 -15.24 -34.15 -15.95
C SER A 167 -14.95 -32.66 -15.93
N ASN A 168 -13.68 -32.30 -16.18
CA ASN A 168 -13.30 -30.90 -16.32
C ASN A 168 -12.23 -30.77 -17.40
N VAL A 169 -12.16 -29.60 -18.04
CA VAL A 169 -11.28 -29.47 -19.19
C VAL A 169 -10.45 -28.18 -19.11
N SER A 170 -9.22 -28.24 -19.60
CA SER A 170 -8.41 -27.04 -19.81
C SER A 170 -8.33 -26.85 -21.32
N LEU A 171 -8.74 -25.68 -21.81
CA LEU A 171 -8.67 -25.44 -23.25
C LEU A 171 -7.44 -24.62 -23.61
N LEU A 172 -6.60 -25.18 -24.47
CA LEU A 172 -5.38 -24.53 -24.91
C LEU A 172 -5.53 -24.14 -26.37
N SER A 173 -5.94 -22.89 -26.61
CA SER A 173 -6.17 -22.39 -27.95
C SER A 173 -5.15 -21.31 -28.27
N PRO A 174 -4.47 -21.43 -29.42
CA PRO A 174 -3.46 -20.43 -29.82
C PRO A 174 -4.06 -19.02 -29.88
N GLY A 175 -3.37 -18.06 -29.29
CA GLY A 175 -3.81 -16.68 -29.35
C GLY A 175 -4.98 -16.35 -28.44
N LYS A 176 -5.39 -17.31 -27.62
CA LYS A 176 -6.49 -17.11 -26.70
C LYS A 176 -6.03 -17.44 -25.27
N PRO A 177 -6.70 -16.86 -24.26
CA PRO A 177 -6.38 -17.21 -22.87
C PRO A 177 -6.72 -18.67 -22.60
N VAL A 178 -5.97 -19.29 -21.70
CA VAL A 178 -6.31 -20.63 -21.24
C VAL A 178 -7.69 -20.57 -20.63
N ARG A 179 -8.51 -21.58 -20.91
CA ARG A 179 -9.85 -21.62 -20.36
C ARG A 179 -10.01 -22.92 -19.59
N GLY A 180 -10.93 -22.92 -18.62
CA GLY A 180 -11.22 -24.11 -17.85
C GLY A 180 -12.66 -24.12 -17.41
N PHE A 181 -13.30 -25.29 -17.47
CA PHE A 181 -14.67 -25.46 -16.99
C PHE A 181 -15.04 -26.94 -16.78
N ASP A 182 -16.16 -27.17 -16.09
CA ASP A 182 -16.65 -28.52 -15.88
C ASP A 182 -17.46 -29.01 -17.08
N CYS A 183 -17.29 -30.28 -17.42
CA CYS A 183 -17.94 -30.86 -18.60
C CYS A 183 -19.15 -31.73 -18.27
N GLY A 184 -19.27 -32.16 -17.02
CA GLY A 184 -20.36 -33.02 -16.63
C GLY A 184 -19.91 -34.26 -15.88
N PRO A 185 -20.78 -35.28 -15.80
CA PRO A 185 -20.42 -36.51 -15.11
C PRO A 185 -19.30 -37.21 -15.84
N GLY A 186 -18.43 -37.87 -15.08
CA GLY A 186 -17.39 -38.68 -15.67
C GLY A 186 -17.62 -40.15 -15.37
N ASN A 187 -16.96 -40.66 -14.33
CA ASN A 187 -17.11 -42.06 -13.95
C ASN A 187 -18.16 -42.27 -12.86
N VAL A 188 -18.71 -41.19 -12.30
CA VAL A 188 -19.51 -41.29 -11.07
C VAL A 188 -20.69 -42.27 -11.14
N LEU A 189 -21.48 -42.21 -12.21
CA LEU A 189 -22.65 -43.06 -12.33
C LEU A 189 -22.29 -44.47 -12.75
N MET A 190 -21.34 -44.60 -13.67
CA MET A 190 -20.90 -45.92 -14.12
C MET A 190 -20.33 -46.69 -12.94
N ASP A 191 -19.63 -45.98 -12.07
CA ASP A 191 -19.06 -46.57 -10.88
C ASP A 191 -20.21 -46.94 -9.93
N ALA A 192 -21.13 -46.01 -9.75
CA ALA A 192 -22.27 -46.22 -8.86
C ALA A 192 -23.14 -47.37 -9.33
N TRP A 193 -23.34 -47.47 -10.65
CA TRP A 193 -24.21 -48.51 -11.19
C TRP A 193 -23.60 -49.90 -11.13
N ILE A 194 -22.33 -50.03 -11.52
CA ILE A 194 -21.68 -51.34 -11.46
C ILE A 194 -21.42 -51.80 -10.01
N HIS A 195 -21.26 -50.85 -9.09
CA HIS A 195 -21.11 -51.20 -7.68
C HIS A 195 -22.42 -51.75 -7.12
N HIS A 196 -23.50 -51.05 -7.43
CA HIS A 196 -24.82 -51.43 -6.96
C HIS A 196 -25.23 -52.80 -7.49
N GLN A 197 -24.83 -53.09 -8.73
CA GLN A 197 -25.30 -54.28 -9.42
C GLN A 197 -24.36 -55.47 -9.35
N ARG A 198 -23.06 -55.21 -9.25
CA ARG A 198 -22.08 -56.29 -9.33
C ARG A 198 -21.01 -56.23 -8.23
N GLY A 199 -21.08 -55.20 -7.39
CA GLY A 199 -20.11 -55.06 -6.32
C GLY A 199 -18.73 -54.72 -6.83
N GLU A 200 -18.67 -54.14 -8.03
CA GLU A 200 -17.40 -53.70 -8.60
C GLU A 200 -17.17 -52.24 -8.25
N HIS A 201 -15.92 -51.83 -8.08
CA HIS A 201 -15.64 -50.43 -7.78
C HIS A 201 -15.84 -49.60 -9.04
N PHE A 202 -15.48 -50.21 -10.18
CA PHE A 202 -15.64 -49.59 -11.48
C PHE A 202 -15.76 -50.59 -12.62
N ASP A 203 -16.01 -50.08 -13.82
CA ASP A 203 -16.21 -50.92 -14.99
C ASP A 203 -14.91 -50.98 -15.78
N ARG A 204 -14.15 -52.05 -15.56
CA ARG A 204 -12.80 -52.17 -16.12
C ARG A 204 -12.81 -52.13 -17.65
N ASP A 205 -12.07 -51.17 -18.21
CA ASP A 205 -12.02 -50.95 -19.66
C ASP A 205 -13.37 -50.56 -20.25
N GLY A 206 -14.36 -50.32 -19.39
CA GLY A 206 -15.72 -50.08 -19.85
C GLY A 206 -16.31 -51.31 -20.52
N ALA A 207 -15.77 -52.48 -20.20
CA ALA A 207 -16.17 -53.71 -20.89
C ALA A 207 -17.63 -54.08 -20.64
N TRP A 208 -18.15 -53.76 -19.46
CA TRP A 208 -19.54 -54.07 -19.14
C TRP A 208 -20.47 -53.17 -19.96
N ALA A 209 -20.17 -51.88 -19.96
CA ALA A 209 -20.88 -50.91 -20.79
C ALA A 209 -20.85 -51.33 -22.27
N ALA A 210 -19.69 -51.73 -22.75
CA ALA A 210 -19.57 -52.11 -24.17
C ALA A 210 -20.35 -53.36 -24.52
N SER A 211 -20.57 -54.23 -23.54
CA SER A 211 -21.29 -55.47 -23.78
C SER A 211 -22.79 -55.21 -23.82
N GLY A 212 -23.20 -54.04 -23.30
CA GLY A 212 -24.61 -53.69 -23.25
C GLY A 212 -25.01 -52.90 -24.48
N GLN A 213 -26.27 -52.52 -24.54
CA GLN A 213 -26.76 -51.74 -25.67
C GLN A 213 -27.45 -50.47 -25.17
N VAL A 214 -27.05 -49.32 -25.73
CA VAL A 214 -27.62 -48.03 -25.30
C VAL A 214 -29.13 -48.02 -25.46
N ASN A 215 -29.83 -47.62 -24.41
CA ASN A 215 -31.27 -47.45 -24.49
C ASN A 215 -31.58 -45.98 -24.74
N HIS A 216 -32.14 -45.69 -25.90
CA HIS A 216 -32.29 -44.31 -26.35
C HIS A 216 -33.38 -43.55 -25.60
N ALA A 217 -34.41 -44.27 -25.15
CA ALA A 217 -35.46 -43.66 -24.35
C ALA A 217 -34.87 -43.18 -23.02
N LEU A 218 -34.10 -44.04 -22.38
CA LEU A 218 -33.46 -43.70 -21.11
C LEU A 218 -32.46 -42.56 -21.29
N LEU A 219 -31.65 -42.64 -22.34
CA LEU A 219 -30.64 -41.60 -22.61
C LEU A 219 -31.30 -40.23 -22.75
N ALA A 220 -32.41 -40.18 -23.47
CA ALA A 220 -33.14 -38.95 -23.70
C ALA A 220 -33.69 -38.34 -22.41
N SER A 221 -34.17 -39.20 -21.51
CA SER A 221 -34.66 -38.76 -20.21
C SER A 221 -33.51 -38.17 -19.41
N LEU A 222 -32.40 -38.89 -19.37
CA LEU A 222 -31.23 -38.47 -18.62
C LEU A 222 -30.71 -37.11 -19.11
N LEU A 223 -30.64 -36.92 -20.42
CA LEU A 223 -30.10 -35.67 -20.98
C LEU A 223 -31.00 -34.44 -20.84
N ALA A 224 -32.30 -34.66 -20.59
CA ALA A 224 -33.25 -33.56 -20.51
C ALA A 224 -33.46 -33.05 -19.08
N ASN A 242 -26.42 -38.77 -8.93
CA ASN A 242 -26.22 -39.79 -7.91
C ASN A 242 -27.12 -41.02 -8.16
N LEU A 243 -26.98 -42.08 -7.36
CA LEU A 243 -27.75 -43.30 -7.59
C LEU A 243 -29.28 -43.15 -7.43
N PRO A 244 -29.74 -42.51 -6.34
CA PRO A 244 -31.19 -42.30 -6.26
C PRO A 244 -31.71 -41.46 -7.43
N TRP A 245 -30.91 -40.51 -7.90
CA TRP A 245 -31.28 -39.72 -9.08
C TRP A 245 -31.45 -40.64 -10.27
N LEU A 246 -30.55 -41.61 -10.41
CA LEU A 246 -30.62 -42.57 -11.49
C LEU A 246 -31.78 -43.55 -11.30
N GLN A 247 -31.91 -44.05 -10.08
CA GLN A 247 -32.95 -45.03 -9.76
C GLN A 247 -34.34 -44.49 -10.03
N GLU A 248 -34.49 -43.18 -9.83
CA GLU A 248 -35.74 -42.49 -10.12
C GLU A 248 -36.08 -42.60 -11.60
N HIS A 249 -35.05 -42.49 -12.44
CA HIS A 249 -35.24 -42.57 -13.88
C HIS A 249 -35.59 -43.98 -14.36
N LEU A 250 -34.96 -45.00 -13.77
CA LEU A 250 -35.12 -46.37 -14.24
C LEU A 250 -36.51 -46.95 -13.99
N ALA A 251 -37.15 -46.47 -12.92
CA ALA A 251 -38.50 -46.91 -12.57
C ALA A 251 -39.51 -46.51 -13.63
N ARG A 252 -39.18 -45.47 -14.38
CA ARG A 252 -40.08 -44.92 -15.39
C ARG A 252 -39.95 -45.65 -16.73
N HIS A 253 -39.26 -46.78 -16.71
CA HIS A 253 -39.05 -47.58 -17.91
C HIS A 253 -39.21 -49.06 -17.59
N PRO A 254 -39.59 -49.86 -18.60
CA PRO A 254 -39.64 -51.32 -18.38
C PRO A 254 -38.28 -51.81 -17.93
N ALA A 255 -38.21 -53.03 -17.41
CA ALA A 255 -36.98 -53.48 -16.80
C ALA A 255 -35.88 -53.66 -17.83
N LEU A 256 -34.80 -52.92 -17.65
CA LEU A 256 -33.73 -52.89 -18.62
C LEU A 256 -32.61 -53.76 -18.11
N PRO A 257 -31.93 -54.46 -19.03
CA PRO A 257 -30.76 -55.24 -18.64
C PRO A 257 -29.75 -54.30 -18.00
N ALA A 258 -29.07 -54.77 -16.96
CA ALA A 258 -28.16 -53.91 -16.23
C ALA A 258 -27.05 -53.38 -17.14
N ALA A 259 -26.61 -54.21 -18.09
CA ALA A 259 -25.55 -53.82 -19.02
C ALA A 259 -26.00 -52.74 -20.01
N ASP A 260 -27.28 -52.75 -20.36
CA ASP A 260 -27.83 -51.71 -21.23
C ASP A 260 -27.90 -50.39 -20.49
N ILE A 261 -28.18 -50.49 -19.19
CA ILE A 261 -28.16 -49.32 -18.32
C ILE A 261 -26.78 -48.72 -18.29
N GLN A 262 -25.80 -49.59 -18.12
CA GLN A 262 -24.41 -49.16 -18.09
C GLN A 262 -24.00 -48.52 -19.41
N ALA A 263 -24.42 -49.13 -20.51
CA ALA A 263 -24.11 -48.60 -21.84
C ALA A 263 -24.70 -47.21 -22.01
N THR A 264 -25.89 -47.00 -21.47
CA THR A 264 -26.56 -45.72 -21.58
C THR A 264 -25.88 -44.68 -20.71
N LEU A 265 -25.36 -45.11 -19.56
CA LEU A 265 -24.63 -44.20 -18.67
C LEU A 265 -23.31 -43.75 -19.29
N LEU A 266 -22.65 -44.65 -20.02
CA LEU A 266 -21.43 -44.28 -20.73
C LEU A 266 -21.76 -43.25 -21.80
N GLU A 267 -22.83 -43.49 -22.54
CA GLU A 267 -23.23 -42.57 -23.59
C GLU A 267 -23.60 -41.21 -23.04
N LEU A 268 -24.19 -41.19 -21.86
CA LEU A 268 -24.54 -39.96 -21.17
C LEU A 268 -23.30 -39.10 -20.91
N SER A 269 -22.25 -39.71 -20.39
CA SER A 269 -20.99 -38.99 -20.18
C SER A 269 -20.34 -38.58 -21.49
N ALA A 270 -20.34 -39.47 -22.48
CA ALA A 270 -19.69 -39.17 -23.75
C ALA A 270 -20.37 -38.00 -24.44
N ARG A 271 -21.69 -37.95 -24.38
CA ARG A 271 -22.42 -36.87 -25.03
C ARG A 271 -22.25 -35.55 -24.27
N SER A 272 -22.30 -35.60 -22.94
CA SER A 272 -22.19 -34.37 -22.17
C SER A 272 -20.80 -33.76 -22.27
N ILE A 273 -19.77 -34.61 -22.23
CA ILE A 273 -18.41 -34.13 -22.37
C ILE A 273 -18.16 -33.54 -23.76
N SER A 274 -18.50 -34.28 -24.80
CA SER A 274 -18.18 -33.86 -26.16
C SER A 274 -18.89 -32.56 -26.54
N GLU A 275 -20.14 -32.42 -26.12
CA GLU A 275 -20.93 -31.23 -26.40
C GLU A 275 -20.40 -29.99 -25.68
N SER A 276 -20.00 -30.17 -24.43
CA SER A 276 -19.45 -29.08 -23.64
C SER A 276 -18.13 -28.62 -24.23
N LEU A 277 -17.29 -29.59 -24.59
CA LEU A 277 -16.01 -29.32 -25.20
C LEU A 277 -16.16 -28.61 -26.55
N LEU A 278 -17.02 -29.14 -27.42
CA LEU A 278 -17.18 -28.58 -28.77
C LEU A 278 -17.88 -27.23 -28.80
N ASP A 279 -18.73 -26.96 -27.81
CA ASP A 279 -19.35 -25.65 -27.72
C ASP A 279 -18.29 -24.59 -27.43
N ALA A 280 -17.31 -24.95 -26.61
CA ALA A 280 -16.29 -23.99 -26.20
C ALA A 280 -15.09 -23.96 -27.16
N GLN A 281 -14.81 -25.10 -27.79
CA GLN A 281 -13.65 -25.20 -28.69
C GLN A 281 -13.99 -26.11 -29.88
N PRO A 282 -14.82 -25.59 -30.81
CA PRO A 282 -15.30 -26.39 -31.94
C PRO A 282 -14.18 -26.90 -32.84
N ASP A 283 -13.09 -26.15 -32.88
CA ASP A 283 -11.97 -26.47 -33.78
C ASP A 283 -10.89 -27.28 -33.08
N CYS A 284 -11.23 -27.84 -31.94
CA CYS A 284 -10.33 -28.69 -31.16
C CYS A 284 -9.70 -29.75 -32.06
N GLU A 285 -8.38 -29.83 -32.03
CA GLU A 285 -7.65 -30.78 -32.89
C GLU A 285 -7.24 -32.02 -32.11
N GLU A 286 -7.06 -31.85 -30.81
CA GLU A 286 -6.63 -32.94 -29.95
C GLU A 286 -7.27 -32.82 -28.59
N VAL A 287 -7.78 -33.95 -28.10
CA VAL A 287 -8.27 -34.07 -26.75
C VAL A 287 -7.37 -35.03 -26.01
N LEU A 288 -6.68 -34.52 -24.99
CA LEU A 288 -5.76 -35.34 -24.21
C LEU A 288 -6.43 -35.66 -22.89
N VAL A 289 -6.61 -36.95 -22.64
CA VAL A 289 -7.44 -37.38 -21.53
C VAL A 289 -6.62 -37.91 -20.36
N CYS A 290 -6.88 -37.36 -19.18
CA CYS A 290 -6.26 -37.87 -17.97
C CYS A 290 -7.33 -38.18 -16.95
N GLY A 291 -6.91 -38.56 -15.75
CA GLY A 291 -7.83 -39.10 -14.77
C GLY A 291 -8.13 -40.55 -15.10
N GLY A 292 -8.85 -41.22 -14.21
CA GLY A 292 -9.07 -42.64 -14.38
C GLY A 292 -9.92 -42.99 -15.59
N GLY A 293 -10.71 -42.04 -16.06
CA GLY A 293 -11.55 -42.26 -17.24
C GLY A 293 -10.74 -42.52 -18.49
N ALA A 294 -9.47 -42.11 -18.49
CA ALA A 294 -8.58 -42.37 -19.62
C ALA A 294 -8.36 -43.86 -19.82
N PHE A 295 -8.58 -44.63 -18.77
CA PHE A 295 -8.40 -46.07 -18.82
C PHE A 295 -9.67 -46.76 -19.30
N ASN A 296 -10.77 -46.02 -19.39
CA ASN A 296 -12.00 -46.61 -19.86
C ASN A 296 -12.01 -46.65 -21.39
N THR A 297 -11.55 -47.77 -21.93
CA THR A 297 -11.40 -47.95 -23.36
C THR A 297 -12.71 -47.68 -24.11
N ALA A 298 -13.82 -48.15 -23.55
CA ALA A 298 -15.11 -47.96 -24.21
C ALA A 298 -15.50 -46.50 -24.24
N LEU A 299 -15.25 -45.79 -23.14
CA LEU A 299 -15.59 -44.37 -23.07
C LEU A 299 -14.72 -43.56 -24.02
N MET A 300 -13.43 -43.87 -24.05
CA MET A 300 -12.51 -43.20 -24.94
C MET A 300 -12.91 -43.38 -26.40
N LYS A 301 -13.34 -44.59 -26.76
CA LYS A 301 -13.75 -44.86 -28.13
C LYS A 301 -14.96 -44.02 -28.53
N ARG A 302 -15.91 -43.89 -27.61
CA ARG A 302 -17.13 -43.11 -27.90
C ARG A 302 -16.85 -41.61 -27.99
N LEU A 303 -15.97 -41.13 -27.13
CA LEU A 303 -15.59 -39.72 -27.19
C LEU A 303 -15.00 -39.40 -28.57
N ALA A 304 -14.17 -40.30 -29.07
CA ALA A 304 -13.56 -40.11 -30.38
C ALA A 304 -14.61 -40.07 -31.49
N MET A 305 -15.65 -40.88 -31.35
CA MET A 305 -16.73 -40.91 -32.34
C MET A 305 -17.53 -39.62 -32.31
N LEU A 306 -17.69 -39.05 -31.12
CA LEU A 306 -18.50 -37.83 -30.94
C LEU A 306 -17.73 -36.54 -31.21
N MET A 307 -16.41 -36.65 -31.30
CA MET A 307 -15.57 -35.50 -31.66
C MET A 307 -14.68 -35.87 -32.84
N PRO A 308 -15.30 -36.07 -34.01
CA PRO A 308 -14.61 -36.67 -35.17
C PRO A 308 -13.52 -35.79 -35.78
N GLU A 309 -13.48 -34.50 -35.45
CA GLU A 309 -12.42 -33.62 -35.97
C GLU A 309 -11.24 -33.52 -35.01
N ALA A 310 -11.37 -34.15 -33.84
CA ALA A 310 -10.30 -34.11 -32.85
C ALA A 310 -9.72 -35.49 -32.64
N ARG A 311 -8.42 -35.56 -32.41
CA ARG A 311 -7.79 -36.80 -32.02
C ARG A 311 -7.88 -36.93 -30.51
N VAL A 312 -8.49 -38.02 -30.06
CA VAL A 312 -8.69 -38.28 -28.65
C VAL A 312 -7.72 -39.35 -28.16
N ALA A 313 -6.88 -38.99 -27.21
CA ALA A 313 -5.87 -39.92 -26.73
C ALA A 313 -5.61 -39.68 -25.25
N SER A 314 -5.15 -40.74 -24.57
CA SER A 314 -4.73 -40.66 -23.19
C SER A 314 -3.49 -39.80 -23.08
N THR A 315 -3.32 -39.11 -21.97
CA THR A 315 -2.06 -38.40 -21.76
C THR A 315 -0.83 -39.33 -21.69
N ASP A 316 -1.08 -40.59 -21.40
CA ASP A 316 -0.02 -41.56 -21.40
C ASP A 316 0.74 -41.51 -22.69
N GLU A 317 0.06 -41.20 -23.78
CA GLU A 317 0.69 -41.22 -25.09
C GLU A 317 1.73 -40.10 -25.21
N TYR A 318 1.73 -39.19 -24.24
CA TYR A 318 2.62 -38.05 -24.22
C TYR A 318 3.58 -38.14 -23.03
N GLY A 319 3.61 -39.31 -22.40
CA GLY A 319 4.52 -39.51 -21.30
C GLY A 319 3.99 -39.07 -19.95
N ILE A 320 2.68 -38.79 -19.88
CA ILE A 320 2.09 -38.36 -18.63
C ILE A 320 1.02 -39.34 -18.20
N PRO A 321 1.36 -40.21 -17.22
CA PRO A 321 0.40 -41.21 -16.76
C PRO A 321 -0.83 -40.54 -16.18
N PRO A 322 -2.01 -40.93 -16.67
CA PRO A 322 -3.23 -40.19 -16.33
C PRO A 322 -3.57 -40.23 -14.86
N ALA A 323 -3.13 -41.26 -14.13
CA ALA A 323 -3.47 -41.40 -12.73
C ALA A 323 -2.64 -40.51 -11.81
N TRP A 324 -1.59 -39.93 -12.36
CA TRP A 324 -0.58 -39.25 -11.54
C TRP A 324 -0.40 -37.78 -11.89
N MET A 325 -1.34 -37.22 -12.64
CA MET A 325 -1.28 -35.82 -13.08
C MET A 325 -1.07 -34.85 -11.92
N GLU A 326 -1.82 -35.04 -10.84
CA GLU A 326 -1.77 -34.13 -9.69
C GLU A 326 -0.45 -34.13 -8.93
N GLY A 327 0.07 -35.32 -8.62
CA GLY A 327 1.36 -35.41 -7.97
C GLY A 327 2.43 -34.83 -8.86
N MET A 328 2.38 -35.14 -10.15
CA MET A 328 3.39 -34.61 -11.08
C MET A 328 3.34 -33.11 -11.17
N ALA A 329 2.14 -32.53 -11.10
CA ALA A 329 2.00 -31.07 -11.13
C ALA A 329 2.73 -30.42 -9.97
N PHE A 330 2.70 -31.05 -8.81
CA PHE A 330 3.38 -30.46 -7.65
C PHE A 330 4.90 -30.59 -7.69
N ALA A 331 5.39 -31.69 -8.26
CA ALA A 331 6.83 -31.80 -8.52
C ALA A 331 7.25 -30.72 -9.53
N TRP A 332 6.43 -30.56 -10.55
CA TRP A 332 6.67 -29.53 -11.56
C TRP A 332 6.69 -28.12 -10.99
N LEU A 333 5.77 -27.85 -10.05
CA LEU A 333 5.72 -26.53 -9.40
C LEU A 333 6.98 -26.26 -8.63
N ALA A 334 7.59 -27.30 -8.04
CA ALA A 334 8.89 -27.13 -7.37
C ALA A 334 9.96 -26.69 -8.37
N HIS A 335 9.96 -27.36 -9.52
CA HIS A 335 10.84 -27.02 -10.65
C HIS A 335 10.61 -25.57 -11.09
N ARG A 336 9.36 -25.18 -11.27
CA ARG A 336 9.08 -23.81 -11.73
C ARG A 336 9.60 -22.77 -10.76
N PHE A 337 9.39 -23.00 -9.47
CA PHE A 337 9.90 -22.09 -8.45
C PHE A 337 11.41 -21.93 -8.61
N LEU A 338 12.12 -23.06 -8.67
CA LEU A 338 13.58 -23.03 -8.69
C LEU A 338 14.11 -22.49 -10.01
N GLU A 339 13.31 -22.61 -11.07
CA GLU A 339 13.72 -22.06 -12.37
C GLU A 339 13.37 -20.58 -12.48
N ARG A 340 12.78 -20.03 -11.42
CA ARG A 340 12.32 -18.63 -11.41
C ARG A 340 11.35 -18.35 -12.53
N LEU A 341 10.47 -19.32 -12.77
CA LEU A 341 9.39 -19.21 -13.75
C LEU A 341 8.05 -19.16 -13.05
N PRO A 342 7.06 -18.50 -13.67
CA PRO A 342 5.74 -18.41 -13.03
C PRO A 342 5.06 -19.77 -12.92
N GLY A 343 4.25 -19.95 -11.88
CA GLY A 343 3.63 -21.23 -11.58
C GLY A 343 2.12 -21.23 -11.65
N ASN A 344 1.50 -20.06 -11.74
CA ASN A 344 0.05 -20.02 -11.77
C ASN A 344 -0.51 -19.86 -13.19
N CYS A 345 -1.82 -20.00 -13.30
CA CYS A 345 -2.50 -19.73 -14.56
C CYS A 345 -3.59 -18.71 -14.25
N PRO A 346 -3.25 -17.42 -14.31
CA PRO A 346 -4.16 -16.36 -13.89
C PRO A 346 -5.43 -16.29 -14.73
N ASP A 347 -5.36 -16.78 -15.97
CA ASP A 347 -6.54 -16.90 -16.83
C ASP A 347 -7.64 -17.71 -16.15
N VAL A 348 -7.26 -18.68 -15.32
CA VAL A 348 -8.25 -19.47 -14.59
C VAL A 348 -8.41 -19.14 -13.10
N THR A 349 -7.37 -18.65 -12.44
CA THR A 349 -7.45 -18.34 -11.02
C THR A 349 -8.01 -16.95 -10.74
N GLY A 350 -7.91 -16.06 -11.72
CA GLY A 350 -8.43 -14.71 -11.55
C GLY A 350 -7.41 -13.80 -10.93
N ALA A 351 -6.20 -14.31 -10.70
CA ALA A 351 -5.11 -13.49 -10.14
C ALA A 351 -4.77 -12.35 -11.09
N LEU A 352 -4.17 -11.29 -10.55
CA LEU A 352 -3.83 -10.12 -11.36
C LEU A 352 -2.88 -10.45 -12.51
N GLY A 353 -2.08 -11.49 -12.35
CA GLY A 353 -1.11 -11.83 -13.37
C GLY A 353 -0.27 -13.03 -12.94
N PRO A 354 0.71 -13.39 -13.78
CA PRO A 354 1.60 -14.51 -13.45
C PRO A 354 2.38 -14.25 -12.18
N ARG A 355 2.55 -15.30 -11.39
CA ARG A 355 3.24 -15.20 -10.12
C ARG A 355 4.07 -16.44 -9.90
N THR A 356 5.19 -16.26 -9.22
CA THR A 356 5.95 -17.38 -8.71
C THR A 356 5.15 -17.96 -7.56
N LEU A 357 4.88 -19.26 -7.61
CA LEU A 357 4.12 -19.90 -6.55
C LEU A 357 5.02 -20.70 -5.63
N GLY A 358 4.72 -20.61 -4.35
CA GLY A 358 5.40 -21.42 -3.36
C GLY A 358 6.46 -20.67 -2.58
N ALA A 359 7.07 -21.39 -1.63
CA ALA A 359 8.14 -20.87 -0.78
C ALA A 359 9.18 -21.97 -0.58
N LEU A 360 10.45 -21.57 -0.54
CA LEU A 360 11.54 -22.55 -0.42
C LEU A 360 12.03 -22.70 1.00
N TYR A 361 12.01 -23.93 1.47
CA TYR A 361 12.57 -24.33 2.76
C TYR A 361 13.75 -25.26 2.51
N PRO A 362 14.97 -24.73 2.54
CA PRO A 362 16.14 -25.56 2.17
C PRO A 362 16.50 -26.59 3.22
N ALA A 363 17.00 -27.71 2.75
CA ALA A 363 17.52 -28.71 3.66
C ALA A 363 18.81 -28.22 4.31
N PRO B 2 25.17 -6.79 -0.01
CA PRO B 2 23.87 -6.31 -0.52
C PRO B 2 23.09 -5.58 0.56
N ARG B 3 21.98 -4.98 0.17
CA ARG B 3 21.09 -4.30 1.10
C ARG B 3 19.92 -5.19 1.49
N TYR B 4 19.57 -5.17 2.77
CA TYR B 4 18.47 -5.97 3.30
C TYR B 4 17.59 -5.14 4.21
N LEU B 5 16.30 -5.45 4.18
CA LEU B 5 15.39 -4.89 5.17
C LEU B 5 15.18 -5.90 6.26
N GLY B 6 14.99 -5.40 7.47
CA GLY B 6 14.65 -6.25 8.59
C GLY B 6 13.37 -5.73 9.22
N LEU B 7 12.48 -6.66 9.58
CA LEU B 7 11.20 -6.28 10.13
C LEU B 7 10.97 -7.04 11.44
N MET B 8 10.86 -6.31 12.54
CA MET B 8 10.70 -6.87 13.88
C MET B 8 9.41 -6.34 14.50
N SER B 9 8.67 -7.24 15.13
CA SER B 9 7.52 -6.84 15.91
C SER B 9 7.42 -7.74 17.13
N GLY B 10 7.81 -7.21 18.29
CA GLY B 10 7.86 -8.02 19.51
C GLY B 10 6.52 -8.27 20.19
N THR B 11 6.58 -8.96 21.32
CA THR B 11 5.37 -9.35 22.05
C THR B 11 4.77 -8.23 22.89
N SER B 12 5.45 -7.10 22.96
CA SER B 12 4.90 -5.95 23.67
C SER B 12 3.79 -5.27 22.86
N LEU B 13 3.82 -5.48 21.54
CA LEU B 13 2.74 -5.07 20.65
C LEU B 13 2.53 -3.58 20.51
N ASP B 14 3.58 -2.80 20.73
CA ASP B 14 3.46 -1.36 20.52
C ASP B 14 3.62 -0.93 19.06
N GLY B 15 4.52 -1.58 18.33
CA GLY B 15 4.75 -1.23 16.95
C GLY B 15 5.78 -2.08 16.23
N MET B 16 6.09 -1.73 14.99
CA MET B 16 7.03 -2.49 14.17
C MET B 16 8.32 -1.72 13.97
N ASP B 17 9.43 -2.43 14.12
CA ASP B 17 10.75 -1.90 13.79
C ASP B 17 11.06 -2.31 12.36
N ILE B 18 11.41 -1.34 11.53
CA ILE B 18 11.81 -1.60 10.15
C ILE B 18 13.19 -1.03 9.95
N VAL B 19 14.13 -1.86 9.51
CA VAL B 19 15.49 -1.38 9.32
C VAL B 19 16.02 -1.70 7.94
N LEU B 20 16.97 -0.89 7.48
CA LEU B 20 17.64 -1.15 6.21
C LEU B 20 19.11 -1.26 6.51
N ILE B 21 19.72 -2.38 6.17
CA ILE B 21 21.15 -2.57 6.40
C ILE B 21 21.94 -2.76 5.11
N GLU B 22 23.24 -2.47 5.18
CA GLU B 22 24.20 -2.96 4.19
C GLU B 22 25.01 -4.09 4.78
N GLN B 23 25.08 -5.20 4.06
CA GLN B 23 25.77 -6.37 4.56
C GLN B 23 26.89 -6.76 3.61
N GLY B 24 28.10 -6.85 4.16
CA GLY B 24 29.25 -7.38 3.45
C GLY B 24 30.07 -8.13 4.47
N ASP B 25 31.28 -7.67 4.72
CA ASP B 25 32.09 -8.23 5.80
C ASP B 25 31.52 -7.76 7.14
N ARG B 26 30.82 -6.63 7.09
CA ARG B 26 30.22 -6.06 8.30
C ARG B 26 28.74 -5.80 8.08
N THR B 27 28.02 -5.53 9.17
CA THR B 27 26.63 -5.14 9.11
C THR B 27 26.54 -3.65 9.48
N THR B 28 25.90 -2.86 8.63
CA THR B 28 25.79 -1.44 8.90
C THR B 28 24.36 -0.99 8.76
N LEU B 29 23.90 -0.17 9.69
CA LEU B 29 22.55 0.37 9.60
C LEU B 29 22.55 1.56 8.67
N LEU B 30 21.72 1.49 7.63
CA LEU B 30 21.58 2.60 6.69
C LEU B 30 20.41 3.52 7.04
N ALA B 31 19.32 2.94 7.52
CA ALA B 31 18.11 3.70 7.80
C ALA B 31 17.23 2.89 8.71
N SER B 32 16.32 3.56 9.40
CA SER B 32 15.41 2.86 10.30
C SER B 32 14.07 3.56 10.34
N HIS B 33 13.05 2.82 10.72
CA HIS B 33 11.71 3.35 10.75
C HIS B 33 10.91 2.62 11.81
N TYR B 34 10.14 3.37 12.58
CA TYR B 34 9.25 2.77 13.57
C TYR B 34 7.82 3.14 13.21
N LEU B 35 6.94 2.15 13.24
CA LEU B 35 5.56 2.37 12.87
C LEU B 35 4.70 1.82 13.99
N PRO B 36 3.90 2.67 14.63
CA PRO B 36 3.04 2.21 15.73
C PRO B 36 1.96 1.25 15.24
N MET B 37 1.55 0.33 16.10
CA MET B 37 0.45 -0.56 15.78
C MET B 37 -0.83 0.00 16.39
N PRO B 38 -1.89 0.15 15.58
CA PRO B 38 -3.19 0.62 16.07
C PRO B 38 -3.73 -0.28 17.18
N ALA B 39 -4.42 0.30 18.15
CA ALA B 39 -4.97 -0.44 19.28
C ALA B 39 -5.83 -1.62 18.85
N GLY B 40 -6.63 -1.43 17.81
CA GLY B 40 -7.50 -2.50 17.35
C GLY B 40 -6.73 -3.72 16.90
N LEU B 41 -5.62 -3.52 16.20
CA LEU B 41 -4.77 -4.61 15.75
C LEU B 41 -4.05 -5.27 16.92
N ARG B 42 -3.56 -4.44 17.85
CA ARG B 42 -2.90 -4.93 19.05
C ARG B 42 -3.84 -5.83 19.86
N GLU B 43 -5.08 -5.38 20.02
CA GLU B 43 -6.09 -6.12 20.75
C GLU B 43 -6.40 -7.46 20.08
N ASP B 44 -6.55 -7.44 18.76
CA ASP B 44 -6.88 -8.64 18.00
C ASP B 44 -5.74 -9.66 17.97
N ILE B 45 -4.51 -9.17 17.97
CA ILE B 45 -3.34 -10.03 18.04
C ILE B 45 -3.24 -10.71 19.41
N LEU B 46 -3.38 -9.90 20.45
CA LEU B 46 -3.33 -10.35 21.83
C LEU B 46 -4.34 -11.47 22.08
N ALA B 47 -5.53 -11.30 21.50
CA ALA B 47 -6.60 -12.29 21.60
C ALA B 47 -6.27 -13.63 20.95
N LEU B 48 -5.25 -13.66 20.08
CA LEU B 48 -4.81 -14.90 19.46
C LEU B 48 -3.66 -15.57 20.21
N CYS B 49 -3.19 -14.93 21.27
CA CYS B 49 -2.02 -15.42 21.99
C CYS B 49 -2.36 -16.48 23.04
N VAL B 50 -3.66 -16.70 23.25
CA VAL B 50 -4.14 -17.76 24.11
C VAL B 50 -5.20 -18.52 23.33
N PRO B 51 -5.39 -19.82 23.64
CA PRO B 51 -6.36 -20.59 22.88
C PRO B 51 -7.75 -19.96 22.90
N GLY B 52 -8.39 -19.96 21.74
CA GLY B 52 -9.69 -19.35 21.57
C GLY B 52 -10.44 -19.92 20.39
N PRO B 53 -11.62 -19.35 20.10
CA PRO B 53 -12.47 -19.85 19.02
C PRO B 53 -12.04 -19.33 17.64
N ASP B 54 -12.33 -20.10 16.59
CA ASP B 54 -12.25 -19.61 15.22
C ASP B 54 -10.87 -19.05 14.86
N GLU B 55 -9.81 -19.66 15.40
CA GLU B 55 -8.47 -19.11 15.28
C GLU B 55 -7.89 -19.05 13.87
N ILE B 56 -8.12 -20.07 13.06
CA ILE B 56 -7.58 -20.09 11.69
C ILE B 56 -8.06 -18.89 10.87
N ALA B 57 -9.37 -18.68 10.84
CA ALA B 57 -9.93 -17.56 10.11
C ALA B 57 -9.54 -16.22 10.72
N ARG B 58 -9.58 -16.11 12.05
CA ARG B 58 -9.24 -14.88 12.74
C ARG B 58 -7.78 -14.46 12.48
N ALA B 59 -6.87 -15.43 12.55
CA ALA B 59 -5.45 -15.15 12.33
C ALA B 59 -5.18 -14.72 10.90
N ALA B 60 -5.90 -15.31 9.96
CA ALA B 60 -5.75 -14.97 8.55
C ALA B 60 -6.17 -13.52 8.27
N GLU B 61 -7.23 -13.07 8.92
CA GLU B 61 -7.69 -11.70 8.72
C GLU B 61 -6.73 -10.72 9.39
N VAL B 62 -6.28 -11.06 10.59
CA VAL B 62 -5.38 -10.21 11.36
C VAL B 62 -4.03 -10.05 10.66
N GLU B 63 -3.52 -11.14 10.09
CA GLU B 63 -2.21 -11.09 9.45
C GLU B 63 -2.26 -10.25 8.16
N GLN B 64 -3.40 -10.20 7.51
CA GLN B 64 -3.54 -9.34 6.33
C GLN B 64 -3.40 -7.86 6.69
N ARG B 65 -3.95 -7.47 7.84
CA ARG B 65 -3.82 -6.09 8.33
C ARG B 65 -2.38 -5.81 8.76
N TRP B 66 -1.79 -6.80 9.44
CA TRP B 66 -0.39 -6.73 9.86
C TRP B 66 0.52 -6.52 8.66
N VAL B 67 0.30 -7.32 7.62
CA VAL B 67 1.13 -7.22 6.43
C VAL B 67 0.96 -5.88 5.71
N ALA B 68 -0.27 -5.39 5.65
CA ALA B 68 -0.51 -4.10 5.03
C ALA B 68 0.27 -3.00 5.76
N LEU B 69 0.28 -3.05 7.08
CA LEU B 69 1.04 -2.07 7.85
C LEU B 69 2.55 -2.19 7.62
N ALA B 70 3.06 -3.42 7.64
CA ALA B 70 4.48 -3.66 7.39
C ALA B 70 4.90 -3.14 6.02
N ALA B 71 4.08 -3.40 5.02
CA ALA B 71 4.38 -2.94 3.67
C ALA B 71 4.40 -1.41 3.55
N GLN B 72 3.49 -0.73 4.21
CA GLN B 72 3.51 0.74 4.19
C GLN B 72 4.80 1.23 4.85
N GLY B 73 5.21 0.58 5.94
CA GLY B 73 6.43 1.00 6.64
C GLY B 73 7.66 0.84 5.77
N VAL B 74 7.74 -0.28 5.06
CA VAL B 74 8.82 -0.50 4.10
C VAL B 74 8.80 0.60 3.05
N ARG B 75 7.61 0.86 2.51
CA ARG B 75 7.44 1.90 1.52
C ARG B 75 7.94 3.26 1.99
N GLU B 76 7.57 3.62 3.22
CA GLU B 76 7.99 4.92 3.75
C GLU B 76 9.50 5.00 3.95
N LEU B 77 10.11 3.93 4.44
CA LEU B 77 11.56 3.94 4.62
C LEU B 77 12.25 4.13 3.28
N LEU B 78 11.78 3.41 2.28
CA LEU B 78 12.36 3.48 0.94
C LEU B 78 12.13 4.87 0.33
N LEU B 79 10.95 5.45 0.57
CA LEU B 79 10.72 6.83 0.13
C LEU B 79 11.73 7.79 0.74
N GLN B 80 11.93 7.69 2.06
CA GLN B 80 12.89 8.57 2.70
C GLN B 80 14.31 8.39 2.18
N GLN B 81 14.66 7.16 1.83
CA GLN B 81 16.02 6.85 1.39
C GLN B 81 16.21 7.01 -0.11
N GLN B 82 15.16 7.42 -0.82
CA GLN B 82 15.19 7.49 -2.29
C GLN B 82 15.68 6.20 -2.89
N MET B 83 15.11 5.09 -2.41
CA MET B 83 15.52 3.75 -2.85
C MET B 83 14.32 3.05 -3.49
N SER B 84 14.58 2.32 -4.56
CA SER B 84 13.57 1.49 -5.20
C SER B 84 13.60 0.11 -4.56
N PRO B 85 12.45 -0.58 -4.50
CA PRO B 85 12.48 -1.93 -3.93
C PRO B 85 13.46 -2.84 -4.67
N ASP B 86 13.75 -2.56 -5.94
CA ASP B 86 14.71 -3.38 -6.69
C ASP B 86 16.14 -3.30 -6.12
N GLU B 87 16.39 -2.29 -5.28
CA GLU B 87 17.73 -2.09 -4.72
C GLU B 87 17.90 -2.89 -3.43
N VAL B 88 16.82 -3.52 -2.99
CA VAL B 88 16.85 -4.29 -1.75
C VAL B 88 16.91 -5.76 -2.11
N ARG B 89 17.87 -6.49 -1.56
CA ARG B 89 17.97 -7.90 -1.92
C ARG B 89 16.83 -8.74 -1.34
N ALA B 90 16.49 -8.49 -0.09
CA ALA B 90 15.41 -9.22 0.58
C ALA B 90 14.99 -8.53 1.85
N ILE B 91 13.78 -8.83 2.29
CA ILE B 91 13.33 -8.47 3.62
C ILE B 91 13.36 -9.71 4.50
N GLY B 92 13.97 -9.58 5.67
CA GLY B 92 13.90 -10.63 6.67
C GLY B 92 12.83 -10.25 7.67
N SER B 93 11.77 -11.05 7.70
CA SER B 93 10.62 -10.73 8.55
C SER B 93 10.47 -11.71 9.72
N HIS B 94 10.45 -11.14 10.92
CA HIS B 94 10.19 -11.87 12.15
C HIS B 94 8.75 -12.37 12.20
N GLY B 95 7.84 -11.64 11.56
CA GLY B 95 6.41 -11.92 11.69
C GLY B 95 5.91 -11.54 13.07
N GLN B 96 4.76 -12.08 13.45
CA GLN B 96 4.19 -11.81 14.77
C GLN B 96 3.89 -13.14 15.46
N THR B 97 4.52 -13.36 16.61
CA THR B 97 4.31 -14.58 17.36
C THR B 97 2.95 -14.57 18.05
N ILE B 98 2.12 -15.57 17.76
CA ILE B 98 0.84 -15.74 18.47
C ILE B 98 0.78 -16.99 19.35
N ARG B 99 1.77 -17.87 19.20
CA ARG B 99 1.87 -19.02 20.07
C ARG B 99 3.28 -19.58 19.97
N HIS B 100 3.88 -19.86 21.11
CA HIS B 100 5.25 -20.37 21.15
C HIS B 100 5.36 -21.46 22.19
N GLU B 101 5.35 -22.71 21.73
CA GLU B 101 5.33 -23.84 22.64
C GLU B 101 6.28 -24.94 22.16
N PRO B 102 7.59 -24.67 22.24
CA PRO B 102 8.61 -25.62 21.78
C PRO B 102 8.54 -26.93 22.55
N ALA B 103 8.00 -26.89 23.76
CA ALA B 103 7.77 -28.12 24.53
C ALA B 103 6.79 -29.05 23.80
N ARG B 104 5.88 -28.45 23.03
CA ARG B 104 4.99 -29.23 22.17
C ARG B 104 5.47 -29.17 20.71
N HIS B 105 6.72 -28.74 20.53
CA HIS B 105 7.40 -28.74 19.23
C HIS B 105 6.71 -27.89 18.16
N PHE B 106 6.18 -26.74 18.57
CA PHE B 106 5.63 -25.82 17.59
C PHE B 106 5.82 -24.36 17.99
N THR B 107 5.93 -23.51 16.97
CA THR B 107 5.98 -22.07 17.18
C THR B 107 5.27 -21.44 15.99
N VAL B 108 4.47 -20.42 16.26
CA VAL B 108 3.61 -19.86 15.24
C VAL B 108 3.76 -18.36 15.10
N GLN B 109 4.31 -17.95 13.96
CA GLN B 109 4.41 -16.54 13.64
C GLN B 109 3.52 -16.28 12.43
N ILE B 110 2.64 -15.31 12.54
CA ILE B 110 1.81 -14.93 11.41
C ILE B 110 2.47 -13.76 10.70
N GLY B 111 1.96 -13.41 9.52
CA GLY B 111 2.51 -12.30 8.77
C GLY B 111 2.66 -12.63 7.30
N ASN B 112 1.70 -13.41 6.77
CA ASN B 112 1.63 -13.85 5.37
C ASN B 112 2.75 -13.33 4.47
N PRO B 113 3.86 -14.06 4.42
CA PRO B 113 5.04 -13.60 3.67
C PRO B 113 4.80 -13.51 2.17
N ALA B 114 3.89 -14.32 1.64
CA ALA B 114 3.56 -14.23 0.23
C ALA B 114 2.90 -12.90 -0.06
N LEU B 115 2.00 -12.50 0.83
CA LEU B 115 1.35 -11.19 0.67
C LEU B 115 2.37 -10.09 0.85
N LEU B 116 3.31 -10.26 1.78
CA LEU B 116 4.33 -9.23 1.99
C LEU B 116 5.20 -9.05 0.73
N ALA B 117 5.54 -10.17 0.09
CA ALA B 117 6.30 -10.10 -1.17
C ALA B 117 5.46 -9.44 -2.27
N GLU B 118 4.18 -9.80 -2.36
CA GLU B 118 3.28 -9.19 -3.32
C GLU B 118 3.19 -7.66 -3.15
N LEU B 119 3.02 -7.21 -1.90
CA LEU B 119 2.82 -5.76 -1.67
C LEU B 119 4.11 -4.94 -1.75
N THR B 120 5.23 -5.53 -1.36
CA THR B 120 6.50 -4.79 -1.30
C THR B 120 7.30 -4.86 -2.60
N GLY B 121 7.12 -5.95 -3.34
CA GLY B 121 7.90 -6.19 -4.54
C GLY B 121 9.33 -6.63 -4.23
N ILE B 122 9.54 -7.10 -3.00
CA ILE B 122 10.87 -7.53 -2.58
C ILE B 122 10.80 -8.98 -2.09
N ASP B 123 11.82 -9.79 -2.39
CA ASP B 123 11.89 -11.14 -1.86
C ASP B 123 11.80 -11.12 -0.33
N VAL B 124 11.01 -12.03 0.23
CA VAL B 124 10.85 -12.09 1.67
C VAL B 124 11.41 -13.39 2.22
N VAL B 125 12.24 -13.30 3.25
CA VAL B 125 12.64 -14.49 4.00
C VAL B 125 11.96 -14.39 5.36
N ALA B 126 11.24 -15.43 5.74
CA ALA B 126 10.44 -15.42 6.97
C ALA B 126 10.43 -16.80 7.60
N ASP B 127 9.63 -16.95 8.65
CA ASP B 127 9.44 -18.24 9.32
C ASP B 127 10.75 -18.81 9.83
N PHE B 128 11.53 -17.97 10.51
CA PHE B 128 12.88 -18.34 10.93
C PHE B 128 12.94 -19.34 12.06
N ARG B 129 11.92 -19.36 12.91
CA ARG B 129 11.99 -20.19 14.11
C ARG B 129 11.69 -21.66 13.83
N ARG B 130 10.88 -21.94 12.81
CA ARG B 130 10.37 -23.30 12.63
C ARG B 130 11.43 -24.37 12.34
N ARG B 131 12.50 -24.03 11.62
CA ARG B 131 13.52 -25.05 11.38
C ARG B 131 14.29 -25.40 12.66
N ASP B 132 14.50 -24.39 13.51
CA ASP B 132 15.20 -24.65 14.75
C ASP B 132 14.38 -25.58 15.64
N VAL B 133 13.08 -25.32 15.72
CA VAL B 133 12.17 -26.20 16.47
C VAL B 133 12.13 -27.58 15.85
N ALA B 134 12.10 -27.63 14.53
CA ALA B 134 12.08 -28.92 13.82
C ALA B 134 13.32 -29.74 14.15
N ALA B 135 14.42 -29.07 14.47
CA ALA B 135 15.66 -29.75 14.84
C ALA B 135 15.80 -29.91 16.35
N GLY B 136 14.68 -29.83 17.07
CA GLY B 136 14.66 -30.11 18.49
C GLY B 136 14.97 -28.93 19.39
N GLY B 137 15.09 -27.74 18.79
CA GLY B 137 15.40 -26.54 19.56
C GLY B 137 14.19 -25.80 20.09
N GLN B 138 14.43 -24.73 20.84
CA GLN B 138 13.38 -23.90 21.41
C GLN B 138 12.89 -22.83 20.43
N GLY B 139 13.61 -22.68 19.32
CA GLY B 139 13.24 -21.70 18.31
C GLY B 139 13.53 -20.27 18.78
N ALA B 140 14.29 -20.18 19.86
CA ALA B 140 14.58 -18.91 20.50
C ALA B 140 15.62 -19.14 21.58
N PRO B 141 16.42 -18.10 21.88
CA PRO B 141 16.41 -16.81 21.18
C PRO B 141 17.21 -16.91 19.89
N LEU B 142 16.88 -16.07 18.90
CA LEU B 142 17.58 -16.09 17.62
C LEU B 142 18.70 -15.07 17.54
N VAL B 143 18.54 -13.94 18.22
CA VAL B 143 19.51 -12.86 18.13
C VAL B 143 20.98 -13.19 18.54
N PRO B 144 21.20 -14.14 19.47
CA PRO B 144 22.61 -14.39 19.80
C PRO B 144 23.53 -14.79 18.65
N ALA B 145 22.97 -15.44 17.62
CA ALA B 145 23.78 -15.77 16.44
C ALA B 145 24.23 -14.51 15.74
N PHE B 146 23.37 -13.48 15.72
CA PHE B 146 23.71 -12.18 15.15
C PHE B 146 24.75 -11.46 16.02
N HIS B 147 24.51 -11.49 17.33
CA HIS B 147 25.48 -10.96 18.30
C HIS B 147 26.87 -11.57 18.07
N GLN B 148 26.91 -12.87 17.84
CA GLN B 148 28.16 -13.57 17.58
C GLN B 148 28.87 -13.04 16.35
N ALA B 149 28.12 -12.90 15.26
CA ALA B 149 28.67 -12.42 14.00
C ALA B 149 29.21 -11.00 14.11
N LEU B 150 28.56 -10.19 14.94
CA LEU B 150 28.95 -8.80 15.10
C LEU B 150 30.17 -8.61 15.99
N PHE B 151 30.18 -9.32 17.11
CA PHE B 151 31.04 -8.95 18.22
C PHE B 151 31.92 -10.10 18.70
N GLY B 152 31.68 -11.30 18.16
CA GLY B 152 32.49 -12.43 18.57
C GLY B 152 33.90 -12.12 18.11
N ASP B 153 34.88 -12.45 18.93
CA ASP B 153 36.24 -12.03 18.65
C ASP B 153 37.18 -13.07 19.24
N ASP B 154 38.37 -13.17 18.66
CA ASP B 154 39.36 -14.15 19.09
C ASP B 154 39.99 -13.85 20.46
N ASP B 155 39.73 -12.68 21.05
CA ASP B 155 40.45 -12.30 22.26
C ASP B 155 39.67 -11.60 23.38
N THR B 156 38.35 -11.48 23.27
CA THR B 156 37.64 -10.69 24.26
C THR B 156 36.40 -11.40 24.83
N SER B 157 36.31 -11.45 26.15
CA SER B 157 35.12 -11.94 26.82
C SER B 157 34.12 -10.81 26.78
N ARG B 158 32.99 -11.03 26.11
CA ARG B 158 31.98 -9.99 26.01
C ARG B 158 30.61 -10.48 26.43
N ALA B 159 29.78 -9.54 26.87
CA ALA B 159 28.38 -9.82 27.10
C ALA B 159 27.60 -8.82 26.26
N VAL B 160 26.67 -9.33 25.46
CA VAL B 160 25.79 -8.45 24.71
C VAL B 160 24.47 -8.48 25.44
N LEU B 161 24.11 -7.35 26.02
CA LEU B 161 22.99 -7.28 26.94
C LEU B 161 21.86 -6.48 26.36
N ASN B 162 20.73 -7.14 26.12
CA ASN B 162 19.54 -6.45 25.63
C ASN B 162 18.62 -6.10 26.78
N ILE B 163 18.39 -4.80 26.95
CA ILE B 163 17.48 -4.33 27.98
C ILE B 163 16.21 -3.76 27.38
N GLY B 164 15.15 -4.58 27.35
CA GLY B 164 13.82 -4.12 26.97
C GLY B 164 12.96 -4.00 28.21
N GLY B 165 11.71 -4.45 28.13
CA GLY B 165 10.91 -4.58 29.33
C GLY B 165 11.65 -5.54 30.25
N PHE B 166 12.16 -6.61 29.64
CA PHE B 166 13.05 -7.54 30.32
C PHE B 166 14.45 -7.57 29.74
N SER B 167 15.36 -8.19 30.46
CA SER B 167 16.77 -8.25 30.07
C SER B 167 17.19 -9.65 29.67
N ASN B 168 17.98 -9.73 28.61
CA ASN B 168 18.59 -10.99 28.18
C ASN B 168 20.01 -10.76 27.64
N VAL B 169 20.87 -11.76 27.79
CA VAL B 169 22.28 -11.59 27.47
C VAL B 169 22.83 -12.71 26.59
N SER B 170 23.73 -12.34 25.70
CA SER B 170 24.52 -13.29 24.94
C SER B 170 25.93 -13.26 25.47
N LEU B 171 26.45 -14.42 25.87
CA LEU B 171 27.81 -14.47 26.36
C LEU B 171 28.74 -14.99 25.27
N LEU B 172 29.69 -14.16 24.88
CA LEU B 172 30.66 -14.47 23.83
C LEU B 172 32.05 -14.64 24.42
N SER B 173 32.44 -15.89 24.65
CA SER B 173 33.75 -16.17 25.22
C SER B 173 34.58 -16.86 24.16
N PRO B 174 35.78 -16.32 23.88
CA PRO B 174 36.72 -16.85 22.88
C PRO B 174 37.08 -18.29 23.17
N GLY B 175 37.01 -19.16 22.17
CA GLY B 175 37.36 -20.55 22.34
C GLY B 175 36.25 -21.28 23.10
N LYS B 176 35.14 -20.58 23.32
CA LYS B 176 34.00 -21.13 24.03
C LYS B 176 32.72 -20.98 23.19
N PRO B 177 31.71 -21.81 23.47
CA PRO B 177 30.40 -21.71 22.80
C PRO B 177 29.67 -20.42 23.16
N VAL B 178 28.86 -19.90 22.24
CA VAL B 178 27.98 -18.78 22.55
C VAL B 178 26.95 -19.22 23.59
N ARG B 179 26.68 -18.39 24.58
CA ARG B 179 25.67 -18.71 25.59
C ARG B 179 24.63 -17.60 25.63
N GLY B 180 23.43 -17.95 26.08
CA GLY B 180 22.35 -16.98 26.19
C GLY B 180 21.38 -17.33 27.31
N PHE B 181 20.93 -16.29 28.00
CA PHE B 181 19.93 -16.39 29.03
C PHE B 181 19.29 -15.08 29.48
N ASP B 182 18.27 -15.20 30.30
CA ASP B 182 17.46 -14.08 30.70
C ASP B 182 17.85 -13.50 32.03
N CYS B 183 18.13 -12.22 32.07
CA CYS B 183 18.80 -11.63 33.20
C CYS B 183 17.90 -11.02 34.27
N GLY B 184 16.62 -11.00 34.03
CA GLY B 184 15.64 -10.44 34.94
C GLY B 184 14.94 -9.24 34.34
N PRO B 185 14.29 -8.43 35.20
CA PRO B 185 13.57 -7.26 34.70
C PRO B 185 14.50 -6.20 34.11
N GLY B 186 14.02 -5.50 33.09
CA GLY B 186 14.74 -4.38 32.52
C GLY B 186 14.01 -3.09 32.85
N ASN B 187 13.23 -2.58 31.89
CA ASN B 187 12.49 -1.34 32.08
C ASN B 187 11.06 -1.52 32.59
N VAL B 188 10.61 -2.77 32.67
CA VAL B 188 9.18 -3.04 32.87
C VAL B 188 8.56 -2.33 34.08
N LEU B 189 9.23 -2.37 35.23
CA LEU B 189 8.69 -1.78 36.44
C LEU B 189 8.87 -0.27 36.46
N MET B 190 10.02 0.22 35.99
CA MET B 190 10.25 1.65 35.93
C MET B 190 9.24 2.33 35.02
N ASP B 191 8.88 1.66 33.93
CA ASP B 191 7.90 2.17 32.98
C ASP B 191 6.51 2.22 33.61
N ALA B 192 6.13 1.11 34.26
CA ALA B 192 4.84 1.01 34.91
C ALA B 192 4.69 2.03 36.05
N TRP B 193 5.75 2.21 36.81
CA TRP B 193 5.70 3.11 37.97
C TRP B 193 5.60 4.57 37.54
N ILE B 194 6.44 4.99 36.59
CA ILE B 194 6.36 6.37 36.12
C ILE B 194 5.06 6.66 35.34
N HIS B 195 4.51 5.65 34.67
CA HIS B 195 3.23 5.85 33.98
C HIS B 195 2.13 6.06 35.00
N HIS B 196 2.13 5.22 36.03
CA HIS B 196 1.14 5.32 37.11
C HIS B 196 1.22 6.64 37.88
N GLN B 197 2.44 7.14 38.08
CA GLN B 197 2.63 8.29 38.96
C GLN B 197 2.66 9.63 38.23
N ARG B 198 3.08 9.61 36.97
CA ARG B 198 3.27 10.86 36.24
C ARG B 198 2.68 10.85 34.84
N GLY B 199 2.12 9.71 34.44
CA GLY B 199 1.51 9.59 33.13
C GLY B 199 2.52 9.63 32.00
N GLU B 200 3.78 9.34 32.31
CA GLU B 200 4.81 9.28 31.28
C GLU B 200 4.95 7.86 30.78
N HIS B 201 5.33 7.71 29.51
CA HIS B 201 5.46 6.38 28.94
C HIS B 201 6.70 5.70 29.53
N PHE B 202 7.75 6.47 29.74
CA PHE B 202 8.96 5.97 30.37
C PHE B 202 9.74 7.10 31.04
N ASP B 203 10.81 6.72 31.74
CA ASP B 203 11.62 7.67 32.49
C ASP B 203 12.82 8.09 31.64
N ARG B 204 12.66 9.20 30.92
CA ARG B 204 13.67 9.66 29.97
C ARG B 204 15.01 9.93 30.62
N ASP B 205 16.04 9.27 30.10
CA ASP B 205 17.40 9.33 30.62
C ASP B 205 17.49 8.76 32.04
N GLY B 206 16.39 8.19 32.53
CA GLY B 206 16.35 7.74 33.91
C GLY B 206 16.43 8.90 34.90
N ALA B 207 16.08 10.11 34.47
CA ALA B 207 16.26 11.29 35.31
C ALA B 207 15.42 11.29 36.58
N TRP B 208 14.23 10.70 36.51
CA TRP B 208 13.35 10.67 37.67
C TRP B 208 13.94 9.75 38.72
N ALA B 209 14.35 8.56 38.28
CA ALA B 209 15.06 7.62 39.13
C ALA B 209 16.29 8.27 39.75
N ALA B 210 17.04 9.00 38.94
CA ALA B 210 18.27 9.65 39.42
C ALA B 210 17.98 10.72 40.46
N SER B 211 16.78 11.29 40.42
CA SER B 211 16.40 12.34 41.37
C SER B 211 16.02 11.74 42.73
N GLY B 212 15.76 10.43 42.72
CA GLY B 212 15.36 9.74 43.93
C GLY B 212 16.55 9.15 44.67
N GLN B 213 16.25 8.47 45.78
CA GLN B 213 17.26 7.81 46.59
C GLN B 213 16.88 6.35 46.83
N VAL B 214 17.81 5.42 46.58
CA VAL B 214 17.54 4.00 46.80
C VAL B 214 17.16 3.72 48.25
N ASN B 215 16.05 2.99 48.45
CA ASN B 215 15.68 2.52 49.76
C ASN B 215 16.12 1.08 49.90
N HIS B 216 17.08 0.84 50.80
CA HIS B 216 17.71 -0.47 50.87
C HIS B 216 16.81 -1.56 51.44
N ALA B 217 15.90 -1.17 52.34
CA ALA B 217 14.92 -2.10 52.89
C ALA B 217 13.98 -2.59 51.81
N LEU B 218 13.45 -1.66 51.01
CA LEU B 218 12.57 -2.00 49.90
C LEU B 218 13.30 -2.85 48.87
N LEU B 219 14.53 -2.46 48.54
CA LEU B 219 15.35 -3.20 47.58
C LEU B 219 15.52 -4.65 48.04
N ALA B 220 15.80 -4.82 49.33
CA ALA B 220 16.00 -6.15 49.88
C ALA B 220 14.74 -6.99 49.80
N SER B 221 13.58 -6.37 50.04
CA SER B 221 12.32 -7.08 49.93
C SER B 221 12.08 -7.53 48.49
N LEU B 222 12.28 -6.61 47.55
CA LEU B 222 12.08 -6.90 46.14
C LEU B 222 13.00 -8.02 45.65
N LEU B 223 14.26 -7.96 46.07
CA LEU B 223 15.27 -8.92 45.65
C LEU B 223 15.03 -10.29 46.27
N ALA B 224 14.16 -10.32 47.28
CA ALA B 224 13.89 -11.55 48.01
C ALA B 224 12.75 -12.32 47.35
N ASP B 225 12.19 -11.77 46.28
CA ASP B 225 11.17 -12.48 45.51
C ASP B 225 11.76 -13.75 44.90
N PHE B 241 6.18 -9.67 37.06
CA PHE B 241 6.54 -8.29 37.41
C PHE B 241 5.57 -7.29 36.81
N ASN B 242 4.68 -6.78 37.63
CA ASN B 242 3.69 -5.82 37.19
C ASN B 242 3.37 -4.82 38.30
N LEU B 243 2.52 -3.85 37.98
CA LEU B 243 2.22 -2.80 38.94
C LEU B 243 1.55 -3.32 40.23
N PRO B 244 0.52 -4.20 40.10
CA PRO B 244 -0.03 -4.76 41.34
C PRO B 244 1.01 -5.52 42.18
N TRP B 245 1.97 -6.18 41.53
CA TRP B 245 3.03 -6.89 42.23
C TRP B 245 3.87 -5.92 43.06
N LEU B 246 4.18 -4.76 42.49
CA LEU B 246 4.93 -3.74 43.20
C LEU B 246 4.10 -3.13 44.32
N GLN B 247 2.84 -2.80 44.02
CA GLN B 247 1.97 -2.18 45.02
C GLN B 247 1.84 -3.04 46.25
N GLU B 248 1.82 -4.36 46.05
CA GLU B 248 1.75 -5.32 47.15
C GLU B 248 2.99 -5.21 48.03
N HIS B 249 4.15 -5.03 47.40
CA HIS B 249 5.40 -4.89 48.15
C HIS B 249 5.44 -3.57 48.92
N LEU B 250 4.92 -2.51 48.31
CA LEU B 250 4.97 -1.19 48.92
C LEU B 250 4.09 -1.16 50.16
N ALA B 251 3.08 -2.02 50.18
CA ALA B 251 2.17 -2.13 51.32
C ALA B 251 2.88 -2.58 52.60
N ARG B 252 3.97 -3.34 52.44
CA ARG B 252 4.73 -3.86 53.59
C ARG B 252 5.82 -2.90 54.06
N HIS B 253 5.80 -1.68 53.54
CA HIS B 253 6.81 -0.68 53.86
C HIS B 253 6.14 0.67 54.11
N PRO B 254 6.77 1.51 54.95
CA PRO B 254 6.22 2.85 55.17
C PRO B 254 6.15 3.62 53.86
N ALA B 255 5.44 4.76 53.87
CA ALA B 255 5.17 5.50 52.65
C ALA B 255 6.45 6.18 52.15
N LEU B 256 6.84 5.83 50.93
CA LEU B 256 8.09 6.28 50.32
C LEU B 256 7.84 7.34 49.25
N PRO B 257 8.76 8.30 49.11
CA PRO B 257 8.62 9.23 47.98
C PRO B 257 8.62 8.43 46.69
N ALA B 258 7.80 8.84 45.74
CA ALA B 258 7.66 8.09 44.50
C ALA B 258 8.98 7.97 43.77
N ALA B 259 9.80 9.01 43.86
CA ALA B 259 11.09 9.01 43.19
C ALA B 259 12.05 8.00 43.84
N ASP B 260 11.91 7.78 45.13
CA ASP B 260 12.75 6.81 45.83
C ASP B 260 12.40 5.40 45.40
N ILE B 261 11.10 5.16 45.19
CA ILE B 261 10.66 3.89 44.66
C ILE B 261 11.24 3.67 43.26
N GLN B 262 11.20 4.70 42.43
CA GLN B 262 11.78 4.62 41.09
C GLN B 262 13.29 4.34 41.16
N ALA B 263 13.99 5.03 42.05
CA ALA B 263 15.42 4.79 42.23
C ALA B 263 15.68 3.36 42.69
N THR B 264 14.81 2.86 43.55
CA THR B 264 14.95 1.51 44.06
C THR B 264 14.65 0.49 42.95
N LEU B 265 13.70 0.81 42.08
CA LEU B 265 13.39 -0.07 40.95
C LEU B 265 14.54 -0.14 39.96
N LEU B 266 15.22 0.98 39.73
CA LEU B 266 16.38 1.00 38.86
C LEU B 266 17.46 0.12 39.47
N GLU B 267 17.68 0.26 40.77
CA GLU B 267 18.70 -0.52 41.46
C GLU B 267 18.38 -2.01 41.43
N LEU B 268 17.08 -2.33 41.47
CA LEU B 268 16.65 -3.72 41.33
C LEU B 268 17.10 -4.32 40.00
N SER B 269 16.84 -3.62 38.91
CA SER B 269 17.28 -4.09 37.61
C SER B 269 18.81 -4.14 37.51
N ALA B 270 19.49 -3.12 38.03
CA ALA B 270 20.94 -3.06 37.91
C ALA B 270 21.61 -4.20 38.64
N ARG B 271 21.13 -4.49 39.84
CA ARG B 271 21.71 -5.59 40.63
C ARG B 271 21.36 -6.96 40.08
N SER B 272 20.12 -7.14 39.63
CA SER B 272 19.72 -8.45 39.13
C SER B 272 20.48 -8.77 37.86
N ILE B 273 20.66 -7.77 36.99
CA ILE B 273 21.42 -7.93 35.77
C ILE B 273 22.88 -8.21 36.05
N SER B 274 23.51 -7.36 36.85
CA SER B 274 24.94 -7.49 37.09
C SER B 274 25.28 -8.80 37.78
N GLU B 275 24.44 -9.21 38.73
CA GLU B 275 24.67 -10.45 39.47
C GLU B 275 24.54 -11.71 38.59
N SER B 276 23.54 -11.75 37.72
CA SER B 276 23.40 -12.90 36.83
C SER B 276 24.55 -12.91 35.82
N LEU B 277 24.86 -11.74 35.29
CA LEU B 277 25.93 -11.59 34.30
C LEU B 277 27.30 -12.00 34.88
N LEU B 278 27.63 -11.47 36.06
CA LEU B 278 28.93 -11.77 36.66
C LEU B 278 29.06 -13.20 37.16
N ASP B 279 27.94 -13.79 37.57
CA ASP B 279 27.94 -15.19 38.02
C ASP B 279 28.24 -16.13 36.86
N ALA B 280 27.76 -15.78 35.66
CA ALA B 280 27.93 -16.63 34.49
C ALA B 280 29.24 -16.34 33.76
N GLN B 281 29.71 -15.10 33.86
CA GLN B 281 30.91 -14.67 33.14
C GLN B 281 31.72 -13.73 34.01
N PRO B 282 32.39 -14.27 35.03
CA PRO B 282 33.12 -13.46 36.02
C PRO B 282 34.22 -12.61 35.40
N ASP B 283 34.79 -13.10 34.30
CA ASP B 283 35.93 -12.46 33.65
C ASP B 283 35.51 -11.52 32.53
N CYS B 284 34.23 -11.16 32.52
CA CYS B 284 33.68 -10.28 31.49
C CYS B 284 34.50 -8.99 31.33
N GLU B 285 34.91 -8.71 30.10
CA GLU B 285 35.74 -7.55 29.83
C GLU B 285 34.94 -6.39 29.24
N GLU B 286 33.84 -6.72 28.56
CA GLU B 286 33.00 -5.71 27.93
C GLU B 286 31.54 -6.14 27.99
N VAL B 287 30.69 -5.21 28.42
CA VAL B 287 29.25 -5.40 28.38
C VAL B 287 28.73 -4.42 27.35
N LEU B 288 28.13 -4.96 26.29
CA LEU B 288 27.65 -4.14 25.20
C LEU B 288 26.13 -4.09 25.32
N VAL B 289 25.58 -2.90 25.54
CA VAL B 289 24.18 -2.81 25.89
C VAL B 289 23.34 -2.32 24.73
N CYS B 290 22.29 -3.07 24.44
CA CYS B 290 21.34 -2.68 23.41
C CYS B 290 19.92 -2.73 23.97
N GLY B 291 18.93 -2.45 23.13
CA GLY B 291 17.57 -2.24 23.57
C GLY B 291 17.41 -0.85 24.17
N GLY B 292 16.18 -0.47 24.50
CA GLY B 292 15.93 0.89 24.96
C GLY B 292 16.59 1.24 26.28
N GLY B 293 16.93 0.22 27.07
CA GLY B 293 17.59 0.44 28.34
C GLY B 293 18.95 1.09 28.17
N ALA B 294 19.52 0.97 26.98
CA ALA B 294 20.81 1.59 26.69
C ALA B 294 20.71 3.10 26.75
N PHE B 295 19.50 3.63 26.61
CA PHE B 295 19.27 5.08 26.65
C PHE B 295 19.03 5.58 28.06
N ASN B 296 18.86 4.66 29.00
CA ASN B 296 18.64 5.06 30.38
C ASN B 296 19.99 5.34 31.03
N THR B 297 20.38 6.61 30.99
CA THR B 297 21.69 7.05 31.46
C THR B 297 21.93 6.64 32.90
N ALA B 298 20.90 6.76 33.73
CA ALA B 298 21.02 6.41 35.13
C ALA B 298 21.25 4.90 35.30
N LEU B 299 20.56 4.08 34.53
CA LEU B 299 20.75 2.64 34.61
C LEU B 299 22.14 2.24 34.12
N MET B 300 22.57 2.82 33.01
CA MET B 300 23.89 2.52 32.46
C MET B 300 24.96 2.88 33.46
N LYS B 301 24.76 3.99 34.16
CA LYS B 301 25.75 4.41 35.17
C LYS B 301 25.83 3.38 36.30
N ARG B 302 24.68 2.87 36.74
CA ARG B 302 24.70 1.88 37.82
C ARG B 302 25.29 0.55 37.37
N LEU B 303 24.98 0.10 36.15
CA LEU B 303 25.57 -1.14 35.64
C LEU B 303 27.09 -1.05 35.59
N ALA B 304 27.59 0.10 35.13
CA ALA B 304 29.03 0.28 35.09
C ALA B 304 29.68 0.26 36.47
N MET B 305 28.98 0.79 37.48
CA MET B 305 29.53 0.78 38.85
C MET B 305 29.52 -0.62 39.42
N LEU B 306 28.50 -1.40 39.07
CA LEU B 306 28.33 -2.75 39.61
C LEU B 306 29.19 -3.78 38.86
N MET B 307 29.71 -3.39 37.71
CA MET B 307 30.62 -4.24 36.96
C MET B 307 31.91 -3.49 36.64
N PRO B 308 32.69 -3.15 37.68
CA PRO B 308 33.82 -2.23 37.52
C PRO B 308 34.99 -2.78 36.71
N GLU B 309 35.03 -4.09 36.49
CA GLU B 309 36.13 -4.68 35.75
C GLU B 309 35.79 -4.79 34.27
N ALA B 310 34.57 -4.43 33.92
CA ALA B 310 34.14 -4.50 32.54
C ALA B 310 33.87 -3.10 32.02
N ARG B 311 34.11 -2.90 30.74
CA ARG B 311 33.70 -1.67 30.09
C ARG B 311 32.24 -1.86 29.71
N VAL B 312 31.37 -0.99 30.24
CA VAL B 312 29.94 -1.09 29.99
C VAL B 312 29.56 0.07 29.10
N ALA B 313 29.11 -0.24 27.88
CA ALA B 313 28.82 0.80 26.92
C ALA B 313 27.72 0.38 25.97
N SER B 314 27.08 1.38 25.37
CA SER B 314 26.07 1.13 24.35
C SER B 314 26.68 0.47 23.12
N THR B 315 25.91 -0.37 22.44
CA THR B 315 26.38 -0.98 21.19
C THR B 315 26.71 0.07 20.14
N ASP B 316 26.22 1.30 20.33
CA ASP B 316 26.50 2.39 19.41
C ASP B 316 28.01 2.63 19.27
N GLU B 317 28.74 2.39 20.37
CA GLU B 317 30.19 2.56 20.37
C GLU B 317 30.88 1.47 19.56
N TYR B 318 30.10 0.46 19.15
CA TYR B 318 30.64 -0.67 18.42
C TYR B 318 30.00 -0.70 17.03
N GLY B 319 29.31 0.39 16.69
CA GLY B 319 28.69 0.55 15.38
C GLY B 319 27.28 0.00 15.17
N ILE B 320 26.60 -0.40 16.24
CA ILE B 320 25.22 -0.89 16.14
C ILE B 320 24.27 -0.09 17.04
N PRO B 321 23.37 0.69 16.44
CA PRO B 321 22.43 1.49 17.25
C PRO B 321 21.56 0.60 18.13
N PRO B 322 21.51 0.89 19.44
CA PRO B 322 20.87 -0.02 20.39
C PRO B 322 19.37 -0.25 20.14
N ALA B 323 18.67 0.73 19.56
CA ALA B 323 17.24 0.54 19.34
C ALA B 323 16.97 -0.35 18.16
N TRP B 324 17.99 -0.62 17.34
CA TRP B 324 17.71 -1.24 16.05
C TRP B 324 18.39 -2.59 15.92
N MET B 325 18.95 -3.07 17.02
CA MET B 325 19.65 -4.36 17.06
C MET B 325 18.79 -5.52 16.61
N GLU B 326 17.58 -5.57 17.17
CA GLU B 326 16.69 -6.68 16.87
C GLU B 326 16.25 -6.68 15.41
N GLY B 327 15.87 -5.53 14.89
CA GLY B 327 15.48 -5.45 13.48
C GLY B 327 16.62 -5.84 12.57
N MET B 328 17.81 -5.37 12.91
CA MET B 328 19.01 -5.69 12.14
C MET B 328 19.31 -7.18 12.14
N ALA B 329 19.00 -7.85 13.25
CA ALA B 329 19.19 -9.30 13.32
C ALA B 329 18.38 -10.02 12.26
N PHE B 330 17.16 -9.55 12.01
CA PHE B 330 16.30 -10.22 11.03
C PHE B 330 16.69 -9.94 9.59
N ALA B 331 17.19 -8.73 9.36
CA ALA B 331 17.79 -8.42 8.06
C ALA B 331 18.98 -9.34 7.83
N TRP B 332 19.81 -9.49 8.86
CA TRP B 332 20.97 -10.38 8.78
C TRP B 332 20.55 -11.81 8.52
N LEU B 333 19.49 -12.27 9.17
CA LEU B 333 19.00 -13.63 8.93
C LEU B 333 18.57 -13.87 7.48
N ALA B 334 18.02 -12.84 6.81
CA ALA B 334 17.69 -12.99 5.39
C ALA B 334 18.97 -13.22 4.59
N HIS B 335 20.01 -12.46 4.92
CA HIS B 335 21.32 -12.67 4.29
C HIS B 335 21.83 -14.09 4.53
N ARG B 336 21.75 -14.56 5.78
CA ARG B 336 22.27 -15.90 6.09
C ARG B 336 21.53 -16.97 5.29
N PHE B 337 20.22 -16.79 5.17
CA PHE B 337 19.43 -17.71 4.36
C PHE B 337 19.92 -17.78 2.93
N LEU B 338 20.08 -16.62 2.30
CA LEU B 338 20.44 -16.58 0.89
C LEU B 338 21.85 -17.10 0.67
N GLU B 339 22.71 -16.94 1.68
CA GLU B 339 24.09 -17.45 1.60
C GLU B 339 24.22 -18.90 2.07
N ARG B 340 23.09 -19.48 2.50
CA ARG B 340 23.07 -20.86 3.03
C ARG B 340 24.07 -21.06 4.15
N LEU B 341 24.12 -20.08 5.06
CA LEU B 341 24.91 -20.15 6.26
C LEU B 341 23.97 -20.34 7.43
N PRO B 342 24.44 -20.99 8.50
CA PRO B 342 23.53 -21.24 9.62
C PRO B 342 23.08 -19.98 10.33
N GLY B 343 21.84 -20.03 10.82
CA GLY B 343 21.22 -18.86 11.40
C GLY B 343 20.94 -19.03 12.87
N ASN B 344 21.03 -20.26 13.38
CA ASN B 344 20.77 -20.48 14.79
C ASN B 344 22.06 -20.65 15.57
N CYS B 345 21.92 -20.69 16.89
CA CYS B 345 23.03 -21.00 17.77
C CYS B 345 22.56 -22.16 18.63
N PRO B 346 22.85 -23.39 18.19
CA PRO B 346 22.26 -24.57 18.84
C PRO B 346 22.64 -24.72 20.32
N ASP B 347 23.81 -24.23 20.72
CA ASP B 347 24.15 -24.20 22.13
C ASP B 347 23.17 -23.34 22.94
N VAL B 348 22.53 -22.36 22.30
CA VAL B 348 21.57 -21.54 23.03
C VAL B 348 20.13 -22.00 22.82
N THR B 349 19.82 -22.52 21.64
CA THR B 349 18.44 -22.97 21.34
C THR B 349 18.17 -24.41 21.74
N GLY B 350 19.22 -25.22 21.80
CA GLY B 350 19.08 -26.63 22.15
C GLY B 350 18.84 -27.52 20.94
N ALA B 351 18.86 -26.94 19.74
CA ALA B 351 18.71 -27.71 18.51
C ALA B 351 19.83 -28.73 18.32
N LEU B 352 19.57 -29.72 17.48
CA LEU B 352 20.53 -30.78 17.21
C LEU B 352 21.85 -30.28 16.64
N GLY B 353 21.81 -29.16 15.95
CA GLY B 353 22.99 -28.62 15.30
C GLY B 353 22.66 -27.36 14.55
N PRO B 354 23.65 -26.80 13.84
CA PRO B 354 23.44 -25.59 13.04
C PRO B 354 22.43 -25.87 11.93
N ARG B 355 21.59 -24.89 11.64
CA ARG B 355 20.58 -25.04 10.59
C ARG B 355 20.46 -23.73 9.82
N THR B 356 20.17 -23.82 8.52
CA THR B 356 19.73 -22.66 7.75
C THR B 356 18.30 -22.38 8.18
N LEU B 357 18.04 -21.15 8.58
CA LEU B 357 16.72 -20.76 9.10
C LEU B 357 15.91 -19.97 8.12
N GLY B 358 14.62 -20.23 8.10
CA GLY B 358 13.71 -19.42 7.30
C GLY B 358 13.23 -20.06 6.02
N ALA B 359 12.38 -19.32 5.31
CA ALA B 359 11.80 -19.76 4.05
C ALA B 359 11.72 -18.59 3.11
N LEU B 360 11.98 -18.84 1.83
CA LEU B 360 11.99 -17.77 0.82
C LEU B 360 10.68 -17.66 0.04
N TYR B 361 10.08 -16.47 0.08
CA TYR B 361 8.91 -16.13 -0.72
C TYR B 361 9.36 -15.04 -1.69
N PRO B 362 9.68 -15.44 -2.93
CA PRO B 362 10.25 -14.49 -3.89
C PRO B 362 9.22 -13.49 -4.37
N ALA B 363 9.69 -12.27 -4.67
CA ALA B 363 8.82 -11.31 -5.27
C ALA B 363 8.40 -11.77 -6.68
N GLY B 364 9.35 -12.29 -7.44
CA GLY B 364 9.04 -12.78 -8.79
C GLY B 364 8.71 -11.66 -9.75
N PRO C 2 -12.37 20.85 18.71
CA PRO C 2 -11.69 19.60 18.33
C PRO C 2 -10.18 19.78 18.38
N ARG C 3 -9.41 18.70 18.19
CA ARG C 3 -7.95 18.81 18.15
C ARG C 3 -7.44 18.78 16.69
N TYR C 4 -6.43 19.60 16.39
CA TYR C 4 -5.90 19.67 15.01
C TYR C 4 -4.39 19.66 15.01
N LEU C 5 -3.81 19.07 13.99
CA LEU C 5 -2.37 19.18 13.76
C LEU C 5 -2.10 20.27 12.75
N GLY C 6 -0.96 20.95 12.91
CA GLY C 6 -0.52 21.95 11.95
C GLY C 6 0.88 21.62 11.51
N LEU C 7 1.16 21.77 10.21
CA LEU C 7 2.46 21.41 9.64
C LEU C 7 3.01 22.59 8.89
N MET C 8 4.16 23.07 9.33
CA MET C 8 4.78 24.24 8.74
C MET C 8 6.20 23.90 8.32
N SER C 9 6.57 24.35 7.14
CA SER C 9 7.96 24.29 6.71
C SER C 9 8.17 25.54 5.87
N GLY C 10 8.83 26.53 6.44
CA GLY C 10 9.03 27.80 5.77
C GLY C 10 10.11 27.76 4.70
N THR C 11 10.41 28.92 4.13
CA THR C 11 11.39 28.98 3.05
C THR C 11 12.86 28.90 3.50
N SER C 12 13.10 28.88 4.81
CA SER C 12 14.45 28.69 5.34
C SER C 12 14.93 27.23 5.29
N LEU C 13 13.99 26.29 5.32
CA LEU C 13 14.28 24.87 5.06
C LEU C 13 15.17 24.16 6.08
N ASP C 14 15.14 24.60 7.34
CA ASP C 14 15.91 23.92 8.38
C ASP C 14 15.21 22.64 8.84
N GLY C 15 13.90 22.69 8.93
CA GLY C 15 13.14 21.54 9.39
C GLY C 15 11.66 21.80 9.37
N MET C 16 10.90 20.87 9.87
CA MET C 16 9.46 20.95 9.89
C MET C 16 8.93 21.16 11.26
N ASP C 17 8.01 22.10 11.39
CA ASP C 17 7.30 22.33 12.62
C ASP C 17 6.00 21.54 12.59
N ILE C 18 5.75 20.81 13.66
CA ILE C 18 4.49 20.09 13.80
C ILE C 18 3.85 20.52 15.12
N VAL C 19 2.61 20.99 15.07
CA VAL C 19 1.96 21.41 16.31
C VAL C 19 0.61 20.72 16.48
N LEU C 20 0.19 20.59 17.72
CA LEU C 20 -1.14 20.04 18.01
C LEU C 20 -1.86 21.09 18.82
N ILE C 21 -3.00 21.53 18.34
CA ILE C 21 -3.78 22.53 19.06
C ILE C 21 -5.09 21.92 19.53
N GLU C 22 -5.65 22.51 20.56
CA GLU C 22 -7.06 22.31 20.87
C GLU C 22 -7.80 23.55 20.45
N GLN C 23 -8.90 23.37 19.72
CA GLN C 23 -9.66 24.49 19.24
C GLN C 23 -11.11 24.42 19.69
N GLY C 24 -11.57 25.48 20.32
CA GLY C 24 -12.97 25.65 20.65
C GLY C 24 -13.28 27.11 20.50
N ASP C 25 -13.65 27.72 21.62
CA ASP C 25 -13.81 29.17 21.72
C ASP C 25 -12.44 29.82 21.72
N ARG C 26 -11.45 29.07 22.17
CA ARG C 26 -10.08 29.56 22.21
C ARG C 26 -9.17 28.56 21.54
N THR C 27 -7.96 29.00 21.21
CA THR C 27 -6.92 28.14 20.65
C THR C 27 -5.83 27.92 21.68
N THR C 28 -5.49 26.65 21.95
CA THR C 28 -4.44 26.34 22.92
C THR C 28 -3.47 25.36 22.31
N LEU C 29 -2.18 25.51 22.61
CA LEU C 29 -1.19 24.52 22.16
C LEU C 29 -1.11 23.34 23.11
N LEU C 30 -1.32 22.15 22.58
CA LEU C 30 -1.22 20.91 23.36
C LEU C 30 0.18 20.31 23.27
N ALA C 31 0.81 20.40 22.10
CA ALA C 31 2.10 19.78 21.90
C ALA C 31 2.79 20.36 20.70
N SER C 32 4.11 20.21 20.65
CA SER C 32 4.86 20.68 19.49
C SER C 32 6.02 19.72 19.26
N HIS C 33 6.51 19.70 18.02
CA HIS C 33 7.61 18.84 17.64
C HIS C 33 8.31 19.46 16.44
N TYR C 34 9.62 19.33 16.43
CA TYR C 34 10.44 19.80 15.32
C TYR C 34 11.25 18.65 14.77
N LEU C 35 11.29 18.56 13.45
CA LEU C 35 12.00 17.48 12.79
C LEU C 35 12.93 18.13 11.78
N PRO C 36 14.25 17.92 11.95
CA PRO C 36 15.16 18.54 10.99
C PRO C 36 14.96 17.96 9.60
N MET C 37 15.18 18.79 8.59
CA MET C 37 15.07 18.35 7.22
C MET C 37 16.44 17.93 6.70
N PRO C 38 16.50 16.73 6.11
CA PRO C 38 17.75 16.21 5.55
C PRO C 38 18.35 17.15 4.51
N ALA C 39 19.66 17.24 4.47
CA ALA C 39 20.37 18.12 3.56
C ALA C 39 19.95 17.95 2.12
N GLY C 40 19.80 16.70 1.68
CA GLY C 40 19.42 16.42 0.31
C GLY C 40 18.06 16.98 -0.04
N LEU C 41 17.11 16.86 0.87
CA LEU C 41 15.77 17.36 0.64
C LEU C 41 15.79 18.89 0.57
N ARG C 42 16.52 19.54 1.46
CA ARG C 42 16.61 21.00 1.43
C ARG C 42 17.15 21.46 0.08
N GLU C 43 18.21 20.79 -0.37
CA GLU C 43 18.86 21.14 -1.64
C GLU C 43 17.91 21.00 -2.80
N ASP C 44 17.18 19.88 -2.83
CA ASP C 44 16.26 19.59 -3.93
C ASP C 44 15.07 20.54 -3.93
N ILE C 45 14.63 20.94 -2.76
CA ILE C 45 13.57 21.94 -2.65
C ILE C 45 14.07 23.30 -3.18
N LEU C 46 15.24 23.73 -2.72
CA LEU C 46 15.81 24.99 -3.18
C LEU C 46 15.97 25.05 -4.69
N ALA C 47 16.39 23.93 -5.28
CA ALA C 47 16.56 23.84 -6.72
C ALA C 47 15.26 23.99 -7.51
N LEU C 48 14.11 23.80 -6.84
CA LEU C 48 12.79 23.96 -7.47
C LEU C 48 12.23 25.35 -7.27
N CYS C 49 12.94 26.20 -6.53
CA CYS C 49 12.43 27.54 -6.23
C CYS C 49 12.75 28.56 -7.31
N VAL C 50 13.53 28.13 -8.30
CA VAL C 50 13.85 28.95 -9.46
C VAL C 50 13.61 28.15 -10.72
N PRO C 51 13.28 28.83 -11.83
CA PRO C 51 12.97 28.06 -13.03
C PRO C 51 14.10 27.12 -13.47
N GLY C 52 13.70 25.92 -13.85
CA GLY C 52 14.65 24.90 -14.25
C GLY C 52 14.01 23.81 -15.08
N PRO C 53 14.80 22.80 -15.44
CA PRO C 53 14.34 21.71 -16.31
C PRO C 53 13.55 20.64 -15.55
N ASP C 54 12.66 19.94 -16.26
CA ASP C 54 12.06 18.71 -15.76
C ASP C 54 11.35 18.89 -14.41
N GLU C 55 10.73 20.06 -14.20
CA GLU C 55 10.16 20.41 -12.91
C GLU C 55 8.99 19.57 -12.43
N ILE C 56 8.12 19.20 -13.36
CA ILE C 56 6.95 18.41 -12.98
C ILE C 56 7.39 17.12 -12.31
N ALA C 57 8.28 16.39 -12.98
CA ALA C 57 8.79 15.14 -12.45
C ALA C 57 9.61 15.35 -11.19
N ARG C 58 10.46 16.38 -11.19
CA ARG C 58 11.29 16.65 -10.03
C ARG C 58 10.45 16.99 -8.80
N ALA C 59 9.43 17.84 -8.98
CA ALA C 59 8.58 18.23 -7.84
C ALA C 59 7.79 17.05 -7.31
N ALA C 60 7.36 16.17 -8.20
CA ALA C 60 6.57 15.04 -7.73
C ALA C 60 7.40 14.14 -6.82
N GLU C 61 8.65 13.92 -7.18
CA GLU C 61 9.53 13.10 -6.35
C GLU C 61 9.92 13.81 -5.07
N VAL C 62 10.21 15.10 -5.17
CA VAL C 62 10.57 15.85 -3.98
C VAL C 62 9.42 15.89 -2.98
N GLU C 63 8.20 16.07 -3.48
CA GLU C 63 7.09 16.23 -2.55
C GLU C 63 6.76 14.95 -1.77
N GLN C 64 7.01 13.80 -2.37
CA GLN C 64 6.79 12.53 -1.67
C GLN C 64 7.74 12.36 -0.50
N ARG C 65 8.99 12.83 -0.66
CA ARG C 65 9.93 12.81 0.44
C ARG C 65 9.52 13.81 1.52
N TRP C 66 9.05 14.98 1.09
CA TRP C 66 8.52 15.98 2.00
C TRP C 66 7.37 15.36 2.80
N VAL C 67 6.48 14.65 2.11
CA VAL C 67 5.33 14.02 2.75
C VAL C 67 5.73 12.91 3.71
N ALA C 68 6.71 12.11 3.32
CA ALA C 68 7.21 11.06 4.20
C ALA C 68 7.77 11.69 5.47
N LEU C 69 8.47 12.80 5.32
CA LEU C 69 9.03 13.50 6.49
C LEU C 69 7.91 14.03 7.39
N ALA C 70 6.90 14.65 6.77
CA ALA C 70 5.75 15.16 7.51
C ALA C 70 5.06 14.03 8.25
N ALA C 71 4.89 12.90 7.58
CA ALA C 71 4.26 11.75 8.21
C ALA C 71 5.05 11.26 9.41
N GLN C 72 6.37 11.25 9.30
CA GLN C 72 7.22 10.84 10.40
C GLN C 72 7.02 11.82 11.57
N GLY C 73 6.96 13.10 11.24
CA GLY C 73 6.78 14.13 12.25
C GLY C 73 5.46 14.02 12.99
N VAL C 74 4.39 13.79 12.25
CA VAL C 74 3.07 13.58 12.84
C VAL C 74 3.07 12.36 13.76
N ARG C 75 3.61 11.24 13.27
CA ARG C 75 3.72 10.00 14.03
C ARG C 75 4.46 10.21 15.34
N GLU C 76 5.58 10.91 15.26
CA GLU C 76 6.42 11.16 16.43
C GLU C 76 5.75 12.04 17.49
N LEU C 77 5.05 13.08 17.07
CA LEU C 77 4.32 13.94 18.02
C LEU C 77 3.25 13.12 18.71
N LEU C 78 2.52 12.31 17.95
CA LEU C 78 1.43 11.54 18.54
C LEU C 78 1.96 10.51 19.54
N LEU C 79 3.06 9.86 19.20
CA LEU C 79 3.72 8.95 20.13
C LEU C 79 4.15 9.67 21.41
N GLN C 80 4.74 10.86 21.27
CA GLN C 80 5.18 11.65 22.42
C GLN C 80 4.01 11.95 23.36
N GLN C 81 2.85 12.23 22.75
CA GLN C 81 1.64 12.57 23.49
C GLN C 81 0.82 11.33 23.86
N GLN C 82 1.35 10.16 23.53
CA GLN C 82 0.63 8.91 23.78
C GLN C 82 -0.78 9.00 23.19
N MET C 83 -0.85 9.45 21.94
CA MET C 83 -2.10 9.67 21.22
C MET C 83 -2.22 8.81 19.98
N SER C 84 -3.46 8.47 19.66
CA SER C 84 -3.82 7.80 18.43
C SER C 84 -4.24 8.84 17.38
N PRO C 85 -4.04 8.54 16.08
CA PRO C 85 -4.50 9.51 15.07
C PRO C 85 -6.02 9.76 15.10
N ASP C 86 -6.83 8.82 15.59
CA ASP C 86 -8.27 9.05 15.64
C ASP C 86 -8.67 10.21 16.55
N GLU C 87 -7.73 10.71 17.36
CA GLU C 87 -8.02 11.82 18.27
C GLU C 87 -7.85 13.16 17.58
N VAL C 88 -7.28 13.15 16.37
CA VAL C 88 -7.05 14.39 15.64
C VAL C 88 -8.06 14.52 14.53
N ARG C 89 -8.74 15.66 14.50
CA ARG C 89 -9.78 15.87 13.49
C ARG C 89 -9.20 16.04 12.10
N ALA C 90 -8.12 16.81 11.98
CA ALA C 90 -7.51 17.04 10.68
C ALA C 90 -6.11 17.58 10.86
N ILE C 91 -5.31 17.43 9.81
CA ILE C 91 -4.01 18.12 9.70
C ILE C 91 -4.20 19.30 8.76
N GLY C 92 -3.73 20.48 9.16
CA GLY C 92 -3.64 21.61 8.26
C GLY C 92 -2.21 21.69 7.81
N SER C 93 -1.98 21.44 6.53
CA SER C 93 -0.63 21.39 6.00
C SER C 93 -0.37 22.54 5.07
N HIS C 94 0.65 23.34 5.36
CA HIS C 94 0.97 24.38 4.40
C HIS C 94 1.55 23.79 3.12
N GLY C 95 2.22 22.65 3.25
CA GLY C 95 3.03 22.18 2.15
C GLY C 95 4.34 22.97 2.06
N GLN C 96 4.97 22.91 0.90
CA GLN C 96 6.24 23.59 0.67
C GLN C 96 6.15 24.49 -0.55
N THR C 97 6.37 25.78 -0.34
CA THR C 97 6.31 26.73 -1.45
C THR C 97 7.53 26.58 -2.33
N ILE C 98 7.31 26.34 -3.62
CA ILE C 98 8.43 26.35 -4.57
C ILE C 98 8.33 27.51 -5.55
N ARG C 99 7.19 28.21 -5.56
CA ARG C 99 7.07 29.40 -6.41
C ARG C 99 5.90 30.23 -5.94
N HIS C 100 6.12 31.53 -5.83
CA HIS C 100 5.07 32.42 -5.35
C HIS C 100 5.13 33.66 -6.21
N GLU C 101 4.19 33.76 -7.14
CA GLU C 101 4.18 34.82 -8.14
C GLU C 101 2.78 35.39 -8.32
N PRO C 102 2.24 36.05 -7.28
CA PRO C 102 0.88 36.58 -7.35
C PRO C 102 0.66 37.64 -8.43
N ALA C 103 1.71 38.36 -8.82
CA ALA C 103 1.61 39.29 -9.94
C ALA C 103 1.30 38.55 -11.24
N ARG C 104 1.68 37.27 -11.30
CA ARG C 104 1.31 36.42 -12.43
C ARG C 104 0.15 35.51 -12.06
N HIS C 105 -0.50 35.85 -10.96
CA HIS C 105 -1.70 35.15 -10.48
C HIS C 105 -1.49 33.66 -10.19
N PHE C 106 -0.33 33.30 -9.65
CA PHE C 106 -0.13 31.94 -9.22
C PHE C 106 0.79 31.77 -8.02
N THR C 107 0.52 30.73 -7.26
CA THR C 107 1.38 30.35 -6.15
C THR C 107 1.37 28.83 -6.05
N VAL C 108 2.54 28.27 -5.80
CA VAL C 108 2.70 26.84 -5.89
C VAL C 108 3.29 26.24 -4.63
N GLN C 109 2.46 25.49 -3.91
CA GLN C 109 2.92 24.73 -2.75
C GLN C 109 2.80 23.24 -3.07
N ILE C 110 3.90 22.52 -2.90
CA ILE C 110 3.86 21.07 -3.13
C ILE C 110 3.71 20.35 -1.79
N GLY C 111 3.44 19.05 -1.81
CA GLY C 111 3.29 18.33 -0.55
C GLY C 111 2.15 17.34 -0.59
N ASN C 112 1.97 16.73 -1.76
CA ASN C 112 0.95 15.71 -2.06
C ASN C 112 0.07 15.33 -0.88
N PRO C 113 -1.00 16.10 -0.68
CA PRO C 113 -1.84 15.85 0.50
C PRO C 113 -2.56 14.51 0.51
N ALA C 114 -2.81 13.95 -0.68
CA ALA C 114 -3.46 12.65 -0.77
C ALA C 114 -2.55 11.60 -0.15
N LEU C 115 -1.25 11.71 -0.44
CA LEU C 115 -0.29 10.78 0.14
C LEU C 115 -0.17 11.04 1.64
N LEU C 116 -0.23 12.29 2.05
CA LEU C 116 -0.16 12.58 3.48
C LEU C 116 -1.35 11.95 4.23
N ALA C 117 -2.54 12.01 3.63
CA ALA C 117 -3.72 11.37 4.19
C ALA C 117 -3.58 9.86 4.23
N GLU C 118 -3.05 9.31 3.14
CA GLU C 118 -2.80 7.86 3.06
C GLU C 118 -1.89 7.34 4.17
N LEU C 119 -0.79 8.05 4.38
CA LEU C 119 0.21 7.58 5.32
C LEU C 119 -0.16 7.83 6.77
N THR C 120 -0.82 8.95 7.05
CA THR C 120 -1.11 9.30 8.45
C THR C 120 -2.43 8.74 8.95
N GLY C 121 -3.36 8.54 8.03
CA GLY C 121 -4.69 8.13 8.42
C GLY C 121 -5.55 9.24 9.01
N ILE C 122 -5.15 10.48 8.77
CA ILE C 122 -5.87 11.65 9.26
C ILE C 122 -6.27 12.53 8.08
N ASP C 123 -7.48 13.11 8.11
CA ASP C 123 -7.92 14.06 7.08
C ASP C 123 -6.90 15.17 6.95
N VAL C 124 -6.60 15.58 5.71
CA VAL C 124 -5.65 16.68 5.47
C VAL C 124 -6.36 17.84 4.80
N VAL C 125 -6.18 19.05 5.34
CA VAL C 125 -6.61 20.26 4.63
C VAL C 125 -5.33 20.95 4.20
N ALA C 126 -5.22 21.27 2.92
CA ALA C 126 -3.97 21.80 2.39
C ALA C 126 -4.26 22.82 1.30
N ASP C 127 -3.21 23.34 0.64
CA ASP C 127 -3.41 24.24 -0.50
C ASP C 127 -4.19 25.49 -0.13
N PHE C 128 -3.76 26.15 0.93
CA PHE C 128 -4.48 27.30 1.48
C PHE C 128 -4.38 28.57 0.68
N ARG C 129 -3.29 28.74 -0.06
CA ARG C 129 -3.08 30.04 -0.71
C ARG C 129 -3.85 30.29 -2.00
N ARG C 130 -4.14 29.21 -2.73
CA ARG C 130 -4.65 29.37 -4.08
C ARG C 130 -6.03 30.04 -4.19
N ARG C 131 -6.91 29.81 -3.23
CA ARG C 131 -8.21 30.45 -3.33
C ARG C 131 -8.10 31.97 -3.11
N ASP C 132 -7.17 32.37 -2.26
CA ASP C 132 -6.99 33.80 -2.05
C ASP C 132 -6.49 34.45 -3.34
N VAL C 133 -5.55 33.77 -3.99
CA VAL C 133 -5.03 34.27 -5.26
C VAL C 133 -6.13 34.29 -6.33
N ALA C 134 -6.94 33.24 -6.36
CA ALA C 134 -8.05 33.18 -7.30
C ALA C 134 -9.06 34.32 -7.10
N ALA C 135 -9.16 34.81 -5.87
CA ALA C 135 -10.05 35.91 -5.53
C ALA C 135 -9.35 37.26 -5.58
N GLY C 136 -8.25 37.33 -6.32
CA GLY C 136 -7.60 38.62 -6.56
C GLY C 136 -6.60 39.08 -5.52
N GLY C 137 -6.33 38.24 -4.52
CA GLY C 137 -5.38 38.53 -3.48
C GLY C 137 -3.97 38.06 -3.81
N GLN C 138 -3.04 38.35 -2.89
CA GLN C 138 -1.65 37.94 -3.07
C GLN C 138 -1.34 36.55 -2.55
N GLY C 139 -2.28 35.92 -1.86
CA GLY C 139 -2.05 34.58 -1.33
C GLY C 139 -1.18 34.60 -0.09
N ALA C 140 -1.03 35.80 0.48
CA ALA C 140 -0.16 36.05 1.62
C ALA C 140 -0.40 37.49 2.03
N PRO C 141 -0.16 37.82 3.31
CA PRO C 141 0.23 36.90 4.39
C PRO C 141 -0.98 36.19 4.96
N LEU C 142 -0.75 35.02 5.52
CA LEU C 142 -1.85 34.22 6.07
C LEU C 142 -2.06 34.40 7.56
N VAL C 143 -0.97 34.54 8.31
CA VAL C 143 -1.06 34.61 9.75
C VAL C 143 -1.90 35.78 10.34
N PRO C 144 -1.97 36.94 9.67
CA PRO C 144 -2.84 37.97 10.23
C PRO C 144 -4.31 37.57 10.43
N ALA C 145 -4.81 36.63 9.63
CA ALA C 145 -6.18 36.18 9.84
C ALA C 145 -6.31 35.49 11.20
N PHE C 146 -5.28 34.73 11.56
CA PHE C 146 -5.22 34.03 12.84
C PHE C 146 -5.04 35.08 13.95
N HIS C 147 -4.13 36.03 13.74
CA HIS C 147 -4.02 37.15 14.69
C HIS C 147 -5.36 37.82 14.98
N GLN C 148 -6.11 38.12 13.92
CA GLN C 148 -7.40 38.77 14.08
C GLN C 148 -8.39 37.89 14.82
N ALA C 149 -8.47 36.62 14.45
CA ALA C 149 -9.40 35.71 15.12
C ALA C 149 -9.06 35.54 16.61
N LEU C 150 -7.78 35.57 16.93
CA LEU C 150 -7.32 35.36 18.31
C LEU C 150 -7.54 36.59 19.17
N PHE C 151 -7.22 37.76 18.61
CA PHE C 151 -7.01 38.93 19.43
C PHE C 151 -7.83 40.16 19.02
N GLY C 152 -8.52 40.10 17.90
CA GLY C 152 -9.31 41.26 17.49
C GLY C 152 -10.43 41.49 18.49
N ASP C 153 -10.68 42.75 18.80
CA ASP C 153 -11.63 43.12 19.85
C ASP C 153 -12.48 44.30 19.38
N ASP C 154 -13.73 44.34 19.81
CA ASP C 154 -14.63 45.41 19.45
C ASP C 154 -14.30 46.73 20.15
N ASP C 155 -13.41 46.70 21.14
CA ASP C 155 -13.19 47.90 21.94
C ASP C 155 -11.73 48.12 22.35
N THR C 156 -10.82 47.29 21.87
CA THR C 156 -9.45 47.43 22.34
C THR C 156 -8.51 47.48 21.14
N SER C 157 -7.67 48.50 21.10
CA SER C 157 -6.63 48.60 20.09
C SER C 157 -5.48 47.70 20.49
N ARG C 158 -5.17 46.72 19.65
CA ARG C 158 -4.07 45.80 19.92
C ARG C 158 -3.10 45.72 18.77
N ALA C 159 -1.84 45.41 19.10
CA ALA C 159 -0.83 45.13 18.10
C ALA C 159 -0.28 43.74 18.39
N VAL C 160 -0.23 42.91 17.37
CA VAL C 160 0.42 41.60 17.52
C VAL C 160 1.75 41.71 16.82
N LEU C 161 2.81 41.67 17.62
CA LEU C 161 4.16 41.99 17.17
C LEU C 161 4.99 40.73 17.11
N ASN C 162 5.42 40.38 15.91
CA ASN C 162 6.29 39.23 15.72
C ASN C 162 7.72 39.70 15.65
N ILE C 163 8.54 39.27 16.61
CA ILE C 163 9.96 39.62 16.61
C ILE C 163 10.73 38.38 16.21
N GLY C 164 11.01 38.24 14.92
CA GLY C 164 11.87 37.17 14.45
C GLY C 164 13.19 37.77 14.09
N GLY C 165 13.78 37.35 12.98
CA GLY C 165 14.98 38.02 12.49
C GLY C 165 14.63 39.48 12.28
N PHE C 166 13.47 39.69 11.68
CA PHE C 166 12.94 41.04 11.56
C PHE C 166 11.65 41.19 12.34
N SER C 167 11.22 42.43 12.58
CA SER C 167 10.01 42.63 13.36
C SER C 167 8.90 43.04 12.42
N ASN C 168 7.71 42.46 12.61
CA ASN C 168 6.55 42.87 11.84
C ASN C 168 5.32 42.86 12.74
N VAL C 169 4.34 43.68 12.41
CA VAL C 169 3.20 43.83 13.29
C VAL C 169 1.87 43.71 12.57
N SER C 170 0.88 43.15 13.25
CA SER C 170 -0.50 43.23 12.80
C SER C 170 -1.20 44.21 13.71
N LEU C 171 -1.80 45.24 13.12
CA LEU C 171 -2.53 46.20 13.93
C LEU C 171 -4.02 45.89 13.90
N LEU C 172 -4.58 45.63 15.07
CA LEU C 172 -6.00 45.33 15.17
C LEU C 172 -6.69 46.50 15.85
N SER C 173 -7.28 47.37 15.04
CA SER C 173 -7.92 48.57 15.56
C SER C 173 -9.43 48.42 15.37
N PRO C 174 -10.19 48.57 16.47
CA PRO C 174 -11.65 48.37 16.41
C PRO C 174 -12.31 49.26 15.36
N GLY C 175 -13.15 48.65 14.51
CA GLY C 175 -13.87 49.39 13.50
C GLY C 175 -13.02 49.82 12.31
N LYS C 176 -11.78 49.35 12.25
CA LYS C 176 -10.86 49.72 11.17
C LYS C 176 -10.31 48.46 10.49
N PRO C 177 -9.87 48.60 9.23
CA PRO C 177 -9.29 47.42 8.58
C PRO C 177 -8.01 47.00 9.28
N VAL C 178 -7.76 45.71 9.28
CA VAL C 178 -6.49 45.17 9.78
C VAL C 178 -5.33 45.71 8.95
N ARG C 179 -4.22 46.03 9.61
CA ARG C 179 -3.01 46.48 8.91
C ARG C 179 -1.85 45.60 9.32
N GLY C 180 -0.86 45.50 8.44
CA GLY C 180 0.35 44.74 8.74
C GLY C 180 1.52 45.38 8.03
N PHE C 181 2.65 45.48 8.72
CA PHE C 181 3.88 45.99 8.11
C PHE C 181 5.12 45.63 8.93
N ASP C 182 6.29 45.78 8.31
CA ASP C 182 7.58 45.54 8.95
C ASP C 182 8.03 46.75 9.76
N CYS C 183 8.66 46.50 10.91
CA CYS C 183 9.09 47.59 11.81
C CYS C 183 10.56 47.87 11.71
N GLY C 184 11.32 46.89 11.22
CA GLY C 184 12.75 47.01 11.22
C GLY C 184 13.34 45.73 11.77
N PRO C 185 14.59 45.79 12.23
CA PRO C 185 15.27 44.57 12.71
C PRO C 185 14.62 44.03 13.96
N GLY C 186 14.65 42.71 14.11
CA GLY C 186 14.22 42.08 15.34
C GLY C 186 15.45 41.53 16.05
N ASN C 187 15.71 40.24 15.84
CA ASN C 187 16.84 39.58 16.43
C ASN C 187 18.07 39.56 15.54
N VAL C 188 17.90 39.96 14.27
CA VAL C 188 18.93 39.72 13.24
C VAL C 188 20.31 40.28 13.57
N LEU C 189 20.39 41.51 14.03
CA LEU C 189 21.69 42.12 14.33
C LEU C 189 22.26 41.66 15.67
N MET C 190 21.40 41.55 16.68
CA MET C 190 21.82 41.09 18.00
C MET C 190 22.37 39.68 17.89
N ASP C 191 21.76 38.86 17.03
CA ASP C 191 22.21 37.49 16.81
C ASP C 191 23.56 37.48 16.12
N ALA C 192 23.67 38.27 15.05
CA ALA C 192 24.90 38.33 14.27
C ALA C 192 26.05 38.88 15.10
N TRP C 193 25.76 39.88 15.90
CA TRP C 193 26.81 40.53 16.67
C TRP C 193 27.33 39.60 17.79
N ILE C 194 26.44 38.97 18.56
CA ILE C 194 26.93 38.06 19.61
C ILE C 194 27.58 36.80 19.02
N HIS C 195 27.14 36.37 17.84
CA HIS C 195 27.78 35.22 17.20
C HIS C 195 29.18 35.60 16.74
N HIS C 196 29.30 36.78 16.14
CA HIS C 196 30.58 37.27 15.66
C HIS C 196 31.57 37.48 16.80
N GLN C 197 31.07 37.95 17.95
CA GLN C 197 31.96 38.36 19.03
C GLN C 197 32.21 37.28 20.08
N ARG C 198 31.24 36.40 20.29
CA ARG C 198 31.32 35.43 21.38
C ARG C 198 30.99 34.00 20.96
N GLY C 199 30.58 33.85 19.71
CA GLY C 199 30.24 32.54 19.16
C GLY C 199 28.96 31.93 19.70
N GLU C 200 28.08 32.76 20.25
CA GLU C 200 26.76 32.30 20.69
C GLU C 200 25.78 32.50 19.55
N HIS C 201 24.76 31.65 19.49
CA HIS C 201 23.76 31.74 18.45
C HIS C 201 22.86 32.95 18.63
N PHE C 202 22.59 33.27 19.89
CA PHE C 202 21.81 34.43 20.25
C PHE C 202 22.17 34.90 21.65
N ASP C 203 21.61 36.03 22.05
CA ASP C 203 21.89 36.66 23.33
C ASP C 203 20.80 36.26 24.29
N ARG C 204 21.04 35.21 25.07
CA ARG C 204 20.00 34.66 25.94
C ARG C 204 19.49 35.67 26.97
N ASP C 205 18.17 35.87 26.94
CA ASP C 205 17.47 36.81 27.80
C ASP C 205 17.92 38.26 27.55
N GLY C 206 18.69 38.47 26.49
CA GLY C 206 19.25 39.79 26.22
C GLY C 206 20.24 40.21 27.29
N ALA C 207 20.81 39.24 27.99
CA ALA C 207 21.69 39.54 29.12
C ALA C 207 22.98 40.26 28.71
N TRP C 208 23.50 39.94 27.53
CA TRP C 208 24.74 40.61 27.11
C TRP C 208 24.44 42.07 26.76
N ALA C 209 23.36 42.28 25.99
CA ALA C 209 22.90 43.64 25.70
C ALA C 209 22.67 44.43 26.98
N ALA C 210 22.04 43.80 27.96
CA ALA C 210 21.72 44.49 29.21
C ALA C 210 22.97 44.88 30.00
N SER C 211 24.06 44.16 29.77
CA SER C 211 25.30 44.41 30.50
C SER C 211 26.05 45.61 29.95
N GLY C 212 25.70 46.00 28.73
CA GLY C 212 26.35 47.11 28.06
C GLY C 212 25.63 48.42 28.25
N GLN C 213 26.14 49.49 27.62
CA GLN C 213 25.49 50.78 27.71
C GLN C 213 25.19 51.28 26.30
N VAL C 214 23.95 51.69 26.09
CA VAL C 214 23.54 52.24 24.80
C VAL C 214 24.46 53.42 24.45
N ASN C 215 24.97 53.41 23.24
CA ASN C 215 25.72 54.58 22.76
C ASN C 215 24.79 55.45 21.92
N HIS C 216 24.53 56.65 22.40
CA HIS C 216 23.48 57.46 21.78
C HIS C 216 23.80 58.08 20.43
N ALA C 217 25.07 58.42 20.21
CA ALA C 217 25.48 58.91 18.88
C ALA C 217 25.32 57.80 17.85
N LEU C 218 25.77 56.60 18.21
CA LEU C 218 25.63 55.45 17.31
C LEU C 218 24.17 55.14 17.07
N LEU C 219 23.37 55.14 18.14
CA LEU C 219 21.94 54.86 18.01
C LEU C 219 21.30 55.86 17.05
N ALA C 220 21.68 57.13 17.16
CA ALA C 220 21.11 58.15 16.28
C ALA C 220 21.48 57.91 14.82
N SER C 221 22.72 57.47 14.58
CA SER C 221 23.15 57.14 13.22
C SER C 221 22.37 55.96 12.66
N LEU C 222 22.21 54.91 13.47
CA LEU C 222 21.46 53.73 13.04
C LEU C 222 20.01 54.08 12.73
N LEU C 223 19.40 54.90 13.57
CA LEU C 223 18.00 55.28 13.38
C LEU C 223 17.76 56.25 12.22
N ALA C 224 18.84 56.88 11.76
CA ALA C 224 18.76 57.84 10.67
C ALA C 224 18.99 57.14 9.34
N ASP C 225 19.21 55.84 9.41
CA ASP C 225 19.42 55.04 8.22
C ASP C 225 18.22 55.12 7.28
N GLU C 226 18.51 55.04 5.98
CA GLU C 226 17.50 55.19 4.95
C GLU C 226 16.26 54.34 5.19
N PHE C 227 16.44 53.13 5.71
CA PHE C 227 15.29 52.24 5.87
C PHE C 227 14.20 52.81 6.77
N PHE C 228 14.61 53.52 7.82
CA PHE C 228 13.64 54.03 8.80
C PHE C 228 12.97 55.33 8.35
N ARG C 238 14.49 44.83 4.67
CA ARG C 238 15.25 43.65 4.98
C ARG C 238 16.34 43.44 3.91
N GLU C 239 17.27 42.58 4.27
CA GLU C 239 18.48 42.33 3.48
C GLU C 239 19.45 43.49 3.72
N ARG C 240 18.90 44.61 4.19
CA ARG C 240 19.65 45.78 4.60
C ARG C 240 20.46 45.57 5.87
N PHE C 241 19.84 44.89 6.83
CA PHE C 241 20.39 44.81 8.18
C PHE C 241 21.28 43.58 8.36
N ASN C 242 22.58 43.83 8.26
CA ASN C 242 23.60 42.80 8.40
C ASN C 242 24.86 43.42 9.00
N LEU C 243 25.89 42.59 9.21
CA LEU C 243 27.12 43.07 9.83
C LEU C 243 27.87 44.15 9.02
N PRO C 244 28.04 43.94 7.69
CA PRO C 244 28.72 45.00 6.93
C PRO C 244 28.00 46.33 6.99
N TRP C 245 26.67 46.30 7.01
CA TRP C 245 25.87 47.50 7.16
C TRP C 245 26.17 48.16 8.49
N LEU C 246 26.30 47.34 9.53
CA LEU C 246 26.61 47.87 10.86
C LEU C 246 28.02 48.44 10.87
N GLN C 247 28.96 47.71 10.29
CA GLN C 247 30.36 48.16 10.26
C GLN C 247 30.53 49.49 9.52
N GLU C 248 29.74 49.69 8.47
CA GLU C 248 29.78 50.96 7.74
C GLU C 248 29.34 52.10 8.66
N HIS C 249 28.35 51.84 9.51
CA HIS C 249 27.91 52.85 10.47
C HIS C 249 28.94 53.09 11.57
N LEU C 250 29.60 52.03 12.03
CA LEU C 250 30.56 52.15 13.12
C LEU C 250 31.76 53.00 12.71
N ALA C 251 32.01 53.06 11.41
CA ALA C 251 33.14 53.80 10.87
C ALA C 251 33.12 55.28 11.22
N ARG C 252 31.92 55.83 11.42
CA ARG C 252 31.77 57.25 11.77
C ARG C 252 31.82 57.45 13.28
N HIS C 253 32.22 56.40 14.01
CA HIS C 253 32.20 56.43 15.46
C HIS C 253 33.47 55.91 16.11
N PRO C 254 33.91 56.59 17.19
CA PRO C 254 35.07 56.11 17.95
C PRO C 254 34.85 54.68 18.42
N ALA C 255 35.90 53.99 18.85
CA ALA C 255 35.77 52.57 19.17
C ALA C 255 34.91 52.41 20.41
N LEU C 256 34.18 51.30 20.43
CA LEU C 256 33.19 51.00 21.47
C LEU C 256 33.36 49.58 21.99
N PRO C 257 33.13 49.37 23.29
CA PRO C 257 33.12 48.00 23.80
C PRO C 257 32.02 47.18 23.10
N ALA C 258 32.26 45.91 22.85
CA ALA C 258 31.29 45.10 22.11
C ALA C 258 29.93 45.04 22.79
N ALA C 259 29.91 45.04 24.12
CA ALA C 259 28.64 44.99 24.85
C ALA C 259 27.86 46.28 24.67
N ASP C 260 28.56 47.40 24.48
CA ASP C 260 27.87 48.66 24.25
C ASP C 260 27.21 48.67 22.88
N ILE C 261 27.90 48.09 21.90
CA ILE C 261 27.30 47.94 20.59
C ILE C 261 26.07 47.02 20.68
N GLN C 262 26.18 45.92 21.42
CA GLN C 262 25.03 45.04 21.61
C GLN C 262 23.86 45.77 22.28
N ALA C 263 24.17 46.58 23.29
CA ALA C 263 23.13 47.35 23.97
C ALA C 263 22.45 48.30 22.99
N THR C 264 23.25 48.86 22.09
CA THR C 264 22.73 49.81 21.11
C THR C 264 21.89 49.10 20.07
N LEU C 265 22.28 47.87 19.71
CA LEU C 265 21.47 47.09 18.77
C LEU C 265 20.12 46.72 19.37
N LEU C 266 20.08 46.42 20.66
CA LEU C 266 18.80 46.13 21.31
C LEU C 266 17.91 47.37 21.27
N GLU C 267 18.48 48.51 21.62
CA GLU C 267 17.74 49.75 21.62
C GLU C 267 17.26 50.12 20.23
N LEU C 268 18.08 49.79 19.23
CA LEU C 268 17.67 50.01 17.83
C LEU C 268 16.38 49.27 17.50
N SER C 269 16.30 48.01 17.90
CA SER C 269 15.08 47.25 17.68
C SER C 269 13.93 47.82 18.48
N ALA C 270 14.19 48.14 19.74
CA ALA C 270 13.13 48.63 20.61
C ALA C 270 12.56 49.96 20.12
N ARG C 271 13.43 50.86 19.69
CA ARG C 271 12.97 52.17 19.20
C ARG C 271 12.25 52.07 17.87
N SER C 272 12.76 51.25 16.97
CA SER C 272 12.17 51.15 15.64
C SER C 272 10.77 50.56 15.75
N ILE C 273 10.63 49.56 16.60
CA ILE C 273 9.32 48.97 16.86
C ILE C 273 8.38 49.98 17.52
N SER C 274 8.82 50.59 18.61
CA SER C 274 7.94 51.47 19.37
C SER C 274 7.50 52.69 18.55
N GLU C 275 8.45 53.26 17.79
CA GLU C 275 8.13 54.44 16.99
C GLU C 275 7.17 54.09 15.84
N SER C 276 7.41 52.98 15.16
CA SER C 276 6.52 52.58 14.06
C SER C 276 5.12 52.20 14.58
N LEU C 277 5.07 51.46 15.69
CA LEU C 277 3.78 51.09 16.28
C LEU C 277 2.98 52.31 16.73
N LEU C 278 3.63 53.19 17.47
CA LEU C 278 2.94 54.36 18.02
C LEU C 278 2.59 55.37 16.92
N ASP C 279 3.40 55.40 15.84
CA ASP C 279 3.08 56.26 14.71
C ASP C 279 1.80 55.80 14.01
N ALA C 280 1.64 54.48 13.91
CA ALA C 280 0.51 53.91 13.18
C ALA C 280 -0.72 53.72 14.05
N GLN C 281 -0.49 53.46 15.34
CA GLN C 281 -1.59 53.16 16.26
C GLN C 281 -1.29 53.82 17.61
N PRO C 282 -1.41 55.15 17.66
CA PRO C 282 -1.03 55.94 18.83
C PRO C 282 -1.80 55.53 20.08
N ASP C 283 -2.99 54.98 19.88
CA ASP C 283 -3.87 54.61 20.98
C ASP C 283 -3.72 53.15 21.41
N CYS C 284 -2.67 52.49 20.92
CA CYS C 284 -2.42 51.09 21.24
C CYS C 284 -2.48 50.78 22.72
N GLU C 285 -3.31 49.82 23.10
CA GLU C 285 -3.52 49.49 24.51
C GLU C 285 -2.75 48.23 24.91
N GLU C 286 -2.50 47.37 23.93
CA GLU C 286 -1.77 46.13 24.18
C GLU C 286 -0.90 45.76 23.02
N VAL C 287 0.34 45.39 23.36
CA VAL C 287 1.23 44.81 22.37
C VAL C 287 1.47 43.35 22.74
N LEU C 288 1.02 42.44 21.89
CA LEU C 288 1.18 41.02 22.16
C LEU C 288 2.33 40.49 21.33
N VAL C 289 3.37 40.00 22.00
CA VAL C 289 4.61 39.70 21.31
C VAL C 289 4.83 38.22 21.11
N CYS C 290 5.08 37.85 19.86
CA CYS C 290 5.40 36.47 19.51
C CYS C 290 6.70 36.45 18.73
N GLY C 291 7.10 35.27 18.27
CA GLY C 291 8.43 35.08 17.72
C GLY C 291 9.46 34.93 18.83
N GLY C 292 10.70 34.60 18.46
CA GLY C 292 11.72 34.28 19.44
C GLY C 292 12.11 35.47 20.29
N GLY C 293 11.84 36.68 19.77
CA GLY C 293 12.14 37.90 20.48
C GLY C 293 11.36 38.07 21.75
N ALA C 294 10.24 37.36 21.85
CA ALA C 294 9.42 37.42 23.05
C ALA C 294 10.17 36.88 24.26
N PHE C 295 11.19 36.06 24.00
CA PHE C 295 11.96 35.48 25.09
C PHE C 295 13.13 36.36 25.50
N ASN C 296 13.37 37.41 24.74
CA ASN C 296 14.43 38.33 25.08
C ASN C 296 13.94 39.30 26.15
N THR C 297 14.23 38.95 27.41
CA THR C 297 13.73 39.66 28.57
C THR C 297 14.11 41.14 28.53
N ALA C 298 15.34 41.41 28.14
CA ALA C 298 15.82 42.79 28.10
C ALA C 298 15.09 43.60 27.05
N LEU C 299 14.85 43.00 25.88
CA LEU C 299 14.12 43.70 24.81
C LEU C 299 12.68 43.93 25.21
N MET C 300 12.04 42.92 25.80
CA MET C 300 10.66 43.06 26.26
C MET C 300 10.55 44.14 27.33
N LYS C 301 11.52 44.23 28.23
CA LYS C 301 11.50 45.25 29.27
C LYS C 301 11.61 46.63 28.64
N ARG C 302 12.47 46.75 27.63
CA ARG C 302 12.66 48.03 26.97
C ARG C 302 11.41 48.47 26.18
N LEU C 303 10.76 47.51 25.53
CA LEU C 303 9.51 47.79 24.80
C LEU C 303 8.42 48.33 25.75
N ALA C 304 8.29 47.73 26.93
CA ALA C 304 7.33 48.21 27.91
C ALA C 304 7.66 49.63 28.37
N MET C 305 8.94 49.96 28.49
CA MET C 305 9.34 51.31 28.86
C MET C 305 9.05 52.32 27.76
N LEU C 306 9.20 51.89 26.52
CA LEU C 306 9.00 52.80 25.39
C LEU C 306 7.55 52.96 24.98
N MET C 307 6.69 52.06 25.47
CA MET C 307 5.26 52.14 25.22
C MET C 307 4.48 52.10 26.52
N PRO C 308 4.62 53.17 27.33
CA PRO C 308 4.11 53.14 28.70
C PRO C 308 2.59 53.15 28.80
N GLU C 309 1.89 53.46 27.73
CA GLU C 309 0.43 53.44 27.76
C GLU C 309 -0.13 52.09 27.30
N ALA C 310 0.75 51.19 26.87
CA ALA C 310 0.32 49.88 26.41
C ALA C 310 0.82 48.79 27.34
N ARG C 311 0.04 47.72 27.46
CA ARG C 311 0.50 46.54 28.15
C ARG C 311 1.29 45.72 27.14
N VAL C 312 2.56 45.46 27.44
CA VAL C 312 3.41 44.72 26.53
C VAL C 312 3.64 43.35 27.14
N ALA C 313 3.17 42.31 26.46
CA ALA C 313 3.26 40.97 27.02
C ALA C 313 3.44 39.95 25.93
N SER C 314 4.03 38.83 26.31
CA SER C 314 4.17 37.70 25.39
C SER C 314 2.78 37.16 25.07
N THR C 315 2.60 36.64 23.86
CA THR C 315 1.35 35.97 23.51
C THR C 315 1.11 34.77 24.42
N ASP C 316 2.16 34.31 25.11
CA ASP C 316 2.04 33.21 26.06
C ASP C 316 1.07 33.54 27.19
N GLU C 317 0.97 34.83 27.53
CA GLU C 317 0.03 35.25 28.57
C GLU C 317 -1.42 35.11 28.09
N TYR C 318 -1.58 34.79 26.81
CA TYR C 318 -2.91 34.58 26.22
C TYR C 318 -3.10 33.16 25.72
N GLY C 319 -2.19 32.27 26.08
CA GLY C 319 -2.34 30.88 25.68
C GLY C 319 -1.76 30.55 24.32
N ILE C 320 -0.97 31.45 23.76
CA ILE C 320 -0.32 31.18 22.48
C ILE C 320 1.19 31.28 22.61
N PRO C 321 1.87 30.12 22.68
CA PRO C 321 3.33 30.12 22.83
C PRO C 321 4.00 30.83 21.66
N PRO C 322 4.87 31.79 21.95
CA PRO C 322 5.37 32.70 20.93
C PRO C 322 6.16 32.03 19.80
N ALA C 323 6.79 30.89 20.05
CA ALA C 323 7.58 30.21 19.02
C ALA C 323 6.75 29.43 18.01
N TRP C 324 5.45 29.27 18.26
CA TRP C 324 4.67 28.34 17.46
C TRP C 324 3.47 28.96 16.74
N MET C 325 3.46 30.28 16.62
CA MET C 325 2.36 31.00 16.00
C MET C 325 2.03 30.49 14.58
N GLU C 326 3.05 30.27 13.74
CA GLU C 326 2.82 29.83 12.35
C GLU C 326 2.22 28.44 12.24
N GLY C 327 2.80 27.49 12.97
CA GLY C 327 2.29 26.15 12.95
C GLY C 327 0.86 26.15 13.46
N MET C 328 0.61 26.90 14.52
CA MET C 328 -0.76 26.95 15.05
C MET C 328 -1.72 27.56 14.04
N ALA C 329 -1.26 28.56 13.28
CA ALA C 329 -2.09 29.19 12.26
C ALA C 329 -2.56 28.15 11.26
N PHE C 330 -1.70 27.20 10.92
CA PHE C 330 -2.13 26.21 9.94
C PHE C 330 -3.10 25.16 10.48
N ALA C 331 -2.92 24.78 11.74
CA ALA C 331 -3.90 23.92 12.41
C ALA C 331 -5.26 24.61 12.47
N TRP C 332 -5.22 25.88 12.84
CA TRP C 332 -6.43 26.69 12.91
C TRP C 332 -7.12 26.78 11.55
N LEU C 333 -6.34 26.90 10.47
CA LEU C 333 -6.89 26.95 9.13
C LEU C 333 -7.63 25.67 8.76
N ALA C 334 -7.17 24.54 9.27
CA ALA C 334 -7.93 23.29 9.05
C ALA C 334 -9.30 23.38 9.71
N HIS C 335 -9.32 23.92 10.93
CA HIS C 335 -10.56 24.13 11.67
C HIS C 335 -11.47 25.06 10.89
N ARG C 336 -10.94 26.18 10.40
CA ARG C 336 -11.78 27.12 9.66
C ARG C 336 -12.40 26.49 8.42
N PHE C 337 -11.60 25.71 7.68
CA PHE C 337 -12.12 25.00 6.51
C PHE C 337 -13.30 24.13 6.91
N LEU C 338 -13.10 23.29 7.93
CA LEU C 338 -14.14 22.31 8.30
C LEU C 338 -15.40 22.94 8.85
N GLU C 339 -15.24 24.11 9.47
CA GLU C 339 -16.36 24.86 10.00
C GLU C 339 -16.95 25.82 8.98
N ARG C 340 -16.40 25.81 7.77
CA ARG C 340 -16.87 26.70 6.70
C ARG C 340 -16.84 28.16 7.10
N LEU C 341 -15.75 28.53 7.75
CA LEU C 341 -15.50 29.91 8.12
C LEU C 341 -14.38 30.42 7.22
N PRO C 342 -14.38 31.74 6.97
CA PRO C 342 -13.33 32.26 6.10
C PRO C 342 -11.95 32.16 6.74
N GLY C 343 -10.93 32.00 5.90
CA GLY C 343 -9.61 31.73 6.39
C GLY C 343 -8.60 32.81 6.06
N ASN C 344 -8.97 33.73 5.17
CA ASN C 344 -8.05 34.80 4.81
C ASN C 344 -8.36 36.11 5.50
N CYS C 345 -7.46 37.07 5.32
CA CYS C 345 -7.64 38.44 5.80
C CYS C 345 -7.47 39.37 4.60
N PRO C 346 -8.58 39.62 3.89
CA PRO C 346 -8.48 40.38 2.64
C PRO C 346 -7.95 41.79 2.86
N ASP C 347 -8.09 42.33 4.06
CA ASP C 347 -7.49 43.64 4.35
C ASP C 347 -5.99 43.63 4.06
N VAL C 348 -5.32 42.51 4.32
CA VAL C 348 -3.88 42.44 4.07
C VAL C 348 -3.50 41.66 2.79
N THR C 349 -4.36 40.74 2.34
CA THR C 349 -4.03 39.98 1.14
C THR C 349 -4.44 40.68 -0.15
N GLY C 350 -5.41 41.58 -0.04
CA GLY C 350 -5.89 42.29 -1.20
C GLY C 350 -6.98 41.56 -1.95
N ALA C 351 -7.39 40.41 -1.41
CA ALA C 351 -8.47 39.63 -2.04
C ALA C 351 -9.78 40.39 -2.07
N LEU C 352 -10.66 39.98 -2.97
CA LEU C 352 -11.96 40.61 -3.11
C LEU C 352 -12.81 40.58 -1.85
N GLY C 353 -12.59 39.56 -1.01
CA GLY C 353 -13.38 39.39 0.19
C GLY C 353 -13.00 38.13 0.93
N PRO C 354 -13.71 37.83 2.01
CA PRO C 354 -13.45 36.62 2.77
C PRO C 354 -13.66 35.39 1.91
N ARG C 355 -12.79 34.39 2.10
CA ARG C 355 -12.86 33.15 1.35
C ARG C 355 -12.53 31.99 2.25
N THR C 356 -13.15 30.85 1.98
CA THR C 356 -12.72 29.60 2.60
C THR C 356 -11.43 29.18 1.94
N LEU C 357 -10.40 28.95 2.74
CA LEU C 357 -9.10 28.59 2.21
C LEU C 357 -8.85 27.11 2.35
N GLY C 358 -8.22 26.52 1.32
CA GLY C 358 -7.79 25.14 1.40
C GLY C 358 -8.67 24.15 0.67
N ALA C 359 -8.24 22.89 0.73
CA ALA C 359 -8.92 21.77 0.09
C ALA C 359 -8.82 20.59 1.03
N LEU C 360 -9.88 19.78 1.05
CA LEU C 360 -9.93 18.62 1.94
C LEU C 360 -9.57 17.33 1.23
N TYR C 361 -8.56 16.64 1.74
CA TYR C 361 -8.14 15.32 1.29
C TYR C 361 -8.43 14.36 2.44
N PRO C 362 -9.57 13.66 2.38
CA PRO C 362 -9.97 12.84 3.52
C PRO C 362 -9.14 11.58 3.67
N ALA C 363 -8.96 11.12 4.91
CA ALA C 363 -8.30 9.84 5.09
C ALA C 363 -9.21 8.71 4.53
N GLY C 364 -10.50 8.76 4.84
CA GLY C 364 -11.44 7.77 4.36
C GLY C 364 -11.30 6.40 4.98
N PRO D 2 -28.95 14.44 -5.29
CA PRO D 2 -28.53 15.81 -5.64
C PRO D 2 -28.06 15.93 -7.08
N ARG D 3 -27.83 17.16 -7.53
CA ARG D 3 -27.32 17.40 -8.87
C ARG D 3 -25.84 17.66 -8.88
N TYR D 4 -25.16 17.09 -9.86
CA TYR D 4 -23.73 17.23 -10.00
C TYR D 4 -23.34 17.54 -11.42
N LEU D 5 -22.29 18.36 -11.57
CA LEU D 5 -21.68 18.53 -12.88
C LEU D 5 -20.47 17.64 -12.99
N GLY D 6 -20.19 17.18 -14.20
CA GLY D 6 -18.98 16.41 -14.47
C GLY D 6 -18.26 17.07 -15.62
N LEU D 7 -16.95 17.19 -15.49
CA LEU D 7 -16.12 17.89 -16.45
C LEU D 7 -14.98 16.99 -16.88
N MET D 8 -14.92 16.68 -18.15
CA MET D 8 -13.89 15.81 -18.65
C MET D 8 -13.23 16.47 -19.86
N SER D 9 -11.93 16.35 -19.91
CA SER D 9 -11.18 16.77 -21.05
C SER D 9 -10.05 15.75 -21.22
N GLY D 10 -10.17 14.89 -22.21
CA GLY D 10 -9.21 13.81 -22.46
C GLY D 10 -7.91 14.23 -23.12
N THR D 11 -7.06 13.26 -23.42
CA THR D 11 -5.75 13.55 -23.99
C THR D 11 -5.71 13.83 -25.50
N SER D 12 -6.83 13.69 -26.19
CA SER D 12 -6.87 14.05 -27.62
C SER D 12 -6.92 15.57 -27.79
N LEU D 13 -7.40 16.25 -26.76
CA LEU D 13 -7.39 17.72 -26.68
C LEU D 13 -8.30 18.40 -27.68
N ASP D 14 -9.36 17.72 -28.10
CA ASP D 14 -10.27 18.35 -29.04
CA ASP D 14 -10.34 18.27 -29.03
C ASP D 14 -11.25 19.28 -28.33
N GLY D 15 -11.69 18.92 -27.14
CA GLY D 15 -12.60 19.74 -26.36
C GLY D 15 -12.98 19.18 -25.01
N MET D 16 -13.87 19.88 -24.32
CA MET D 16 -14.33 19.48 -22.99
C MET D 16 -15.77 18.99 -23.01
N ASP D 17 -16.01 17.89 -22.32
CA ASP D 17 -17.36 17.42 -22.08
C ASP D 17 -17.86 17.94 -20.75
N ILE D 18 -19.05 18.52 -20.75
CA ILE D 18 -19.66 18.95 -19.50
C ILE D 18 -21.04 18.27 -19.38
N VAL D 19 -21.28 17.61 -18.26
CA VAL D 19 -22.57 16.94 -18.07
C VAL D 19 -23.19 17.37 -16.75
N LEU D 20 -24.50 17.28 -16.68
CA LEU D 20 -25.24 17.51 -15.45
C LEU D 20 -26.04 16.27 -15.18
N ILE D 21 -25.85 15.67 -14.01
CA ILE D 21 -26.61 14.50 -13.63
C ILE D 21 -27.45 14.75 -12.38
N GLU D 22 -28.48 13.93 -12.23
CA GLU D 22 -29.16 13.75 -10.95
C GLU D 22 -28.72 12.41 -10.40
N GLN D 23 -28.26 12.44 -9.15
CA GLN D 23 -27.73 11.24 -8.52
C GLN D 23 -28.44 10.95 -7.22
N GLY D 24 -28.98 9.74 -7.11
CA GLY D 24 -29.54 9.24 -5.87
C GLY D 24 -29.23 7.77 -5.81
N ASP D 25 -30.28 6.95 -5.85
CA ASP D 25 -30.10 5.50 -6.00
C ASP D 25 -29.69 5.18 -7.43
N ARG D 26 -30.01 6.10 -8.36
CA ARG D 26 -29.66 5.93 -9.76
C ARG D 26 -28.90 7.15 -10.30
N THR D 27 -28.30 6.99 -11.46
CA THR D 27 -27.66 8.10 -12.15
C THR D 27 -28.46 8.44 -13.39
N THR D 28 -28.87 9.70 -13.51
CA THR D 28 -29.69 10.13 -14.63
C THR D 28 -29.05 11.36 -15.24
N LEU D 29 -28.94 11.37 -16.57
CA LEU D 29 -28.39 12.55 -17.26
C LEU D 29 -29.46 13.59 -17.50
N LEU D 30 -29.22 14.79 -17.00
CA LEU D 30 -30.13 15.91 -17.17
C LEU D 30 -29.78 16.77 -18.37
N ALA D 31 -28.49 16.94 -18.62
CA ALA D 31 -28.03 17.80 -19.69
C ALA D 31 -26.57 17.54 -20.03
N SER D 32 -26.18 17.97 -21.21
CA SER D 32 -24.81 17.81 -21.65
C SER D 32 -24.40 18.96 -22.56
N HIS D 33 -23.11 19.21 -22.61
CA HIS D 33 -22.61 20.29 -23.43
C HIS D 33 -21.19 19.96 -23.82
N TYR D 34 -20.82 20.31 -25.04
CA TYR D 34 -19.45 20.14 -25.50
C TYR D 34 -18.87 21.48 -25.89
N LEU D 35 -17.62 21.69 -25.49
CA LEU D 35 -16.93 22.94 -25.75
C LEU D 35 -15.60 22.62 -26.40
N PRO D 36 -15.38 23.11 -27.61
CA PRO D 36 -14.12 22.89 -28.31
C PRO D 36 -12.97 23.57 -27.59
N MET D 37 -11.78 22.98 -27.65
CA MET D 37 -10.62 23.61 -27.07
C MET D 37 -9.91 24.40 -28.15
N PRO D 38 -9.66 25.71 -27.87
CA PRO D 38 -8.96 26.60 -28.80
C PRO D 38 -7.58 26.06 -29.16
N ALA D 39 -7.15 26.26 -30.40
CA ALA D 39 -5.87 25.73 -30.87
C ALA D 39 -4.69 26.10 -29.98
N GLY D 40 -4.66 27.35 -29.50
CA GLY D 40 -3.56 27.80 -28.66
C GLY D 40 -3.46 27.04 -27.35
N LEU D 41 -4.60 26.75 -26.75
CA LEU D 41 -4.64 25.98 -25.53
C LEU D 41 -4.20 24.54 -25.75
N ARG D 42 -4.67 23.94 -26.83
CA ARG D 42 -4.27 22.56 -27.18
C ARG D 42 -2.76 22.48 -27.34
N GLU D 43 -2.19 23.44 -28.08
CA GLU D 43 -0.76 23.43 -28.33
C GLU D 43 0.02 23.60 -27.02
N ASP D 44 -0.44 24.51 -26.16
CA ASP D 44 0.26 24.73 -24.89
C ASP D 44 0.14 23.55 -23.93
N ILE D 45 -0.99 22.86 -23.96
CA ILE D 45 -1.14 21.65 -23.15
C ILE D 45 -0.18 20.56 -23.64
N LEU D 46 -0.16 20.33 -24.95
CA LEU D 46 0.72 19.34 -25.54
C LEU D 46 2.18 19.55 -25.22
N ALA D 47 2.63 20.80 -25.24
CA ALA D 47 4.01 21.12 -24.93
C ALA D 47 4.37 20.79 -23.48
N LEU D 48 3.35 20.61 -22.64
CA LEU D 48 3.61 20.25 -21.26
C LEU D 48 3.57 18.74 -21.03
N CYS D 49 3.26 17.98 -22.06
CA CYS D 49 3.05 16.53 -21.91
C CYS D 49 4.36 15.73 -21.99
N VAL D 50 5.44 16.44 -22.28
CA VAL D 50 6.79 15.87 -22.25
C VAL D 50 7.65 16.84 -21.47
N PRO D 51 8.73 16.33 -20.85
CA PRO D 51 9.61 17.17 -20.06
C PRO D 51 10.15 18.36 -20.85
N GLY D 52 10.16 19.53 -20.21
CA GLY D 52 10.62 20.75 -20.85
C GLY D 52 10.99 21.76 -19.78
N PRO D 53 11.39 22.96 -20.20
CA PRO D 53 11.84 24.00 -19.25
C PRO D 53 10.68 24.75 -18.60
N ASP D 54 10.92 25.31 -17.41
CA ASP D 54 10.01 26.29 -16.80
C ASP D 54 8.59 25.74 -16.63
N GLU D 55 8.48 24.46 -16.30
CA GLU D 55 7.18 23.81 -16.27
C GLU D 55 6.22 24.29 -15.20
N ILE D 56 6.75 24.60 -14.02
CA ILE D 56 5.89 25.06 -12.92
C ILE D 56 5.12 26.31 -13.35
N ALA D 57 5.84 27.31 -13.86
CA ALA D 57 5.20 28.55 -14.31
C ALA D 57 4.30 28.32 -15.53
N ARG D 58 4.78 27.53 -16.48
CA ARG D 58 4.02 27.26 -17.70
C ARG D 58 2.72 26.52 -17.39
N ALA D 59 2.79 25.53 -16.51
CA ALA D 59 1.60 24.77 -16.15
C ALA D 59 0.61 25.69 -15.44
N ALA D 60 1.13 26.60 -14.62
CA ALA D 60 0.27 27.52 -13.89
C ALA D 60 -0.48 28.44 -14.86
N GLU D 61 0.20 28.89 -15.90
CA GLU D 61 -0.42 29.77 -16.89
C GLU D 61 -1.45 29.02 -17.74
N VAL D 62 -1.09 27.82 -18.17
CA VAL D 62 -1.97 27.00 -18.99
C VAL D 62 -3.23 26.58 -18.23
N GLU D 63 -3.08 26.23 -16.96
CA GLU D 63 -4.25 25.76 -16.21
C GLU D 63 -5.24 26.89 -15.97
N GLN D 64 -4.77 28.12 -15.91
CA GLN D 64 -5.67 29.26 -15.76
C GLN D 64 -6.57 29.36 -16.99
N ARG D 65 -6.00 29.13 -18.16
CA ARG D 65 -6.77 29.17 -19.40
C ARG D 65 -7.74 27.99 -19.48
N TRP D 66 -7.28 26.82 -19.08
CA TRP D 66 -8.11 25.63 -19.01
C TRP D 66 -9.30 25.84 -18.08
N VAL D 67 -9.03 26.39 -16.90
CA VAL D 67 -10.09 26.61 -15.92
C VAL D 67 -11.10 27.64 -16.43
N ALA D 68 -10.63 28.68 -17.09
CA ALA D 68 -11.54 29.66 -17.68
C ALA D 68 -12.45 28.98 -18.70
N LEU D 69 -11.87 28.07 -19.49
CA LEU D 69 -12.67 27.33 -20.46
C LEU D 69 -13.70 26.45 -19.76
N ALA D 70 -13.28 25.74 -18.72
CA ALA D 70 -14.20 24.90 -17.97
C ALA D 70 -15.35 25.71 -17.38
N ALA D 71 -15.02 26.88 -16.82
CA ALA D 71 -16.05 27.75 -16.28
C ALA D 71 -17.03 28.24 -17.34
N GLN D 72 -16.52 28.53 -18.54
CA GLN D 72 -17.36 28.96 -19.67
C GLN D 72 -18.36 27.87 -20.01
N GLY D 73 -17.85 26.66 -20.10
CA GLY D 73 -18.73 25.53 -20.43
C GLY D 73 -19.80 25.29 -19.39
N VAL D 74 -19.41 25.36 -18.11
CA VAL D 74 -20.36 25.22 -17.01
C VAL D 74 -21.44 26.30 -17.09
N ARG D 75 -20.99 27.55 -17.28
CA ARG D 75 -21.90 28.68 -17.41
C ARG D 75 -22.88 28.44 -18.55
N GLU D 76 -22.36 27.97 -19.68
CA GLU D 76 -23.18 27.72 -20.86
C GLU D 76 -24.21 26.63 -20.64
N LEU D 77 -23.79 25.52 -20.01
CA LEU D 77 -24.76 24.45 -19.73
C LEU D 77 -25.85 24.93 -18.78
N LEU D 78 -25.44 25.65 -17.73
CA LEU D 78 -26.43 26.13 -16.76
C LEU D 78 -27.40 27.13 -17.38
N LEU D 79 -26.90 28.01 -18.23
CA LEU D 79 -27.77 28.93 -18.96
C LEU D 79 -28.81 28.14 -19.78
N GLN D 80 -28.34 27.11 -20.48
CA GLN D 80 -29.23 26.29 -21.33
C GLN D 80 -30.32 25.64 -20.50
N GLN D 81 -29.95 25.25 -19.29
CA GLN D 81 -30.88 24.56 -18.38
C GLN D 81 -31.65 25.52 -17.49
N GLN D 82 -31.39 26.82 -17.65
CA GLN D 82 -31.98 27.84 -16.77
C GLN D 82 -31.82 27.51 -15.30
N MET D 83 -30.58 27.18 -14.92
CA MET D 83 -30.25 26.83 -13.56
C MET D 83 -29.21 27.75 -12.97
N SER D 84 -29.36 28.03 -11.69
CA SER D 84 -28.36 28.78 -10.95
C SER D 84 -27.32 27.81 -10.43
N PRO D 85 -26.08 28.30 -10.29
CA PRO D 85 -25.05 27.45 -9.68
C PRO D 85 -25.42 26.98 -8.28
N ASP D 86 -26.28 27.72 -7.58
CA ASP D 86 -26.72 27.31 -6.25
C ASP D 86 -27.51 25.99 -6.27
N GLU D 87 -27.95 25.59 -7.45
CA GLU D 87 -28.78 24.40 -7.57
C GLU D 87 -27.94 23.16 -7.80
N VAL D 88 -26.64 23.33 -7.97
CA VAL D 88 -25.73 22.21 -8.21
C VAL D 88 -24.92 21.92 -6.95
N ARG D 89 -24.89 20.66 -6.54
CA ARG D 89 -24.17 20.34 -5.29
C ARG D 89 -22.67 20.46 -5.46
N ALA D 90 -22.14 19.94 -6.56
CA ALA D 90 -20.69 20.01 -6.80
C ALA D 90 -20.37 19.73 -8.25
N ILE D 91 -19.19 20.17 -8.66
CA ILE D 91 -18.58 19.80 -9.93
C ILE D 91 -17.51 18.75 -9.65
N GLY D 92 -17.55 17.66 -10.40
CA GLY D 92 -16.45 16.71 -10.37
C GLY D 92 -15.59 16.99 -11.60
N SER D 93 -14.39 17.48 -11.38
CA SER D 93 -13.51 17.87 -12.47
C SER D 93 -12.32 16.95 -12.59
N HIS D 94 -12.15 16.36 -13.78
CA HIS D 94 -10.97 15.57 -14.02
C HIS D 94 -9.72 16.43 -14.11
N GLY D 95 -9.87 17.67 -14.55
CA GLY D 95 -8.70 18.46 -14.89
C GLY D 95 -8.10 18.00 -16.20
N GLN D 96 -6.84 18.34 -16.42
CA GLN D 96 -6.14 17.99 -17.64
C GLN D 96 -4.84 17.27 -17.32
N THR D 97 -4.69 16.04 -17.80
CA THR D 97 -3.45 15.30 -17.54
C THR D 97 -2.31 15.83 -18.38
N ILE D 98 -1.21 16.24 -17.74
CA ILE D 98 -0.02 16.62 -18.48
C ILE D 98 1.14 15.65 -18.28
N ARG D 99 1.01 14.76 -17.30
CA ARG D 99 2.02 13.71 -17.11
C ARG D 99 1.39 12.62 -16.28
N HIS D 100 1.61 11.38 -16.70
CA HIS D 100 1.05 10.23 -16.00
C HIS D 100 2.07 9.13 -15.97
N GLU D 101 2.73 8.94 -14.82
CA GLU D 101 3.82 7.98 -14.72
C GLU D 101 3.72 7.18 -13.42
N PRO D 102 2.70 6.31 -13.32
CA PRO D 102 2.52 5.53 -12.08
C PRO D 102 3.71 4.63 -11.68
N ALA D 103 4.58 4.25 -12.62
CA ALA D 103 5.80 3.51 -12.26
C ALA D 103 6.72 4.34 -11.38
N ARG D 104 6.62 5.66 -11.51
CA ARG D 104 7.37 6.55 -10.63
C ARG D 104 6.44 7.15 -9.59
N HIS D 105 5.27 6.51 -9.44
CA HIS D 105 4.31 6.86 -8.41
C HIS D 105 3.81 8.29 -8.47
N PHE D 106 3.58 8.80 -9.68
CA PHE D 106 2.98 10.12 -9.80
C PHE D 106 2.07 10.28 -11.02
N THR D 107 1.10 11.16 -10.86
CA THR D 107 0.24 11.56 -11.95
C THR D 107 -0.12 13.02 -11.73
N VAL D 108 -0.15 13.79 -12.81
CA VAL D 108 -0.31 15.22 -12.70
C VAL D 108 -1.42 15.70 -13.60
N GLN D 109 -2.50 16.15 -12.96
CA GLN D 109 -3.62 16.77 -13.66
C GLN D 109 -3.64 18.21 -13.22
N ILE D 110 -3.64 19.12 -14.18
CA ILE D 110 -3.75 20.52 -13.82
C ILE D 110 -5.19 20.93 -13.94
N GLY D 111 -5.53 22.11 -13.44
CA GLY D 111 -6.90 22.55 -13.52
C GLY D 111 -7.36 23.25 -12.26
N ASN D 112 -6.43 23.98 -11.63
CA ASN D 112 -6.65 24.82 -10.44
C ASN D 112 -8.07 24.84 -9.91
N PRO D 113 -8.40 23.88 -9.07
CA PRO D 113 -9.79 23.74 -8.60
C PRO D 113 -10.27 24.91 -7.75
N ALA D 114 -9.36 25.58 -7.05
CA ALA D 114 -9.78 26.74 -6.27
C ALA D 114 -10.29 27.83 -7.18
N LEU D 115 -9.59 28.04 -8.30
CA LEU D 115 -10.02 29.04 -9.27
C LEU D 115 -11.34 28.60 -9.90
N LEU D 116 -11.49 27.31 -10.15
CA LEU D 116 -12.74 26.82 -10.74
C LEU D 116 -13.91 27.07 -9.79
N ALA D 117 -13.69 26.90 -8.49
CA ALA D 117 -14.72 27.18 -7.51
C ALA D 117 -15.04 28.67 -7.46
N GLU D 118 -13.99 29.50 -7.50
CA GLU D 118 -14.18 30.94 -7.52
C GLU D 118 -15.01 31.39 -8.74
N LEU D 119 -14.69 30.85 -9.92
CA LEU D 119 -15.35 31.31 -11.15
C LEU D 119 -16.77 30.77 -11.32
N THR D 120 -17.01 29.55 -10.86
CA THR D 120 -18.31 28.91 -11.07
C THR D 120 -19.28 29.13 -9.92
N GLY D 121 -18.75 29.31 -8.70
CA GLY D 121 -19.61 29.41 -7.53
C GLY D 121 -20.16 28.09 -7.06
N ILE D 122 -19.52 27.01 -7.49
CA ILE D 122 -19.92 25.66 -7.12
C ILE D 122 -18.74 24.93 -6.49
N ASP D 123 -19.02 24.16 -5.44
CA ASP D 123 -18.00 23.30 -4.85
C ASP D 123 -17.40 22.43 -5.94
N VAL D 124 -16.09 22.28 -5.89
CA VAL D 124 -15.37 21.45 -6.86
C VAL D 124 -14.71 20.27 -6.17
N VAL D 125 -14.93 19.07 -6.68
CA VAL D 125 -14.15 17.92 -6.25
C VAL D 125 -13.26 17.56 -7.41
N ALA D 126 -11.96 17.49 -7.17
CA ALA D 126 -11.00 17.27 -8.24
C ALA D 126 -9.85 16.39 -7.79
N ASP D 127 -8.88 16.21 -8.70
CA ASP D 127 -7.66 15.50 -8.38
C ASP D 127 -7.94 14.05 -7.96
N PHE D 128 -8.76 13.37 -8.75
CA PHE D 128 -9.25 12.04 -8.39
C PHE D 128 -8.21 10.96 -8.47
N ARG D 129 -7.19 11.13 -9.32
CA ARG D 129 -6.24 10.02 -9.53
C ARG D 129 -5.25 9.92 -8.40
N ARG D 130 -5.00 11.04 -7.74
CA ARG D 130 -3.87 11.06 -6.81
C ARG D 130 -3.94 10.13 -5.62
N ARG D 131 -5.14 9.96 -5.04
CA ARG D 131 -5.25 9.07 -3.89
C ARG D 131 -5.05 7.61 -4.30
N ASP D 132 -5.51 7.24 -5.50
CA ASP D 132 -5.30 5.88 -5.99
C ASP D 132 -3.80 5.59 -6.15
N VAL D 133 -3.08 6.54 -6.73
CA VAL D 133 -1.63 6.41 -6.88
C VAL D 133 -0.92 6.39 -5.52
N ALA D 134 -1.39 7.22 -4.61
CA ALA D 134 -0.84 7.26 -3.25
C ALA D 134 -1.02 5.92 -2.56
N ALA D 135 -2.07 5.18 -2.97
CA ALA D 135 -2.33 3.85 -2.42
C ALA D 135 -1.73 2.74 -3.29
N GLY D 136 -0.74 3.08 -4.12
CA GLY D 136 -0.01 2.08 -4.87
C GLY D 136 -0.63 1.67 -6.20
N GLY D 137 -1.70 2.35 -6.58
CA GLY D 137 -2.40 2.06 -7.82
C GLY D 137 -1.85 2.83 -9.00
N GLN D 138 -2.38 2.56 -10.18
CA GLN D 138 -1.95 3.20 -11.41
C GLN D 138 -2.65 4.53 -11.63
N GLY D 139 -3.67 4.83 -10.82
CA GLY D 139 -4.41 6.07 -10.99
C GLY D 139 -5.32 6.01 -12.20
N ALA D 140 -5.51 4.79 -12.72
CA ALA D 140 -6.27 4.56 -13.94
C ALA D 140 -6.42 3.05 -14.07
N PRO D 141 -7.48 2.59 -14.76
CA PRO D 141 -8.58 3.38 -15.34
C PRO D 141 -9.58 3.76 -14.26
N LEU D 142 -10.29 4.87 -14.42
CA LEU D 142 -11.25 5.26 -13.40
C LEU D 142 -12.68 4.83 -13.70
N VAL D 143 -13.05 4.86 -14.97
CA VAL D 143 -14.44 4.57 -15.35
C VAL D 143 -14.96 3.17 -14.93
N PRO D 144 -14.09 2.14 -14.84
CA PRO D 144 -14.66 0.86 -14.39
C PRO D 144 -15.34 0.88 -13.03
N ALA D 145 -14.91 1.76 -12.13
CA ALA D 145 -15.61 1.85 -10.86
C ALA D 145 -17.07 2.30 -11.05
N PHE D 146 -17.29 3.21 -11.98
CA PHE D 146 -18.62 3.71 -12.32
C PHE D 146 -19.42 2.59 -12.99
N HIS D 147 -18.78 1.90 -13.93
CA HIS D 147 -19.43 0.74 -14.57
C HIS D 147 -19.90 -0.26 -13.53
N GLN D 148 -19.02 -0.57 -12.58
CA GLN D 148 -19.37 -1.54 -11.54
C GLN D 148 -20.49 -1.05 -10.65
N ALA D 149 -20.43 0.21 -10.22
CA ALA D 149 -21.49 0.71 -9.36
C ALA D 149 -22.84 0.74 -10.06
N LEU D 150 -22.84 1.03 -11.36
CA LEU D 150 -24.08 1.10 -12.11
C LEU D 150 -24.64 -0.27 -12.46
N PHE D 151 -23.76 -1.18 -12.87
CA PHE D 151 -24.20 -2.37 -13.61
C PHE D 151 -23.78 -3.68 -12.99
N GLY D 152 -22.93 -3.63 -11.97
CA GLY D 152 -22.51 -4.88 -11.34
C GLY D 152 -23.70 -5.52 -10.65
N ASP D 153 -23.76 -6.85 -10.69
CA ASP D 153 -24.93 -7.61 -10.25
C ASP D 153 -24.54 -9.07 -10.14
N ASP D 154 -24.62 -9.61 -8.92
CA ASP D 154 -24.20 -10.99 -8.64
C ASP D 154 -25.01 -12.01 -9.40
N ASP D 155 -26.11 -11.58 -10.01
CA ASP D 155 -26.98 -12.54 -10.67
C ASP D 155 -26.73 -12.59 -12.17
N THR D 156 -25.98 -11.64 -12.71
CA THR D 156 -25.82 -11.55 -14.17
C THR D 156 -24.37 -11.31 -14.58
N SER D 157 -23.86 -12.11 -15.51
CA SER D 157 -22.54 -11.85 -16.10
C SER D 157 -22.72 -10.76 -17.14
N ARG D 158 -22.07 -9.62 -16.95
CA ARG D 158 -22.23 -8.51 -17.87
C ARG D 158 -20.88 -8.02 -18.36
N ALA D 159 -20.90 -7.49 -19.59
CA ALA D 159 -19.73 -6.80 -20.12
C ALA D 159 -20.17 -5.40 -20.48
N VAL D 160 -19.42 -4.41 -20.00
CA VAL D 160 -19.71 -3.03 -20.38
C VAL D 160 -18.68 -2.66 -21.43
N LEU D 161 -19.16 -2.45 -22.65
CA LEU D 161 -18.28 -2.31 -23.80
C LEU D 161 -18.30 -0.88 -24.31
N ASN D 162 -17.15 -0.21 -24.24
CA ASN D 162 -17.05 1.13 -24.80
C ASN D 162 -16.45 1.04 -26.19
N ILE D 163 -17.22 1.47 -27.18
CA ILE D 163 -16.70 1.48 -28.54
C ILE D 163 -16.42 2.92 -28.89
N GLY D 164 -15.18 3.33 -28.63
CA GLY D 164 -14.72 4.65 -29.04
C GLY D 164 -13.84 4.51 -30.27
N GLY D 165 -12.76 5.28 -30.33
CA GLY D 165 -11.80 5.08 -31.39
C GLY D 165 -11.31 3.66 -31.27
N PHE D 166 -11.03 3.26 -30.04
CA PHE D 166 -10.73 1.87 -29.76
C PHE D 166 -11.83 1.31 -28.88
N SER D 167 -11.90 -0.01 -28.80
CA SER D 167 -12.92 -0.67 -28.00
C SER D 167 -12.26 -1.21 -26.74
N ASN D 168 -12.94 -1.03 -25.62
CA ASN D 168 -12.49 -1.56 -24.35
C ASN D 168 -13.67 -2.04 -23.54
N VAL D 169 -13.44 -3.02 -22.68
CA VAL D 169 -14.54 -3.63 -21.98
C VAL D 169 -14.25 -3.73 -20.50
N SER D 170 -15.30 -3.57 -19.70
CA SER D 170 -15.27 -3.90 -18.29
C SER D 170 -16.06 -5.17 -18.13
N LEU D 171 -15.43 -6.20 -17.57
CA LEU D 171 -16.16 -7.45 -17.34
C LEU D 171 -16.60 -7.51 -15.89
N LEU D 172 -17.91 -7.60 -15.70
CA LEU D 172 -18.47 -7.65 -14.36
C LEU D 172 -19.01 -9.05 -14.19
N SER D 173 -18.16 -9.91 -13.64
CA SER D 173 -18.49 -11.33 -13.49
C SER D 173 -18.72 -11.62 -12.02
N PRO D 174 -19.88 -12.20 -11.71
CA PRO D 174 -20.22 -12.51 -10.31
C PRO D 174 -19.16 -13.38 -9.63
N GLY D 175 -18.75 -12.96 -8.44
CA GLY D 175 -17.79 -13.70 -7.65
C GLY D 175 -16.33 -13.60 -8.09
N LYS D 176 -16.06 -12.75 -9.07
CA LYS D 176 -14.71 -12.58 -9.59
C LYS D 176 -14.31 -11.13 -9.54
N PRO D 177 -12.99 -10.84 -9.50
CA PRO D 177 -12.59 -9.43 -9.55
C PRO D 177 -13.01 -8.82 -10.90
N VAL D 178 -13.29 -7.52 -10.87
CA VAL D 178 -13.53 -6.77 -12.09
C VAL D 178 -12.31 -6.78 -12.99
N ARG D 179 -12.56 -6.91 -14.29
CA ARG D 179 -11.49 -6.89 -15.27
C ARG D 179 -11.78 -5.84 -16.33
N GLY D 180 -10.71 -5.35 -16.96
CA GLY D 180 -10.86 -4.40 -18.04
C GLY D 180 -9.72 -4.57 -19.01
N PHE D 181 -10.03 -4.52 -20.31
CA PHE D 181 -8.97 -4.55 -21.32
C PHE D 181 -9.44 -4.00 -22.66
N ASP D 182 -8.47 -3.68 -23.51
CA ASP D 182 -8.76 -3.19 -24.85
C ASP D 182 -9.05 -4.37 -25.76
N CYS D 183 -10.04 -4.22 -26.65
CA CYS D 183 -10.40 -5.34 -27.51
C CYS D 183 -9.77 -5.21 -28.87
N GLY D 184 -9.43 -4.00 -29.24
CA GLY D 184 -8.98 -3.72 -30.59
C GLY D 184 -9.64 -2.47 -31.11
N PRO D 185 -9.62 -2.27 -32.42
CA PRO D 185 -10.14 -1.02 -32.98
C PRO D 185 -11.63 -0.93 -32.76
N GLY D 186 -12.12 0.28 -32.53
CA GLY D 186 -13.55 0.52 -32.45
C GLY D 186 -13.95 1.25 -33.71
N ASN D 187 -14.03 2.58 -33.63
CA ASN D 187 -14.42 3.37 -34.79
C ASN D 187 -13.22 3.89 -35.59
N VAL D 188 -12.01 3.73 -35.05
CA VAL D 188 -10.83 4.42 -35.60
C VAL D 188 -10.59 4.17 -37.10
N LEU D 189 -10.64 2.91 -37.54
CA LEU D 189 -10.38 2.60 -38.93
C LEU D 189 -11.57 2.89 -39.83
N MET D 190 -12.78 2.58 -39.36
CA MET D 190 -13.97 2.87 -40.17
C MET D 190 -14.09 4.37 -40.42
N ASP D 191 -13.74 5.16 -39.42
CA ASP D 191 -13.76 6.63 -39.52
C ASP D 191 -12.68 7.10 -40.49
N ALA D 192 -11.48 6.56 -40.31
CA ALA D 192 -10.36 6.94 -41.17
C ALA D 192 -10.63 6.56 -42.61
N TRP D 193 -11.20 5.38 -42.82
CA TRP D 193 -11.40 4.92 -44.17
C TRP D 193 -12.47 5.70 -44.90
N ILE D 194 -13.63 5.92 -44.27
CA ILE D 194 -14.66 6.69 -44.94
C ILE D 194 -14.27 8.16 -45.14
N HIS D 195 -13.43 8.70 -44.25
CA HIS D 195 -12.99 10.07 -44.44
C HIS D 195 -12.04 10.15 -45.65
N HIS D 196 -11.14 9.19 -45.74
CA HIS D 196 -10.19 9.12 -46.85
C HIS D 196 -10.88 8.96 -48.21
N GLN D 197 -11.96 8.19 -48.24
CA GLN D 197 -12.59 7.82 -49.51
C GLN D 197 -13.75 8.74 -49.88
N ARG D 198 -14.42 9.30 -48.88
CA ARG D 198 -15.65 10.05 -49.15
C ARG D 198 -15.71 11.39 -48.41
N GLY D 199 -14.69 11.67 -47.60
CA GLY D 199 -14.60 12.93 -46.89
C GLY D 199 -15.65 13.08 -45.79
N GLU D 200 -16.22 11.97 -45.36
CA GLU D 200 -17.17 12.00 -44.27
C GLU D 200 -16.41 11.70 -42.98
N HIS D 201 -16.85 12.26 -41.86
CA HIS D 201 -16.19 12.05 -40.59
C HIS D 201 -16.41 10.66 -39.99
N PHE D 202 -17.57 10.08 -40.25
CA PHE D 202 -17.85 8.72 -39.83
C PHE D 202 -18.89 8.08 -40.72
N ASP D 203 -19.12 6.78 -40.53
CA ASP D 203 -20.05 6.02 -41.36
C ASP D 203 -21.37 5.95 -40.63
N ARG D 204 -22.29 6.87 -40.96
CA ARG D 204 -23.53 6.99 -40.20
C ARG D 204 -24.35 5.70 -40.25
N ASP D 205 -24.64 5.17 -39.07
CA ASP D 205 -25.38 3.93 -38.90
C ASP D 205 -24.66 2.71 -39.49
N GLY D 206 -23.41 2.90 -39.88
CA GLY D 206 -22.66 1.84 -40.53
C GLY D 206 -23.24 1.48 -41.89
N ALA D 207 -23.99 2.39 -42.50
CA ALA D 207 -24.69 2.06 -43.74
C ALA D 207 -23.75 1.75 -44.90
N TRP D 208 -22.59 2.41 -44.94
CA TRP D 208 -21.64 2.17 -46.03
C TRP D 208 -21.02 0.80 -45.86
N ALA D 209 -20.59 0.49 -44.64
CA ALA D 209 -20.08 -0.85 -44.33
C ALA D 209 -21.11 -1.92 -44.70
N ALA D 210 -22.37 -1.67 -44.33
CA ALA D 210 -23.42 -2.65 -44.60
C ALA D 210 -23.69 -2.85 -46.09
N SER D 211 -23.33 -1.86 -46.91
CA SER D 211 -23.59 -1.95 -48.35
C SER D 211 -22.55 -2.83 -49.05
N GLY D 212 -21.43 -3.07 -48.35
CA GLY D 212 -20.35 -3.89 -48.88
C GLY D 212 -20.42 -5.35 -48.45
N GLN D 213 -19.41 -6.12 -48.86
CA GLN D 213 -19.29 -7.52 -48.46
C GLN D 213 -17.94 -7.73 -47.80
N VAL D 214 -17.93 -8.38 -46.65
CA VAL D 214 -16.69 -8.69 -45.94
C VAL D 214 -15.76 -9.52 -46.82
N ASN D 215 -14.50 -9.11 -46.90
CA ASN D 215 -13.51 -9.92 -47.60
C ASN D 215 -12.78 -10.78 -46.57
N HIS D 216 -12.95 -12.09 -46.69
CA HIS D 216 -12.45 -12.97 -45.63
C HIS D 216 -10.94 -13.11 -45.60
N ALA D 217 -10.29 -12.99 -46.75
CA ALA D 217 -8.82 -13.03 -46.78
C ALA D 217 -8.26 -11.82 -46.06
N LEU D 218 -8.81 -10.66 -46.36
CA LEU D 218 -8.36 -9.43 -45.71
C LEU D 218 -8.63 -9.46 -44.21
N LEU D 219 -9.82 -9.92 -43.84
CA LEU D 219 -10.20 -10.02 -42.45
C LEU D 219 -9.23 -10.91 -41.67
N ALA D 220 -8.89 -12.05 -42.25
CA ALA D 220 -7.98 -12.96 -41.55
C ALA D 220 -6.59 -12.33 -41.35
N SER D 221 -6.12 -11.58 -42.35
CA SER D 221 -4.84 -10.88 -42.22
C SER D 221 -4.88 -9.84 -41.12
N LEU D 222 -5.94 -9.03 -41.11
CA LEU D 222 -6.09 -7.98 -40.09
C LEU D 222 -6.11 -8.62 -38.70
N LEU D 223 -6.86 -9.73 -38.57
CA LEU D 223 -7.00 -10.42 -37.27
C LEU D 223 -5.72 -11.16 -36.85
N ALA D 224 -4.77 -11.34 -37.77
CA ALA D 224 -3.55 -12.06 -37.43
C ALA D 224 -2.51 -11.09 -36.89
N ASP D 225 -2.87 -9.81 -36.80
CA ASP D 225 -1.94 -8.83 -36.24
C ASP D 225 -1.56 -9.20 -34.80
N GLU D 226 -0.30 -8.92 -34.45
CA GLU D 226 0.28 -9.25 -33.16
C GLU D 226 -0.58 -8.81 -31.98
N PHE D 227 -1.28 -7.69 -32.16
CA PHE D 227 -2.08 -7.10 -31.09
C PHE D 227 -3.08 -8.10 -30.52
N PHE D 228 -3.62 -8.93 -31.40
CA PHE D 228 -4.61 -9.93 -30.99
C PHE D 228 -3.91 -11.17 -30.44
N GLU D 239 -2.73 1.98 -31.20
CA GLU D 239 -1.95 2.93 -32.00
C GLU D 239 -1.32 2.27 -33.23
N ARG D 240 -1.36 0.94 -33.26
CA ARG D 240 -0.93 0.22 -34.45
C ARG D 240 -1.95 0.47 -35.54
N PHE D 241 -3.19 0.73 -35.13
CA PHE D 241 -4.31 0.80 -36.06
C PHE D 241 -4.50 2.20 -36.62
N ASN D 242 -3.95 2.40 -37.82
CA ASN D 242 -4.05 3.67 -38.53
C ASN D 242 -4.11 3.38 -40.02
N LEU D 243 -4.24 4.45 -40.82
CA LEU D 243 -4.39 4.30 -42.26
C LEU D 243 -3.19 3.65 -42.97
N PRO D 244 -1.95 4.11 -42.69
CA PRO D 244 -0.81 3.45 -43.33
C PRO D 244 -0.71 1.96 -43.01
N TRP D 245 -1.06 1.57 -41.80
CA TRP D 245 -1.09 0.15 -41.40
C TRP D 245 -2.06 -0.60 -42.27
N LEU D 246 -3.20 0.04 -42.52
CA LEU D 246 -4.23 -0.56 -43.33
C LEU D 246 -3.82 -0.65 -44.79
N GLN D 247 -3.25 0.44 -45.32
CA GLN D 247 -2.84 0.49 -46.72
C GLN D 247 -1.86 -0.60 -47.10
N GLU D 248 -1.00 -0.98 -46.16
CA GLU D 248 -0.06 -2.06 -46.40
C GLU D 248 -0.83 -3.35 -46.66
N HIS D 249 -1.92 -3.54 -45.92
CA HIS D 249 -2.75 -4.73 -46.08
C HIS D 249 -3.50 -4.64 -47.41
N LEU D 250 -3.96 -3.43 -47.74
CA LEU D 250 -4.78 -3.22 -48.95
C LEU D 250 -3.98 -3.43 -50.22
N ALA D 251 -2.65 -3.33 -50.13
CA ALA D 251 -1.82 -3.55 -51.31
C ALA D 251 -2.05 -4.95 -51.87
N ARG D 252 -2.48 -5.88 -51.01
CA ARG D 252 -2.74 -7.24 -51.48
C ARG D 252 -4.17 -7.41 -51.99
N HIS D 253 -4.91 -6.30 -52.03
CA HIS D 253 -6.29 -6.30 -52.49
C HIS D 253 -6.51 -5.13 -53.44
N PRO D 254 -5.74 -5.07 -54.55
CA PRO D 254 -5.85 -3.95 -55.50
C PRO D 254 -7.24 -3.77 -56.09
N ALA D 255 -7.94 -4.87 -56.36
CA ALA D 255 -9.26 -4.81 -56.98
C ALA D 255 -10.42 -4.58 -56.01
N LEU D 256 -10.16 -4.61 -54.70
CA LEU D 256 -11.28 -4.63 -53.74
C LEU D 256 -11.97 -3.29 -53.64
N PRO D 257 -13.30 -3.27 -53.84
CA PRO D 257 -14.09 -2.04 -53.70
C PRO D 257 -14.05 -1.45 -52.31
N ALA D 258 -14.08 -0.11 -52.25
CA ALA D 258 -13.93 0.59 -50.98
C ALA D 258 -15.00 0.18 -49.98
N ALA D 259 -16.21 -0.08 -50.46
CA ALA D 259 -17.29 -0.46 -49.55
C ALA D 259 -17.05 -1.85 -48.94
N ASP D 260 -16.39 -2.71 -49.71
CA ASP D 260 -16.06 -4.06 -49.22
C ASP D 260 -14.96 -3.92 -48.17
N ILE D 261 -14.06 -2.98 -48.39
CA ILE D 261 -13.03 -2.71 -47.38
C ILE D 261 -13.70 -2.22 -46.11
N GLN D 262 -14.64 -1.28 -46.25
CA GLN D 262 -15.37 -0.79 -45.10
C GLN D 262 -16.14 -1.90 -44.38
N ALA D 263 -16.78 -2.80 -45.14
CA ALA D 263 -17.49 -3.93 -44.53
C ALA D 263 -16.50 -4.78 -43.72
N THR D 264 -15.29 -4.93 -44.24
CA THR D 264 -14.29 -5.76 -43.58
C THR D 264 -13.79 -5.09 -42.31
N LEU D 265 -13.68 -3.77 -42.35
CA LEU D 265 -13.25 -3.03 -41.17
C LEU D 265 -14.30 -3.15 -40.06
N LEU D 266 -15.57 -3.14 -40.43
CA LEU D 266 -16.61 -3.29 -39.42
C LEU D 266 -16.50 -4.67 -38.76
N GLU D 267 -16.31 -5.68 -39.60
CA GLU D 267 -16.19 -7.04 -39.11
C GLU D 267 -14.95 -7.21 -38.23
N LEU D 268 -13.88 -6.50 -38.56
CA LEU D 268 -12.68 -6.52 -37.71
C LEU D 268 -13.00 -6.02 -36.30
N SER D 269 -13.73 -4.92 -36.20
CA SER D 269 -14.16 -4.41 -34.90
C SER D 269 -15.07 -5.40 -34.20
N ALA D 270 -16.03 -5.95 -34.95
CA ALA D 270 -17.01 -6.84 -34.34
C ALA D 270 -16.38 -8.14 -33.83
N ARG D 271 -15.48 -8.73 -34.62
CA ARG D 271 -14.83 -9.99 -34.23
C ARG D 271 -13.80 -9.79 -33.14
N SER D 272 -13.09 -8.68 -33.17
CA SER D 272 -12.06 -8.47 -32.15
C SER D 272 -12.75 -8.35 -30.80
N ILE D 273 -13.88 -7.66 -30.78
CA ILE D 273 -14.72 -7.54 -29.59
C ILE D 273 -15.33 -8.89 -29.17
N SER D 274 -16.05 -9.52 -30.10
CA SER D 274 -16.77 -10.74 -29.74
C SER D 274 -15.83 -11.85 -29.27
N GLU D 275 -14.72 -12.03 -29.97
CA GLU D 275 -13.79 -13.09 -29.61
C GLU D 275 -13.13 -12.86 -28.25
N SER D 276 -12.71 -11.62 -27.98
CA SER D 276 -12.08 -11.32 -26.70
C SER D 276 -13.07 -11.39 -25.54
N LEU D 277 -14.28 -10.88 -25.75
CA LEU D 277 -15.32 -10.92 -24.71
C LEU D 277 -15.69 -12.35 -24.36
N LEU D 278 -15.97 -13.16 -25.38
CA LEU D 278 -16.42 -14.53 -25.16
C LEU D 278 -15.31 -15.44 -24.62
N ASP D 279 -14.07 -15.15 -24.98
CA ASP D 279 -12.95 -15.91 -24.43
C ASP D 279 -12.79 -15.63 -22.94
N ALA D 280 -13.00 -14.38 -22.56
CA ALA D 280 -12.78 -13.95 -21.18
C ALA D 280 -14.02 -14.14 -20.30
N GLN D 281 -15.20 -14.07 -20.90
CA GLN D 281 -16.44 -14.19 -20.14
C GLN D 281 -17.40 -15.03 -20.96
N PRO D 282 -17.13 -16.35 -21.02
CA PRO D 282 -17.90 -17.24 -21.90
C PRO D 282 -19.40 -17.25 -21.60
N ASP D 283 -19.77 -17.03 -20.35
CA ASP D 283 -21.18 -17.09 -19.96
C ASP D 283 -21.83 -15.71 -20.00
N CYS D 284 -21.18 -14.75 -20.69
CA CYS D 284 -21.71 -13.39 -20.79
C CYS D 284 -23.17 -13.38 -21.17
N GLU D 285 -23.99 -12.72 -20.37
CA GLU D 285 -25.43 -12.72 -20.60
C GLU D 285 -25.90 -11.41 -21.23
N GLU D 286 -25.16 -10.34 -20.95
CA GLU D 286 -25.56 -9.02 -21.44
C GLU D 286 -24.32 -8.22 -21.80
N VAL D 287 -24.34 -7.59 -22.97
CA VAL D 287 -23.27 -6.67 -23.39
C VAL D 287 -23.88 -5.29 -23.45
N LEU D 288 -23.35 -4.36 -22.64
CA LEU D 288 -23.93 -3.02 -22.55
C LEU D 288 -23.01 -2.08 -23.31
N VAL D 289 -23.49 -1.47 -24.38
CA VAL D 289 -22.60 -0.76 -25.30
C VAL D 289 -22.74 0.74 -25.12
N CYS D 290 -21.60 1.38 -24.89
CA CYS D 290 -21.54 2.83 -24.80
C CYS D 290 -20.43 3.31 -25.74
N GLY D 291 -20.17 4.61 -25.74
CA GLY D 291 -19.32 5.20 -26.76
C GLY D 291 -20.10 5.39 -28.04
N GLY D 292 -19.50 6.09 -29.00
CA GLY D 292 -20.19 6.42 -30.24
C GLY D 292 -20.51 5.22 -31.09
N GLY D 293 -19.76 4.13 -30.90
CA GLY D 293 -20.01 2.92 -31.66
C GLY D 293 -21.38 2.34 -31.38
N ALA D 294 -21.95 2.72 -30.23
CA ALA D 294 -23.29 2.25 -29.88
C ALA D 294 -24.33 2.72 -30.89
N PHE D 295 -24.00 3.79 -31.62
CA PHE D 295 -24.92 4.33 -32.61
C PHE D 295 -24.74 3.71 -33.98
N ASN D 296 -23.68 2.92 -34.15
CA ASN D 296 -23.45 2.26 -35.42
C ASN D 296 -24.33 1.01 -35.51
N THR D 297 -25.49 1.17 -36.15
CA THR D 297 -26.51 0.13 -36.22
C THR D 297 -25.98 -1.17 -36.81
N ALA D 298 -25.17 -1.04 -37.85
CA ALA D 298 -24.62 -2.22 -38.53
C ALA D 298 -23.69 -2.98 -37.61
N LEU D 299 -22.86 -2.25 -36.86
CA LEU D 299 -21.94 -2.90 -35.93
C LEU D 299 -22.70 -3.57 -34.79
N MET D 300 -23.71 -2.90 -34.26
CA MET D 300 -24.49 -3.46 -33.17
C MET D 300 -25.19 -4.74 -33.61
N LYS D 301 -25.68 -4.75 -34.83
CA LYS D 301 -26.35 -5.92 -35.37
C LYS D 301 -25.36 -7.08 -35.50
N ARG D 302 -24.14 -6.77 -35.93
CA ARG D 302 -23.13 -7.81 -36.08
C ARG D 302 -22.71 -8.37 -34.72
N LEU D 303 -22.58 -7.49 -33.74
CA LEU D 303 -22.23 -7.95 -32.39
C LEU D 303 -23.31 -8.91 -31.88
N ALA D 304 -24.57 -8.57 -32.13
CA ALA D 304 -25.65 -9.45 -31.68
C ALA D 304 -25.60 -10.81 -32.34
N MET D 305 -25.21 -10.85 -33.61
CA MET D 305 -25.09 -12.13 -34.33
C MET D 305 -23.90 -12.94 -33.85
N LEU D 306 -22.82 -12.27 -33.47
CA LEU D 306 -21.62 -12.99 -33.04
C LEU D 306 -21.67 -13.42 -31.58
N MET D 307 -22.58 -12.83 -30.82
CA MET D 307 -22.77 -13.21 -29.43
C MET D 307 -24.23 -13.57 -29.18
N PRO D 308 -24.70 -14.67 -29.80
CA PRO D 308 -26.13 -14.98 -29.84
C PRO D 308 -26.71 -15.39 -28.48
N GLU D 309 -25.83 -15.71 -27.52
CA GLU D 309 -26.25 -16.08 -26.17
C GLU D 309 -26.33 -14.88 -25.24
N ALA D 310 -25.91 -13.73 -25.75
CA ALA D 310 -25.92 -12.52 -24.95
C ALA D 310 -26.90 -11.52 -25.53
N ARG D 311 -27.51 -10.72 -24.71
CA ARG D 311 -28.29 -9.60 -25.17
C ARG D 311 -27.38 -8.41 -25.37
N VAL D 312 -27.27 -7.92 -26.60
CA VAL D 312 -26.38 -6.79 -26.90
C VAL D 312 -27.23 -5.55 -27.11
N ALA D 313 -27.04 -4.54 -26.26
CA ALA D 313 -27.87 -3.34 -26.31
C ALA D 313 -27.09 -2.12 -25.91
N SER D 314 -27.54 -0.97 -26.40
CA SER D 314 -26.98 0.31 -25.97
C SER D 314 -27.21 0.56 -24.49
N THR D 315 -26.29 1.25 -23.82
CA THR D 315 -26.54 1.61 -22.43
C THR D 315 -27.76 2.51 -22.28
N ASP D 316 -28.25 3.10 -23.38
CA ASP D 316 -29.47 3.88 -23.33
C ASP D 316 -30.62 3.01 -22.81
N GLU D 317 -30.58 1.72 -23.13
CA GLU D 317 -31.60 0.76 -22.68
C GLU D 317 -31.44 0.41 -21.22
N TYR D 318 -30.40 0.94 -20.59
CA TYR D 318 -30.12 0.73 -19.17
C TYR D 318 -30.14 2.06 -18.45
N GLY D 319 -30.60 3.10 -19.15
CA GLY D 319 -30.73 4.43 -18.60
C GLY D 319 -29.53 5.37 -18.62
N ILE D 320 -28.48 4.99 -19.34
CA ILE D 320 -27.25 5.78 -19.46
C ILE D 320 -26.87 6.12 -20.89
N PRO D 321 -26.98 7.39 -21.29
CA PRO D 321 -26.67 7.75 -22.69
C PRO D 321 -25.23 7.40 -23.07
N PRO D 322 -25.06 6.66 -24.19
CA PRO D 322 -23.74 6.10 -24.51
C PRO D 322 -22.63 7.13 -24.77
N ALA D 323 -22.99 8.32 -25.25
CA ALA D 323 -21.98 9.32 -25.59
C ALA D 323 -21.41 10.06 -24.37
N TRP D 324 -22.03 9.90 -23.21
CA TRP D 324 -21.69 10.74 -22.06
C TRP D 324 -21.21 9.99 -20.81
N MET D 325 -20.84 8.72 -20.99
CA MET D 325 -20.38 7.87 -19.89
C MET D 325 -19.22 8.49 -19.09
N GLU D 326 -18.20 9.03 -19.76
CA GLU D 326 -17.06 9.60 -19.04
C GLU D 326 -17.39 10.81 -18.22
N GLY D 327 -18.11 11.74 -18.82
CA GLY D 327 -18.49 12.94 -18.11
C GLY D 327 -19.30 12.56 -16.90
N MET D 328 -20.23 11.63 -17.10
CA MET D 328 -21.06 11.20 -15.99
C MET D 328 -20.24 10.55 -14.89
N ALA D 329 -19.17 9.83 -15.26
CA ALA D 329 -18.32 9.17 -14.27
C ALA D 329 -17.73 10.20 -13.32
N PHE D 330 -17.34 11.35 -13.88
CA PHE D 330 -16.74 12.36 -13.03
C PHE D 330 -17.73 13.11 -12.13
N ALA D 331 -18.95 13.32 -12.61
CA ALA D 331 -20.03 13.83 -11.77
C ALA D 331 -20.30 12.82 -10.67
N TRP D 332 -20.34 11.54 -11.04
CA TRP D 332 -20.53 10.48 -10.05
C TRP D 332 -19.42 10.48 -9.01
N LEU D 333 -18.18 10.70 -9.44
CA LEU D 333 -17.05 10.73 -8.52
C LEU D 333 -17.17 11.86 -7.49
N ALA D 334 -17.75 12.99 -7.88
CA ALA D 334 -18.00 14.06 -6.92
C ALA D 334 -18.98 13.60 -5.83
N HIS D 335 -20.04 12.94 -6.25
CA HIS D 335 -21.00 12.34 -5.34
C HIS D 335 -20.33 11.35 -4.40
N ARG D 336 -19.49 10.48 -4.95
CA ARG D 336 -18.86 9.46 -4.11
C ARG D 336 -18.01 10.09 -3.02
N PHE D 337 -17.25 11.11 -3.39
CA PHE D 337 -16.45 11.84 -2.41
C PHE D 337 -17.33 12.38 -1.29
N LEU D 338 -18.39 13.10 -1.66
CA LEU D 338 -19.22 13.76 -0.67
C LEU D 338 -19.97 12.77 0.20
N GLU D 339 -20.24 11.57 -0.32
CA GLU D 339 -20.93 10.54 0.47
C GLU D 339 -19.94 9.67 1.26
N ARG D 340 -18.65 9.98 1.15
CA ARG D 340 -17.58 9.20 1.78
C ARG D 340 -17.65 7.73 1.39
N LEU D 341 -17.87 7.50 0.10
CA LEU D 341 -17.87 6.16 -0.46
C LEU D 341 -16.62 6.02 -1.31
N PRO D 342 -16.11 4.81 -1.45
CA PRO D 342 -14.92 4.64 -2.29
C PRO D 342 -15.19 4.95 -3.77
N GLY D 343 -14.18 5.46 -4.46
CA GLY D 343 -14.35 5.92 -5.81
C GLY D 343 -13.53 5.16 -6.83
N ASN D 344 -12.59 4.34 -6.35
CA ASN D 344 -11.77 3.55 -7.27
C ASN D 344 -12.22 2.10 -7.40
N CYS D 345 -11.58 1.42 -8.33
CA CYS D 345 -11.76 -0.02 -8.53
C CYS D 345 -10.38 -0.68 -8.45
N PRO D 346 -9.97 -1.05 -7.22
CA PRO D 346 -8.60 -1.56 -7.07
C PRO D 346 -8.36 -2.82 -7.90
N ASP D 347 -9.39 -3.57 -8.24
CA ASP D 347 -9.22 -4.73 -9.12
C ASP D 347 -8.53 -4.36 -10.43
N VAL D 348 -8.81 -3.16 -10.93
CA VAL D 348 -8.22 -2.71 -12.19
C VAL D 348 -7.07 -1.70 -12.04
N THR D 349 -7.08 -0.92 -10.95
CA THR D 349 -6.01 0.07 -10.76
C THR D 349 -4.80 -0.48 -10.07
N GLY D 350 -4.98 -1.55 -9.30
CA GLY D 350 -3.84 -2.15 -8.60
C GLY D 350 -3.61 -1.50 -7.25
N ALA D 351 -4.48 -0.59 -6.86
CA ALA D 351 -4.36 0.05 -5.54
C ALA D 351 -4.49 -0.96 -4.40
N LEU D 352 -3.95 -0.61 -3.24
CA LEU D 352 -3.96 -1.49 -2.07
C LEU D 352 -5.37 -1.86 -1.62
N GLY D 353 -6.32 -0.98 -1.90
CA GLY D 353 -7.69 -1.21 -1.51
C GLY D 353 -8.57 -0.06 -1.96
N PRO D 354 -9.86 -0.14 -1.64
CA PRO D 354 -10.78 0.97 -1.96
C PRO D 354 -10.38 2.25 -1.24
N ARG D 355 -10.55 3.37 -1.93
CA ARG D 355 -10.17 4.67 -1.38
C ARG D 355 -11.17 5.72 -1.79
N THR D 356 -11.36 6.71 -0.93
CA THR D 356 -12.09 7.90 -1.33
C THR D 356 -11.20 8.68 -2.30
N LEU D 357 -11.73 9.00 -3.48
CA LEU D 357 -10.94 9.71 -4.50
C LEU D 357 -11.31 11.17 -4.57
N GLY D 358 -10.30 12.01 -4.75
CA GLY D 358 -10.53 13.43 -4.96
C GLY D 358 -10.26 14.31 -3.74
N ALA D 359 -10.45 15.61 -3.97
CA ALA D 359 -10.26 16.62 -2.96
C ALA D 359 -11.32 17.68 -3.15
N LEU D 360 -11.81 18.21 -2.02
CA LEU D 360 -12.89 19.21 -2.04
C LEU D 360 -12.38 20.64 -1.90
N TYR D 361 -12.75 21.45 -2.89
CA TYR D 361 -12.50 22.89 -2.92
C TYR D 361 -13.84 23.58 -2.88
N PRO D 362 -14.27 23.99 -1.68
CA PRO D 362 -15.63 24.53 -1.56
C PRO D 362 -15.76 25.92 -2.19
N ALA D 363 -16.92 26.20 -2.75
CA ALA D 363 -17.19 27.55 -3.25
C ALA D 363 -17.30 28.54 -2.08
N GLY D 364 -18.01 28.14 -1.03
CA GLY D 364 -18.19 29.00 0.13
C GLY D 364 -19.10 30.16 -0.20
PB ACP E . -9.23 -40.41 -7.93
O1B ACP E . -9.53 -38.95 -8.06
O2B ACP E . -10.36 -41.24 -7.26
C3B ACP E . -7.68 -40.76 -7.06
PA ACP E . -9.93 -40.92 -10.73
O1A ACP E . -9.51 -39.93 -11.75
O2A ACP E . -11.37 -40.58 -10.31
O3A ACP E . -9.05 -40.98 -9.41
O5' ACP E . -9.89 -42.43 -11.28
C5' ACP E . -10.56 -43.48 -10.57
C4' ACP E . -11.65 -43.98 -11.48
O4' ACP E . -11.08 -44.21 -12.79
C3' ACP E . -12.27 -45.31 -11.10
O3' ACP E . -13.28 -45.16 -10.10
C2' ACP E . -12.84 -45.78 -12.45
O2' ACP E . -14.13 -45.22 -12.71
C1' ACP E . -11.81 -45.23 -13.44
N9 ACP E . -10.89 -46.25 -13.94
C8 ACP E . -9.59 -46.48 -13.52
N7 ACP E . -9.02 -47.49 -14.11
C5 ACP E . -10.00 -47.97 -14.99
C6 ACP E . -10.01 -49.03 -15.90
N6 ACP E . -8.98 -49.85 -16.13
N1 ACP E . -11.14 -49.22 -16.63
C2 ACP E . -12.17 -48.39 -16.44
N3 ACP E . -12.27 -47.35 -15.60
C4 ACP E . -11.13 -47.20 -14.89
PG ACP F . 10.28 -5.72 24.74
O1G ACP F . 11.70 -6.05 24.45
O2G ACP F . 10.08 -5.09 26.14
O3G ACP F . 9.33 -6.94 24.60
PB ACP F . 11.06 -3.70 22.75
O1B ACP F . 12.06 -4.64 22.13
O2B ACP F . 10.53 -2.61 21.77
C3B ACP F . 9.71 -4.53 23.55
PA ACP F . 12.93 -1.86 23.81
O1A ACP F . 14.33 -2.32 23.62
O2A ACP F . 12.49 -1.04 22.60
O3A ACP F . 11.84 -2.96 23.90
O5' ACP F . 12.77 -0.98 25.14
C5' ACP F . 11.81 0.10 25.20
C4' ACP F . 12.04 0.76 26.53
O4' ACP F . 13.31 1.45 26.50
C3' ACP F . 11.05 1.83 26.94
O3' ACP F . 9.89 1.23 27.52
C2' ACP F . 11.84 2.63 27.97
O2' ACP F . 11.74 2.05 29.27
C1' ACP F . 13.29 2.48 27.47
N9 ACP F . 13.83 3.70 26.88
C8 ACP F . 13.85 4.07 25.56
N7 ACP F . 14.38 5.26 25.34
C5 ACP F . 14.73 5.69 26.61
C6 ACP F . 15.34 6.88 27.08
N6 ACP F . 15.69 7.89 26.28
N1 ACP F . 15.56 6.99 28.41
C2 ACP F . 15.21 5.99 29.20
N3 ACP F . 14.62 4.82 28.89
C4 ACP F . 14.42 4.74 27.57
PG ACP G . 13.23 30.69 10.80
O1G ACP G . 14.22 29.58 10.82
O2G ACP G . 11.76 30.21 10.91
O3G ACP G . 13.36 31.60 9.56
PB ACP G . 13.00 30.90 13.76
O1B ACP G . 14.12 30.24 14.50
O2B ACP G . 11.87 29.91 13.31
C3B ACP G . 13.53 31.70 12.26
PA ACP G . 12.67 33.28 15.46
O1A ACP G . 13.55 34.23 14.73
O2A ACP G . 11.28 33.92 15.66
O3A ACP G . 12.26 31.93 14.73
O5' ACP G . 13.31 32.83 16.90
C5' ACP G . 14.68 32.40 17.13
C4' ACP G . 15.37 33.57 17.77
O4' ACP G . 14.66 33.96 18.96
C3' ACP G . 16.79 33.35 18.26
O3' ACP G . 17.74 33.48 17.20
C2' ACP G . 16.96 34.50 19.26
O2' ACP G . 17.31 35.73 18.64
C1' ACP G . 15.55 34.59 19.86
N9 ACP G . 15.45 33.95 21.18
C8 ACP G . 14.93 32.74 21.49
N7 ACP G . 15.04 32.41 22.76
C5 ACP G . 15.66 33.52 23.31
C6 ACP G . 16.06 33.82 24.64
N6 ACP G . 15.88 33.00 25.68
N1 ACP G . 16.65 35.02 24.86
C2 ACP G . 16.84 35.86 23.82
N3 ACP G . 16.51 35.67 22.54
C4 ACP G . 15.92 34.49 22.36
PG ACP H . -11.99 10.81 -27.87
O1G ACP H . -11.01 10.09 -27.01
O2G ACP H . -11.48 11.09 -29.30
O3G ACP H . -12.45 12.16 -27.27
PB ACP H . -14.92 10.62 -28.70
O1B ACP H . -15.35 11.57 -27.60
O2B ACP H . -14.59 11.32 -30.06
C3B ACP H . -13.48 9.81 -28.05
PA ACP H . -16.55 8.32 -29.66
O1A ACP H . -15.48 7.66 -30.46
O2A ACP H . -16.99 7.35 -28.56
O3A ACP H . -16.18 9.66 -28.90
O5' ACP H . -17.79 8.81 -30.64
C5' ACP H . -17.62 9.51 -31.89
C4' ACP H . -17.66 8.43 -32.94
O4' ACP H . -18.87 7.66 -32.75
C3' ACP H . -17.74 8.89 -34.39
O3' ACP H . -16.45 9.23 -34.89
C2' ACP H . -18.32 7.65 -35.07
O2' ACP H . -17.29 6.71 -35.36
C1' ACP H . -19.26 7.10 -33.99
N9 ACP H . -20.66 7.41 -34.24
C8 ACP H . -21.42 8.39 -33.67
N7 ACP H . -22.65 8.45 -34.15
C5 ACP H . -22.68 7.44 -35.10
C6 ACP H . -23.69 6.97 -35.96
N6 ACP H . -24.92 7.50 -36.02
N1 ACP H . -23.39 5.95 -36.79
C2 ACP H . -22.16 5.42 -36.75
N3 ACP H . -21.13 5.78 -35.99
C4 ACP H . -21.46 6.80 -35.18
#